data_8QA3
#
_entry.id   8QA3
#
_cell.length_a   1.00
_cell.length_b   1.00
_cell.length_c   1.00
_cell.angle_alpha   90.00
_cell.angle_beta   90.00
_cell.angle_gamma   90.00
#
_symmetry.space_group_name_H-M   'P 1'
#
loop_
_entity.id
_entity.type
_entity.pdbx_description
1 polymer 'Gap junction beta-2 protein'
2 non-polymer PHOSPHATIDYLETHANOLAMINE
3 water water
#
_entity_poly.entity_id   1
_entity_poly.type   'polypeptide(L)'
_entity_poly.pdbx_seq_one_letter_code
;MDWGTLQTILGGVNKHSTSIGKIWLTVLFIFRIMILVVAAKEVWGDEQADFVCNTLQPGCKNVCYDHYFPISHIRLWALQ
LIFVSTPALLVAMHVAYRRHEKKRKFIKGEIKSEFKDIEEIKTQKVRIEGSLWWTYTSSIFFRVIFEAAFMYVFYVMYDG
FSMQRLVKCNAWPCPNTVDCFVSRPTEKTVFTVFMIAVSGICILLNVTELCYLLIRYCSGKSKKPVLVPR
;
_entity_poly.pdbx_strand_id   A,B,C,D,E,F,G,H,I,J,K,L
#
loop_
_chem_comp.id
_chem_comp.type
_chem_comp.name
_chem_comp.formula
PTY non-polymer PHOSPHATIDYLETHANOLAMINE 'C40 H80 N O8 P'
#
# COMPACT_ATOMS: atom_id res chain seq x y z
N THR A 18 32.35 44.40 33.62
CA THR A 18 32.42 43.66 34.87
C THR A 18 32.72 42.19 34.62
N SER A 19 32.93 41.42 35.70
CA SER A 19 33.15 39.99 35.56
C SER A 19 31.91 39.30 35.00
N ILE A 20 30.73 39.69 35.48
CA ILE A 20 29.50 39.11 34.97
C ILE A 20 29.12 39.76 33.64
N GLY A 21 29.61 40.96 33.39
CA GLY A 21 29.27 41.69 32.17
C GLY A 21 29.80 41.07 30.90
N LYS A 22 30.98 40.46 30.94
CA LYS A 22 31.56 39.88 29.74
C LYS A 22 31.67 38.37 29.84
N ILE A 23 32.33 37.89 30.90
CA ILE A 23 32.65 36.46 31.00
C ILE A 23 31.38 35.63 31.11
N TRP A 24 30.48 36.00 32.02
CA TRP A 24 29.31 35.17 32.25
C TRP A 24 28.26 35.37 31.16
N LEU A 25 28.12 36.60 30.66
CA LEU A 25 27.11 36.87 29.65
C LEU A 25 27.48 36.25 28.31
N THR A 26 28.76 36.33 27.93
CA THR A 26 29.18 35.78 26.64
C THR A 26 29.24 34.26 26.68
N VAL A 27 29.66 33.68 27.81
CA VAL A 27 29.70 32.23 27.93
C VAL A 27 28.28 31.66 27.83
N LEU A 28 27.33 32.27 28.53
CA LEU A 28 25.95 31.80 28.45
C LEU A 28 25.37 32.00 27.06
N PHE A 29 25.83 33.02 26.34
CA PHE A 29 25.40 33.21 24.95
C PHE A 29 25.98 32.14 24.04
N ILE A 30 27.26 31.80 24.23
CA ILE A 30 27.86 30.73 23.45
C ILE A 30 27.22 29.39 23.80
N PHE A 31 26.87 29.21 25.07
CA PHE A 31 26.20 27.98 25.49
C PHE A 31 24.86 27.82 24.79
N ARG A 32 24.08 28.90 24.69
CA ARG A 32 22.78 28.81 24.03
C ARG A 32 22.93 28.52 22.54
N ILE A 33 23.93 29.11 21.89
CA ILE A 33 24.21 28.77 20.50
C ILE A 33 24.67 27.33 20.38
N MET A 34 25.54 26.89 21.29
CA MET A 34 26.07 25.54 21.25
C MET A 34 24.96 24.51 21.32
N ILE A 35 24.00 24.70 22.22
CA ILE A 35 22.89 23.77 22.37
C ILE A 35 22.03 23.76 21.10
N LEU A 36 21.80 24.93 20.53
CA LEU A 36 20.89 25.06 19.40
C LEU A 36 21.39 24.30 18.18
N VAL A 37 22.70 24.37 17.90
CA VAL A 37 23.22 23.82 16.65
C VAL A 37 23.55 22.33 16.80
N VAL A 38 24.47 21.98 17.69
CA VAL A 38 25.05 20.65 17.68
C VAL A 38 24.17 19.67 18.44
N ALA A 39 23.17 20.15 19.15
CA ALA A 39 22.28 19.24 19.86
C ALA A 39 20.82 19.38 19.46
N ALA A 40 20.29 20.61 19.48
CA ALA A 40 18.84 20.79 19.42
C ALA A 40 18.31 20.64 18.00
N LYS A 41 19.10 21.00 17.00
CA LYS A 41 18.55 21.10 15.63
C LYS A 41 18.07 19.74 15.14
N GLU A 42 18.80 18.67 15.45
CA GLU A 42 18.43 17.34 15.00
C GLU A 42 17.23 16.77 15.76
N VAL A 43 16.96 17.28 16.96
CA VAL A 43 15.79 16.82 17.71
C VAL A 43 14.51 17.25 17.01
N TRP A 44 14.50 18.42 16.38
CA TRP A 44 13.33 18.96 15.70
C TRP A 44 13.31 18.65 14.22
N GLY A 45 14.27 17.87 13.72
CA GLY A 45 14.37 17.65 12.28
C GLY A 45 13.20 16.85 11.72
N ASP A 46 12.53 16.09 12.57
CA ASP A 46 11.44 15.20 12.16
C ASP A 46 10.10 15.61 12.77
N GLU A 47 9.91 16.91 13.02
CA GLU A 47 8.74 17.36 13.76
C GLU A 47 7.44 17.04 13.03
N GLN A 48 7.40 17.29 11.72
CA GLN A 48 6.18 17.04 10.96
C GLN A 48 6.18 15.68 10.28
N ALA A 49 7.36 15.11 10.03
CA ALA A 49 7.42 13.81 9.38
C ALA A 49 6.77 12.72 10.23
N ASP A 50 7.02 12.75 11.55
CA ASP A 50 6.41 11.79 12.46
C ASP A 50 5.35 12.40 13.36
N PHE A 51 4.74 13.50 12.94
CA PHE A 51 3.48 13.94 13.52
C PHE A 51 2.38 13.00 13.02
N VAL A 52 1.77 12.24 13.91
CA VAL A 52 0.85 11.17 13.56
C VAL A 52 -0.53 11.52 14.09
N CYS A 53 -1.54 11.48 13.22
CA CYS A 53 -2.91 11.77 13.58
C CYS A 53 -3.78 10.56 13.27
N ASN A 54 -4.62 10.18 14.22
CA ASN A 54 -5.53 9.04 14.07
C ASN A 54 -6.73 9.50 13.27
N THR A 55 -6.60 9.45 11.95
CA THR A 55 -7.65 9.92 11.06
C THR A 55 -7.43 9.36 9.67
N LEU A 56 -8.46 9.46 8.84
CA LEU A 56 -8.38 9.17 7.42
C LEU A 56 -8.68 10.39 6.56
N GLN A 57 -8.76 11.57 7.16
CA GLN A 57 -9.16 12.77 6.44
C GLN A 57 -7.96 13.42 5.77
N PRO A 58 -7.95 13.56 4.45
CA PRO A 58 -6.82 14.25 3.79
C PRO A 58 -6.74 15.70 4.24
N GLY A 59 -5.52 16.17 4.47
CA GLY A 59 -5.28 17.52 4.90
C GLY A 59 -5.47 17.76 6.37
N CYS A 60 -5.99 16.79 7.12
CA CYS A 60 -6.21 16.98 8.55
C CYS A 60 -4.89 17.11 9.30
N LYS A 61 -3.90 16.30 8.94
CA LYS A 61 -2.61 16.36 9.62
C LYS A 61 -1.90 17.68 9.36
N ASN A 62 -2.05 18.23 8.15
CA ASN A 62 -1.39 19.49 7.83
C ASN A 62 -1.90 20.63 8.70
N VAL A 63 -3.22 20.74 8.88
CA VAL A 63 -3.76 21.87 9.61
C VAL A 63 -3.61 21.69 11.12
N CYS A 64 -3.60 20.44 11.61
CA CYS A 64 -3.44 20.23 13.03
C CYS A 64 -2.03 20.53 13.49
N TYR A 65 -1.03 20.12 12.70
CA TYR A 65 0.34 20.47 13.04
C TYR A 65 0.54 21.98 13.00
N ASP A 66 -0.01 22.64 11.98
CA ASP A 66 0.14 24.08 11.85
C ASP A 66 -0.55 24.81 12.99
N HIS A 67 -1.69 24.28 13.47
CA HIS A 67 -2.40 24.92 14.57
C HIS A 67 -1.60 24.88 15.86
N TYR A 68 -1.00 23.73 16.17
CA TYR A 68 -0.32 23.55 17.44
C TYR A 68 1.14 23.98 17.44
N PHE A 69 1.75 24.11 16.26
CA PHE A 69 3.13 24.58 16.14
C PHE A 69 3.18 25.68 15.09
N PRO A 70 2.64 26.86 15.40
CA PRO A 70 2.68 27.96 14.44
C PRO A 70 4.09 28.37 14.04
N ILE A 71 5.05 28.24 14.94
CA ILE A 71 6.46 28.39 14.60
C ILE A 71 7.24 27.41 15.47
N SER A 72 8.24 26.77 14.88
CA SER A 72 9.00 25.75 15.59
C SER A 72 9.78 26.37 16.74
N HIS A 73 10.06 25.55 17.76
CA HIS A 73 10.80 26.03 18.92
C HIS A 73 12.20 26.50 18.53
N ILE A 74 12.87 25.74 17.66
CA ILE A 74 14.23 26.10 17.28
C ILE A 74 14.24 27.36 16.42
N ARG A 75 13.23 27.52 15.57
CA ARG A 75 13.12 28.76 14.79
C ARG A 75 12.84 29.95 15.68
N LEU A 76 12.06 29.75 16.74
CA LEU A 76 11.83 30.81 17.71
C LEU A 76 13.11 31.14 18.47
N TRP A 77 13.89 30.12 18.83
CA TRP A 77 15.15 30.37 19.52
C TRP A 77 16.15 31.07 18.62
N ALA A 78 16.15 30.75 17.33
CA ALA A 78 17.05 31.42 16.40
C ALA A 78 16.74 32.91 16.29
N LEU A 79 15.46 33.27 16.27
CA LEU A 79 15.08 34.68 16.27
C LEU A 79 15.49 35.35 17.57
N GLN A 80 15.37 34.66 18.69
CA GLN A 80 15.79 35.22 19.97
C GLN A 80 17.27 35.56 19.98
N LEU A 81 18.12 34.62 19.57
CA LEU A 81 19.55 34.85 19.60
C LEU A 81 19.96 35.97 18.66
N ILE A 82 19.26 36.11 17.53
CA ILE A 82 19.56 37.20 16.60
C ILE A 82 19.21 38.54 17.23
N PHE A 83 18.02 38.64 17.82
CA PHE A 83 17.58 39.92 18.38
C PHE A 83 18.40 40.31 19.60
N VAL A 84 18.79 39.34 20.41
CA VAL A 84 19.59 39.64 21.60
C VAL A 84 20.98 40.12 21.22
N SER A 85 21.49 39.66 20.07
CA SER A 85 22.83 40.05 19.65
C SER A 85 22.91 41.50 19.19
N THR A 86 21.86 42.00 18.54
CA THR A 86 21.96 43.31 17.89
C THR A 86 22.28 44.47 18.83
N PRO A 87 21.69 44.59 20.03
CA PRO A 87 22.02 45.77 20.85
C PRO A 87 23.50 45.89 21.15
N ALA A 88 24.19 44.77 21.39
CA ALA A 88 25.63 44.82 21.57
C ALA A 88 26.34 45.22 20.29
N LEU A 89 25.92 44.67 19.15
CA LEU A 89 26.55 45.00 17.88
C LEU A 89 26.30 46.45 17.49
N LEU A 90 25.09 46.96 17.73
CA LEU A 90 24.81 48.36 17.45
C LEU A 90 25.63 49.28 18.33
N VAL A 91 25.93 48.85 19.56
CA VAL A 91 26.81 49.63 20.42
C VAL A 91 28.21 49.72 19.82
N ALA A 92 28.72 48.59 19.33
CA ALA A 92 30.06 48.58 18.76
C ALA A 92 30.17 49.49 17.54
N MET A 93 29.15 49.44 16.66
CA MET A 93 29.18 50.29 15.48
C MET A 93 29.15 51.77 15.85
N HIS A 94 28.31 52.13 16.82
CA HIS A 94 28.26 53.52 17.27
C HIS A 94 29.58 53.90 17.94
N VAL A 95 30.14 52.98 18.74
CA VAL A 95 31.39 53.28 19.44
C VAL A 95 32.54 53.42 18.45
N ALA A 96 32.66 52.46 17.53
CA ALA A 96 33.77 52.49 16.58
C ALA A 96 33.68 53.69 15.65
N TYR A 97 32.46 54.02 15.20
CA TYR A 97 32.30 55.13 14.27
C TYR A 97 32.72 56.45 14.91
N ARG A 98 32.34 56.66 16.18
CA ARG A 98 32.69 57.91 16.85
C ARG A 98 34.20 58.04 17.01
N ARG A 99 34.87 56.94 17.35
CA ARG A 99 36.32 56.99 17.52
C ARG A 99 37.03 57.24 16.20
N HIS A 100 36.60 56.55 15.13
CA HIS A 100 37.26 56.71 13.84
C HIS A 100 36.99 58.10 13.26
N GLU A 101 35.75 58.58 13.36
CA GLU A 101 35.42 59.89 12.81
C GLU A 101 36.22 60.99 13.51
N LYS A 102 36.33 60.91 14.84
CA LYS A 102 37.16 61.86 15.57
C LYS A 102 38.62 61.72 15.17
N LYS A 103 39.09 60.49 15.00
CA LYS A 103 40.48 60.26 14.59
C LYS A 103 40.74 60.84 13.20
N ARG A 104 39.82 60.61 12.26
CA ARG A 104 40.01 61.12 10.91
C ARG A 104 39.93 62.64 10.88
N LYS A 105 39.04 63.24 11.68
CA LYS A 105 38.98 64.69 11.77
C LYS A 105 40.29 65.26 12.31
N PHE A 106 40.91 64.56 13.26
CA PHE A 106 42.22 64.99 13.76
C PHE A 106 43.27 64.97 12.66
N ILE A 107 43.18 63.97 11.77
CA ILE A 107 44.11 63.87 10.65
C ILE A 107 43.96 65.06 9.71
N GLU A 129 32.41 57.39 29.25
CA GLU A 129 32.19 58.77 28.85
C GLU A 129 30.79 59.24 29.23
N GLY A 130 30.28 60.24 28.52
CA GLY A 130 28.95 60.74 28.79
C GLY A 130 27.92 60.31 27.77
N SER A 131 28.30 60.35 26.48
CA SER A 131 27.38 59.92 25.43
C SER A 131 27.26 58.41 25.38
N LEU A 132 28.39 57.70 25.55
CA LEU A 132 28.37 56.25 25.53
C LEU A 132 27.55 55.68 26.67
N TRP A 133 27.53 56.37 27.81
CA TRP A 133 26.84 55.85 28.98
C TRP A 133 25.35 55.71 28.73
N TRP A 134 24.73 56.73 28.12
CA TRP A 134 23.32 56.63 27.75
C TRP A 134 23.08 55.59 26.66
N THR A 135 24.11 55.21 25.91
CA THR A 135 23.95 54.17 24.90
C THR A 135 24.10 52.79 25.52
N TYR A 136 25.12 52.59 26.37
CA TYR A 136 25.37 51.28 26.96
C TYR A 136 24.21 50.84 27.83
N THR A 137 23.68 51.74 28.67
CA THR A 137 22.55 51.38 29.52
C THR A 137 21.30 51.12 28.71
N SER A 138 21.14 51.80 27.58
CA SER A 138 19.99 51.54 26.71
C SER A 138 20.06 50.14 26.13
N SER A 139 21.24 49.71 25.68
CA SER A 139 21.38 48.40 25.08
C SER A 139 21.11 47.29 26.08
N ILE A 140 21.57 47.46 27.32
CA ILE A 140 21.27 46.48 28.37
C ILE A 140 19.77 46.43 28.61
N PHE A 141 19.12 47.60 28.62
CA PHE A 141 17.68 47.65 28.80
C PHE A 141 16.95 46.94 27.65
N PHE A 142 17.43 47.13 26.42
CA PHE A 142 16.82 46.46 25.27
C PHE A 142 16.96 44.94 25.38
N ARG A 143 18.13 44.48 25.81
CA ARG A 143 18.36 43.03 25.92
C ARG A 143 17.42 42.40 26.93
N VAL A 144 17.17 43.08 28.04
CA VAL A 144 16.20 42.59 29.02
C VAL A 144 14.81 42.53 28.40
N ILE A 145 14.44 43.57 27.65
CA ILE A 145 13.12 43.62 27.03
C ILE A 145 12.96 42.49 26.02
N PHE A 146 13.97 42.30 25.16
CA PHE A 146 13.90 41.24 24.16
C PHE A 146 13.86 39.86 24.81
N GLU A 147 14.68 39.64 25.83
CA GLU A 147 14.71 38.33 26.47
C GLU A 147 13.40 38.00 27.15
N ALA A 148 12.77 39.00 27.79
CA ALA A 148 11.50 38.76 28.45
C ALA A 148 10.36 38.64 27.44
N ALA A 149 10.42 39.42 26.36
CA ALA A 149 9.36 39.36 25.36
C ALA A 149 9.32 37.98 24.69
N PHE A 150 10.48 37.45 24.32
CA PHE A 150 10.53 36.12 23.72
C PHE A 150 10.19 35.04 24.73
N MET A 151 10.62 35.22 25.98
CA MET A 151 10.28 34.27 27.03
C MET A 151 8.77 34.23 27.26
N TYR A 152 8.12 35.40 27.18
CA TYR A 152 6.67 35.45 27.32
C TYR A 152 5.96 34.83 26.13
N VAL A 153 6.49 35.04 24.93
CA VAL A 153 5.89 34.44 23.74
C VAL A 153 5.94 32.92 23.82
N PHE A 154 7.04 32.37 24.35
CA PHE A 154 7.14 30.93 24.52
C PHE A 154 6.05 30.40 25.43
N TYR A 155 5.77 31.11 26.53
CA TYR A 155 4.78 30.65 27.50
C TYR A 155 3.37 30.69 26.91
N VAL A 156 3.02 31.82 26.27
CA VAL A 156 1.65 31.98 25.78
C VAL A 156 1.39 31.07 24.58
N MET A 157 2.35 30.98 23.66
CA MET A 157 2.13 30.21 22.43
C MET A 157 1.94 28.73 22.72
N TYR A 158 2.73 28.18 23.65
CA TYR A 158 2.71 26.75 23.93
C TYR A 158 2.16 26.44 25.31
N ASP A 159 1.36 27.36 25.89
CA ASP A 159 0.67 27.23 27.16
C ASP A 159 1.46 26.44 28.21
N GLY A 160 2.74 26.78 28.36
CA GLY A 160 3.61 26.10 29.29
C GLY A 160 4.94 25.74 28.66
N PHE A 161 5.83 25.12 29.43
CA PHE A 161 7.14 24.73 28.94
C PHE A 161 7.28 23.22 28.75
N SER A 162 6.25 22.45 29.08
CA SER A 162 6.27 21.00 28.91
C SER A 162 5.49 20.63 27.66
N MET A 163 6.09 19.81 26.81
CA MET A 163 5.45 19.38 25.57
C MET A 163 4.60 18.13 25.84
N GLN A 164 3.38 18.13 25.32
CA GLN A 164 2.46 17.03 25.54
C GLN A 164 2.64 15.94 24.49
N ARG A 165 2.33 14.71 24.89
CA ARG A 165 2.36 13.59 23.94
C ARG A 165 1.18 13.67 22.96
N LEU A 166 0.02 14.08 23.45
CA LEU A 166 -1.21 14.05 22.68
C LEU A 166 -1.78 15.45 22.55
N VAL A 167 -2.20 15.80 21.34
CA VAL A 167 -2.88 17.06 21.05
C VAL A 167 -4.23 16.73 20.44
N LYS A 168 -5.28 17.39 20.93
CA LYS A 168 -6.63 17.21 20.42
C LYS A 168 -6.96 18.36 19.49
N CYS A 169 -7.38 18.04 18.27
CA CYS A 169 -7.49 19.00 17.19
C CYS A 169 -8.87 18.89 16.57
N ASN A 170 -9.52 20.05 16.36
CA ASN A 170 -10.86 20.08 15.77
C ASN A 170 -10.97 21.11 14.66
N ALA A 171 -9.85 21.55 14.09
CA ALA A 171 -9.89 22.51 13.00
C ALA A 171 -10.34 21.85 11.71
N TRP A 172 -10.99 22.63 10.85
CA TRP A 172 -11.37 22.14 9.55
C TRP A 172 -10.12 21.76 8.75
N PRO A 173 -10.14 20.67 7.98
CA PRO A 173 -11.26 19.76 7.68
C PRO A 173 -11.36 18.54 8.59
N CYS A 174 -10.72 18.54 9.75
CA CYS A 174 -10.76 17.37 10.61
C CYS A 174 -12.17 17.18 11.17
N PRO A 175 -12.74 15.98 11.05
CA PRO A 175 -14.10 15.76 11.56
C PRO A 175 -14.10 15.56 13.07
N ASN A 176 -14.97 16.31 13.76
CA ASN A 176 -15.10 16.27 15.22
C ASN A 176 -13.73 16.61 15.81
N THR A 177 -13.23 15.86 16.78
CA THR A 177 -11.90 16.07 17.35
C THR A 177 -11.02 14.88 16.98
N VAL A 178 -9.80 15.17 16.55
CA VAL A 178 -8.86 14.16 16.09
C VAL A 178 -7.69 14.10 17.06
N ASP A 179 -7.30 12.88 17.42
CA ASP A 179 -6.12 12.67 18.26
C ASP A 179 -4.86 12.69 17.40
N CYS A 180 -3.88 13.47 17.82
CA CYS A 180 -2.60 13.56 17.12
C CYS A 180 -1.47 13.42 18.12
N PHE A 181 -0.36 12.85 17.67
CA PHE A 181 0.75 12.48 18.55
C PHE A 181 2.02 13.18 18.11
N VAL A 182 2.70 13.79 19.07
CA VAL A 182 3.90 14.59 18.85
C VAL A 182 5.11 13.66 18.82
N SER A 183 6.14 14.07 18.07
CA SER A 183 7.39 13.34 17.98
C SER A 183 8.36 13.84 19.04
N ARG A 184 8.96 12.89 19.78
CA ARG A 184 9.96 13.18 20.80
C ARG A 184 9.58 14.29 21.78
N PRO A 185 8.43 14.19 22.45
CA PRO A 185 8.03 15.27 23.37
C PRO A 185 8.93 15.41 24.58
N THR A 186 9.48 14.31 25.12
CA THR A 186 10.29 14.41 26.33
C THR A 186 11.63 15.08 26.05
N GLU A 187 12.28 14.71 24.95
CA GLU A 187 13.55 15.35 24.61
C GLU A 187 13.36 16.83 24.31
N LYS A 188 12.24 17.18 23.69
CA LYS A 188 11.96 18.58 23.42
C LYS A 188 11.68 19.35 24.69
N THR A 189 11.14 18.70 25.72
CA THR A 189 10.92 19.37 26.99
C THR A 189 12.24 19.63 27.71
N VAL A 190 13.18 18.69 27.61
CA VAL A 190 14.47 18.85 28.28
C VAL A 190 15.24 20.03 27.71
N PHE A 191 15.24 20.15 26.37
CA PHE A 191 15.95 21.27 25.75
C PHE A 191 15.21 22.58 25.95
N THR A 192 13.88 22.54 26.05
CA THR A 192 13.13 23.75 26.36
C THR A 192 13.47 24.27 27.75
N VAL A 193 13.56 23.36 28.73
CA VAL A 193 13.92 23.78 30.08
C VAL A 193 15.33 24.35 30.10
N PHE A 194 16.25 23.72 29.36
CA PHE A 194 17.63 24.23 29.31
C PHE A 194 17.68 25.63 28.74
N MET A 195 16.94 25.88 27.65
CA MET A 195 16.98 27.20 27.02
C MET A 195 16.30 28.24 27.88
N ILE A 196 15.17 27.89 28.50
CA ILE A 196 14.45 28.85 29.34
C ILE A 196 15.27 29.23 30.56
N ALA A 197 15.87 28.23 31.22
CA ALA A 197 16.63 28.50 32.44
C ALA A 197 17.85 29.37 32.15
N VAL A 198 18.56 29.09 31.06
CA VAL A 198 19.70 29.92 30.69
C VAL A 198 19.25 31.31 30.29
N SER A 199 18.11 31.41 29.61
CA SER A 199 17.57 32.71 29.24
C SER A 199 17.17 33.51 30.47
N GLY A 200 16.57 32.85 31.46
CA GLY A 200 16.22 33.54 32.70
C GLY A 200 17.41 34.02 33.49
N ILE A 201 18.51 33.25 33.46
CA ILE A 201 19.74 33.68 34.13
C ILE A 201 20.29 34.93 33.47
N CYS A 202 20.27 34.97 32.13
CA CYS A 202 20.74 36.16 31.42
C CYS A 202 19.90 37.38 31.76
N ILE A 203 18.62 37.20 32.09
CA ILE A 203 17.80 38.31 32.55
C ILE A 203 18.30 38.82 33.88
N LEU A 204 18.61 37.92 34.81
CA LEU A 204 19.12 38.33 36.12
C LEU A 204 20.48 39.00 36.00
N LEU A 205 21.36 38.46 35.16
CA LEU A 205 22.68 39.06 34.99
C LEU A 205 22.58 40.45 34.38
N ASN A 206 21.72 40.61 33.37
CA ASN A 206 21.54 41.93 32.77
C ASN A 206 20.90 42.90 33.75
N VAL A 207 19.96 42.42 34.56
CA VAL A 207 19.32 43.28 35.55
C VAL A 207 20.32 43.70 36.61
N THR A 208 21.18 42.76 37.04
CA THR A 208 22.17 43.08 38.06
C THR A 208 23.12 44.17 37.58
N GLU A 209 23.60 44.08 36.35
CA GLU A 209 24.48 45.10 35.81
C GLU A 209 23.74 46.43 35.63
N LEU A 210 22.46 46.38 35.26
CA LEU A 210 21.71 47.62 35.07
C LEU A 210 21.51 48.36 36.37
N CYS A 211 21.19 47.64 37.45
CA CYS A 211 21.02 48.28 38.74
C CYS A 211 22.35 48.79 39.28
N TYR A 212 23.44 48.08 38.97
CA TYR A 212 24.76 48.51 39.43
C TYR A 212 25.12 49.87 38.86
N LEU A 213 24.87 50.08 37.57
CA LEU A 213 25.14 51.38 36.97
C LEU A 213 24.20 52.45 37.52
N LEU A 214 22.92 52.10 37.70
CA LEU A 214 21.96 53.09 38.18
C LEU A 214 22.15 53.40 39.66
N ILE A 215 22.83 52.52 40.39
CA ILE A 215 23.23 52.84 41.75
C ILE A 215 24.30 53.92 41.74
N ARG A 216 25.31 53.75 40.88
CA ARG A 216 26.41 54.71 40.80
C ARG A 216 25.94 56.04 40.22
N TYR A 217 25.07 55.99 39.21
CA TYR A 217 24.62 57.21 38.56
C TYR A 217 23.85 58.10 39.53
N CYS A 218 22.96 57.52 40.34
CA CYS A 218 22.26 58.29 41.35
C CYS A 218 23.22 58.78 42.43
N SER A 219 24.16 57.94 42.84
CA SER A 219 25.13 58.32 43.85
C SER A 219 26.23 59.20 43.26
N LEU B 6 39.74 25.84 15.41
CA LEU B 6 40.09 24.42 15.45
C LEU B 6 41.52 24.24 15.94
N GLN B 7 42.49 24.51 15.06
CA GLN B 7 43.89 24.49 15.47
C GLN B 7 44.18 25.58 16.48
N THR B 8 43.62 26.77 16.28
CA THR B 8 43.85 27.88 17.20
C THR B 8 43.24 27.61 18.56
N ILE B 9 42.00 27.11 18.60
CA ILE B 9 41.34 26.85 19.87
C ILE B 9 42.07 25.74 20.63
N LEU B 10 42.42 24.66 19.94
CA LEU B 10 43.19 23.60 20.57
C LEU B 10 44.57 24.08 20.96
N GLY B 11 45.20 24.89 20.09
CA GLY B 11 46.52 25.40 20.41
C GLY B 11 46.53 26.32 21.63
N GLY B 12 45.49 27.15 21.76
CA GLY B 12 45.42 28.04 22.91
C GLY B 12 45.31 27.29 24.23
N VAL B 13 44.41 26.31 24.28
CA VAL B 13 44.23 25.53 25.50
C VAL B 13 45.46 24.67 25.77
N ASN B 14 46.13 24.20 24.71
CA ASN B 14 47.30 23.35 24.89
C ASN B 14 48.43 24.10 25.60
N LYS B 15 48.66 25.36 25.21
CA LYS B 15 49.82 26.09 25.74
C LYS B 15 49.71 26.40 27.21
N HIS B 16 48.49 26.49 27.75
CA HIS B 16 48.28 26.78 29.17
C HIS B 16 47.67 25.53 29.81
N SER B 17 48.54 24.61 30.22
CA SER B 17 48.14 23.37 30.85
C SER B 17 49.34 22.75 31.54
N THR B 18 49.08 21.81 32.44
CA THR B 18 50.12 21.12 33.17
C THR B 18 50.53 19.85 32.43
N SER B 19 51.35 19.02 33.07
CA SER B 19 51.83 17.80 32.43
C SER B 19 50.69 16.82 32.18
N ILE B 20 49.92 16.51 33.22
CA ILE B 20 48.78 15.60 33.06
C ILE B 20 47.69 16.27 32.23
N GLY B 21 47.49 17.57 32.42
CA GLY B 21 46.41 18.26 31.75
C GLY B 21 46.49 18.18 30.23
N LYS B 22 47.69 18.00 29.69
CA LYS B 22 47.82 17.79 28.25
C LYS B 22 47.44 16.37 27.85
N ILE B 23 47.63 15.39 28.73
CA ILE B 23 47.11 14.06 28.48
C ILE B 23 45.59 14.06 28.53
N TRP B 24 45.01 14.99 29.30
CA TRP B 24 43.56 15.13 29.32
C TRP B 24 43.03 15.76 28.03
N LEU B 25 43.84 16.61 27.39
CA LEU B 25 43.39 17.26 26.17
C LEU B 25 43.27 16.28 25.01
N THR B 26 44.22 15.36 24.88
CA THR B 26 44.15 14.38 23.80
C THR B 26 43.02 13.39 24.01
N VAL B 27 42.81 12.95 25.25
CA VAL B 27 41.74 12.00 25.54
C VAL B 27 40.36 12.62 25.41
N LEU B 28 40.27 13.95 25.35
CA LEU B 28 38.99 14.61 25.14
C LEU B 28 38.72 14.85 23.66
N PHE B 29 39.70 15.41 22.94
CA PHE B 29 39.46 15.76 21.54
C PHE B 29 39.47 14.53 20.65
N ILE B 30 40.58 13.79 20.64
CA ILE B 30 40.74 12.71 19.67
C ILE B 30 39.72 11.59 19.91
N PHE B 31 39.21 11.47 21.12
CA PHE B 31 38.35 10.33 21.39
C PHE B 31 36.90 10.73 21.64
N ARG B 32 36.64 11.61 22.60
CA ARG B 32 35.26 11.99 22.85
C ARG B 32 34.64 12.67 21.64
N ILE B 33 35.29 13.72 21.13
CA ILE B 33 34.72 14.49 20.03
C ILE B 33 34.74 13.68 18.74
N MET B 34 35.86 13.04 18.43
CA MET B 34 36.01 12.40 17.12
C MET B 34 35.07 11.22 16.96
N ILE B 35 35.05 10.32 17.95
CA ILE B 35 34.12 9.19 17.91
C ILE B 35 32.68 9.69 17.86
N LEU B 36 32.36 10.72 18.64
CA LEU B 36 31.02 11.28 18.59
C LEU B 36 30.70 11.86 17.22
N VAL B 37 31.66 12.56 16.62
CA VAL B 37 31.38 13.29 15.38
C VAL B 37 31.44 12.36 14.18
N VAL B 38 32.56 11.64 14.02
CA VAL B 38 32.82 10.93 12.77
C VAL B 38 32.37 9.48 12.80
N ALA B 39 32.00 8.93 13.95
CA ALA B 39 31.61 7.53 13.94
C ALA B 39 30.24 7.27 14.56
N ALA B 40 29.92 7.92 15.67
CA ALA B 40 28.73 7.57 16.45
C ALA B 40 27.48 8.33 16.05
N LYS B 41 27.61 9.57 15.55
CA LYS B 41 26.43 10.38 15.29
C LYS B 41 25.54 9.75 14.23
N GLU B 42 26.16 9.15 13.21
CA GLU B 42 25.39 8.53 12.12
C GLU B 42 24.83 7.18 12.53
N VAL B 43 25.43 6.52 13.52
CA VAL B 43 24.87 5.27 14.04
C VAL B 43 23.48 5.49 14.63
N TRP B 44 23.27 6.65 15.25
CA TRP B 44 21.99 7.02 15.83
C TRP B 44 21.08 7.74 14.85
N GLY B 45 21.47 7.82 13.58
CA GLY B 45 20.70 8.62 12.62
C GLY B 45 19.29 8.12 12.41
N ASP B 46 19.11 6.79 12.32
CA ASP B 46 17.81 6.19 12.06
C ASP B 46 17.17 5.62 13.33
N GLU B 47 17.41 6.25 14.48
CA GLU B 47 16.99 5.68 15.75
C GLU B 47 15.47 5.54 15.83
N GLN B 48 14.73 6.53 15.33
CA GLN B 48 13.28 6.45 15.35
C GLN B 48 12.68 5.99 14.03
N ALA B 49 13.36 6.26 12.91
CA ALA B 49 12.86 5.80 11.62
C ALA B 49 12.80 4.28 11.56
N ASP B 50 13.83 3.60 12.08
CA ASP B 50 13.90 2.15 12.07
C ASP B 50 13.39 1.52 13.35
N PHE B 51 12.81 2.31 14.26
CA PHE B 51 12.12 1.78 15.42
C PHE B 51 10.80 1.12 14.97
N VAL B 52 10.67 -0.18 15.22
CA VAL B 52 9.56 -0.96 14.69
C VAL B 52 8.75 -1.54 15.85
N CYS B 53 7.44 -1.34 15.82
CA CYS B 53 6.54 -1.83 16.85
C CYS B 53 5.51 -2.76 16.21
N ASN B 54 5.29 -3.92 16.85
CA ASN B 54 4.32 -4.90 16.37
C ASN B 54 2.94 -4.50 16.87
N THR B 55 2.30 -3.61 16.11
CA THR B 55 0.99 -3.09 16.48
C THR B 55 0.34 -2.45 15.26
N LEU B 56 -0.98 -2.29 15.34
CA LEU B 56 -1.74 -1.52 14.37
C LEU B 56 -2.32 -0.25 14.97
N GLN B 57 -1.91 0.10 16.19
CA GLN B 57 -2.47 1.26 16.87
C GLN B 57 -1.75 2.53 16.44
N PRO B 58 -2.45 3.53 15.90
CA PRO B 58 -1.78 4.78 15.54
C PRO B 58 -1.30 5.53 16.77
N GLY B 59 -0.10 6.08 16.68
CA GLY B 59 0.50 6.81 17.77
C GLY B 59 1.19 5.97 18.81
N CYS B 60 1.11 4.65 18.71
CA CYS B 60 1.74 3.79 19.71
C CYS B 60 3.25 3.78 19.57
N LYS B 61 3.75 3.83 18.33
CA LYS B 61 5.18 3.89 18.11
C LYS B 61 5.78 5.17 18.67
N ASN B 62 5.06 6.28 18.54
CA ASN B 62 5.58 7.56 19.00
C ASN B 62 5.78 7.56 20.52
N VAL B 63 4.81 7.06 21.27
CA VAL B 63 4.91 7.14 22.73
C VAL B 63 5.84 6.07 23.28
N CYS B 64 5.96 4.92 22.61
CA CYS B 64 6.86 3.89 23.10
C CYS B 64 8.32 4.28 22.91
N TYR B 65 8.65 4.86 21.76
CA TYR B 65 10.02 5.35 21.56
C TYR B 65 10.34 6.47 22.55
N ASP B 66 9.39 7.37 22.76
CA ASP B 66 9.61 8.47 23.69
C ASP B 66 9.79 7.97 25.12
N HIS B 67 9.05 6.93 25.50
CA HIS B 67 9.17 6.38 26.84
C HIS B 67 10.54 5.79 27.10
N TYR B 68 11.07 5.02 26.15
CA TYR B 68 12.31 4.28 26.36
C TYR B 68 13.55 5.06 25.95
N PHE B 69 13.40 6.17 25.25
CA PHE B 69 14.52 7.05 24.91
C PHE B 69 14.10 8.49 25.17
N PRO B 70 14.00 8.88 26.45
CA PRO B 70 13.65 10.28 26.75
C PRO B 70 14.65 11.28 26.19
N ILE B 71 15.92 10.91 26.11
CA ILE B 71 16.93 11.69 25.39
C ILE B 71 17.90 10.72 24.74
N SER B 72 18.35 11.06 23.55
CA SER B 72 19.24 10.18 22.81
C SER B 72 20.62 10.13 23.46
N HIS B 73 21.33 9.02 23.23
CA HIS B 73 22.67 8.87 23.77
C HIS B 73 23.61 9.94 23.25
N ILE B 74 23.55 10.21 21.93
CA ILE B 74 24.46 11.17 21.34
C ILE B 74 24.14 12.58 21.80
N ARG B 75 22.86 12.89 22.05
CA ARG B 75 22.52 14.18 22.61
C ARG B 75 22.99 14.30 24.05
N LEU B 76 22.96 13.19 24.80
CA LEU B 76 23.47 13.19 26.16
C LEU B 76 24.99 13.36 26.17
N TRP B 77 25.69 12.76 25.20
CA TRP B 77 27.14 12.90 25.15
C TRP B 77 27.54 14.31 24.73
N ALA B 78 26.78 14.92 23.81
CA ALA B 78 27.08 16.28 23.39
C ALA B 78 26.93 17.26 24.55
N LEU B 79 25.90 17.09 25.36
CA LEU B 79 25.70 17.96 26.52
C LEU B 79 26.83 17.78 27.53
N GLN B 80 27.27 16.54 27.74
CA GLN B 80 28.37 16.30 28.66
C GLN B 80 29.66 16.95 28.16
N LEU B 81 29.93 16.86 26.86
CA LEU B 81 31.13 17.49 26.31
C LEU B 81 31.09 19.00 26.47
N ILE B 82 29.91 19.60 26.27
CA ILE B 82 29.79 21.04 26.45
C ILE B 82 30.02 21.43 27.90
N PHE B 83 29.41 20.68 28.84
CA PHE B 83 29.56 21.01 30.25
C PHE B 83 30.98 20.76 30.74
N VAL B 84 31.61 19.68 30.28
CA VAL B 84 32.95 19.34 30.74
C VAL B 84 33.97 20.35 30.23
N SER B 85 33.81 20.79 28.98
CA SER B 85 34.75 21.73 28.38
C SER B 85 34.53 23.17 28.83
N THR B 86 33.39 23.46 29.47
CA THR B 86 33.11 24.83 29.89
C THR B 86 34.10 25.37 30.92
N PRO B 87 34.42 24.65 32.01
CA PRO B 87 35.36 25.22 32.99
C PRO B 87 36.71 25.59 32.42
N ALA B 88 37.23 24.79 31.48
CA ALA B 88 38.47 25.17 30.82
C ALA B 88 38.29 26.43 29.99
N LEU B 89 37.15 26.57 29.32
CA LEU B 89 36.88 27.79 28.56
C LEU B 89 36.76 29.00 29.47
N LEU B 90 36.13 28.83 30.64
CA LEU B 90 35.96 29.94 31.57
C LEU B 90 37.31 30.43 32.09
N VAL B 91 38.24 29.50 32.34
CA VAL B 91 39.55 29.89 32.87
C VAL B 91 40.30 30.75 31.86
N ALA B 92 40.30 30.35 30.59
CA ALA B 92 41.00 31.12 29.57
C ALA B 92 40.39 32.51 29.40
N MET B 93 39.06 32.59 29.40
CA MET B 93 38.41 33.89 29.27
C MET B 93 38.68 34.78 30.48
N HIS B 94 38.68 34.19 31.67
CA HIS B 94 38.95 34.97 32.88
C HIS B 94 40.42 35.37 32.95
N VAL B 95 41.33 34.50 32.50
CA VAL B 95 42.75 34.82 32.52
C VAL B 95 43.05 35.99 31.61
N ALA B 96 42.41 36.04 30.43
CA ALA B 96 42.58 37.18 29.54
C ALA B 96 42.06 38.46 30.19
N TYR B 97 40.93 38.38 30.89
CA TYR B 97 40.40 39.55 31.58
C TYR B 97 41.34 39.99 32.70
N ARG B 98 41.89 39.05 33.45
CA ARG B 98 42.79 39.40 34.54
C ARG B 98 44.03 40.13 34.03
N ARG B 99 44.54 39.71 32.87
CA ARG B 99 45.67 40.42 32.27
C ARG B 99 45.31 41.85 31.90
N HIS B 100 44.10 42.05 31.37
CA HIS B 100 43.67 43.39 30.98
C HIS B 100 43.51 44.30 32.19
N GLU B 101 43.04 43.75 33.31
CA GLU B 101 42.84 44.58 34.51
C GLU B 101 44.15 45.16 35.02
N LYS B 102 45.22 44.37 35.00
CA LYS B 102 46.54 44.90 35.36
C LYS B 102 46.98 45.98 34.38
N LYS B 103 46.73 45.76 33.09
CA LYS B 103 47.05 46.74 32.06
C LYS B 103 46.12 47.95 32.17
N GLY B 130 48.19 32.22 43.32
CA GLY B 130 47.18 32.76 44.21
C GLY B 130 45.80 32.81 43.60
N SER B 131 45.52 33.86 42.83
CA SER B 131 44.23 33.97 42.17
C SER B 131 44.04 32.86 41.13
N LEU B 132 45.11 32.56 40.38
CA LEU B 132 45.02 31.49 39.38
C LEU B 132 44.84 30.14 40.04
N TRP B 133 45.44 29.94 41.22
CA TRP B 133 45.35 28.65 41.89
C TRP B 133 43.92 28.31 42.29
N TRP B 134 43.17 29.30 42.78
CA TRP B 134 41.81 29.04 43.21
C TRP B 134 40.91 28.66 42.04
N THR B 135 41.03 29.38 40.92
CA THR B 135 40.20 29.08 39.76
C THR B 135 40.55 27.73 39.15
N TYR B 136 41.85 27.42 39.04
CA TYR B 136 42.27 26.18 38.42
C TYR B 136 41.81 24.97 39.22
N THR B 137 41.94 25.03 40.54
CA THR B 137 41.50 23.91 41.37
C THR B 137 39.98 23.73 41.29
N SER B 138 39.24 24.83 41.32
CA SER B 138 37.78 24.75 41.25
C SER B 138 37.33 24.20 39.90
N SER B 139 38.00 24.59 38.81
CA SER B 139 37.63 24.10 37.49
C SER B 139 37.79 22.60 37.39
N ILE B 140 38.86 22.06 37.99
CA ILE B 140 39.05 20.61 38.01
C ILE B 140 37.95 19.95 38.82
N PHE B 141 37.56 20.56 39.94
CA PHE B 141 36.52 20.00 40.78
C PHE B 141 35.19 19.89 40.04
N PHE B 142 34.84 20.94 39.28
CA PHE B 142 33.57 20.92 38.56
C PHE B 142 33.57 19.87 37.45
N ARG B 143 34.72 19.66 36.82
CA ARG B 143 34.80 18.65 35.77
C ARG B 143 34.55 17.26 36.32
N VAL B 144 35.06 16.97 37.51
CA VAL B 144 34.81 15.68 38.14
C VAL B 144 33.33 15.51 38.45
N ILE B 145 32.71 16.56 38.98
CA ILE B 145 31.28 16.50 39.30
C ILE B 145 30.46 16.34 38.03
N PHE B 146 30.80 17.10 36.99
CA PHE B 146 30.04 17.02 35.74
C PHE B 146 30.20 15.65 35.09
N GLU B 147 31.41 15.10 35.10
CA GLU B 147 31.63 13.78 34.53
C GLU B 147 30.87 12.71 35.28
N ALA B 148 30.92 12.75 36.62
CA ALA B 148 30.23 11.74 37.41
C ALA B 148 28.72 11.88 37.29
N ALA B 149 28.20 13.11 37.25
CA ALA B 149 26.76 13.31 37.15
C ALA B 149 26.22 12.77 35.84
N PHE B 150 26.92 13.01 34.73
CA PHE B 150 26.45 12.52 33.44
C PHE B 150 26.59 11.01 33.34
N MET B 151 27.65 10.45 33.92
CA MET B 151 27.81 9.00 33.95
C MET B 151 26.71 8.37 34.79
N TYR B 152 26.32 9.04 35.88
CA TYR B 152 25.23 8.54 36.71
C TYR B 152 23.89 8.58 35.96
N VAL B 153 23.65 9.68 35.22
CA VAL B 153 22.41 9.80 34.47
C VAL B 153 22.30 8.71 33.42
N PHE B 154 23.43 8.38 32.78
CA PHE B 154 23.42 7.30 31.79
C PHE B 154 23.01 5.97 32.42
N TYR B 155 23.50 5.69 33.62
CA TYR B 155 23.18 4.42 34.26
C TYR B 155 21.72 4.36 34.68
N VAL B 156 21.23 5.39 35.35
CA VAL B 156 19.86 5.35 35.88
C VAL B 156 18.85 5.38 34.75
N MET B 157 19.05 6.25 33.76
CA MET B 157 18.07 6.39 32.69
C MET B 157 17.96 5.14 31.84
N TYR B 158 19.07 4.45 31.60
CA TYR B 158 19.08 3.29 30.71
C TYR B 158 19.44 2.01 31.43
N ASP B 159 19.27 1.97 32.76
CA ASP B 159 19.43 0.79 33.62
C ASP B 159 20.64 -0.07 33.28
N GLY B 160 21.73 0.56 32.86
CA GLY B 160 22.93 -0.14 32.45
C GLY B 160 23.41 0.35 31.11
N PHE B 161 24.53 -0.23 30.67
CA PHE B 161 25.22 0.21 29.46
C PHE B 161 24.98 -0.72 28.28
N SER B 162 24.04 -1.64 28.38
CA SER B 162 23.73 -2.57 27.30
C SER B 162 22.35 -2.27 26.75
N MET B 163 22.24 -2.18 25.44
CA MET B 163 20.96 -1.89 24.79
C MET B 163 20.30 -3.19 24.36
N GLN B 164 19.02 -3.33 24.67
CA GLN B 164 18.26 -4.54 24.36
C GLN B 164 17.71 -4.49 22.95
N ARG B 165 17.46 -5.67 22.38
CA ARG B 165 16.82 -5.76 21.08
C ARG B 165 15.32 -5.48 21.17
N LEU B 166 14.69 -5.90 22.26
CA LEU B 166 13.24 -5.84 22.41
C LEU B 166 12.87 -5.04 23.64
N VAL B 167 11.95 -4.10 23.47
CA VAL B 167 11.37 -3.35 24.58
C VAL B 167 9.88 -3.62 24.62
N LYS B 168 9.34 -3.80 25.82
CA LYS B 168 7.92 -4.03 26.02
C LYS B 168 7.30 -2.77 26.59
N CYS B 169 6.27 -2.27 25.93
CA CYS B 169 5.71 -0.95 26.20
C CYS B 169 4.21 -1.05 26.36
N ASN B 170 3.68 -0.43 27.40
CA ASN B 170 2.24 -0.47 27.70
C ASN B 170 1.67 0.92 27.93
N ALA B 171 2.37 1.95 27.50
CA ALA B 171 1.88 3.31 27.64
C ALA B 171 0.71 3.56 26.71
N TRP B 172 -0.21 4.42 27.16
CA TRP B 172 -1.33 4.79 26.32
C TRP B 172 -0.82 5.50 25.07
N PRO B 173 -1.41 5.25 23.90
CA PRO B 173 -2.60 4.44 23.60
C PRO B 173 -2.31 3.00 23.19
N CYS B 174 -1.17 2.44 23.54
CA CYS B 174 -0.86 1.07 23.14
C CYS B 174 -1.74 0.10 23.90
N PRO B 175 -2.45 -0.80 23.20
CA PRO B 175 -3.32 -1.75 23.89
C PRO B 175 -2.52 -2.88 24.54
N ASN B 176 -2.72 -3.07 25.84
CA ASN B 176 -2.03 -4.08 26.64
C ASN B 176 -0.53 -3.81 26.53
N THR B 177 0.30 -4.79 26.22
CA THR B 177 1.73 -4.62 26.05
C THR B 177 2.10 -4.94 24.61
N VAL B 178 2.86 -4.05 23.97
CA VAL B 178 3.27 -4.22 22.59
C VAL B 178 4.77 -4.44 22.54
N ASP B 179 5.21 -5.18 21.52
CA ASP B 179 6.61 -5.48 21.30
C ASP B 179 7.20 -4.50 20.31
N CYS B 180 8.31 -3.88 20.67
CA CYS B 180 9.00 -2.94 19.81
C CYS B 180 10.47 -3.32 19.74
N PHE B 181 11.09 -3.05 18.59
CA PHE B 181 12.44 -3.51 18.29
C PHE B 181 13.35 -2.34 17.99
N VAL B 182 14.51 -2.32 18.64
CA VAL B 182 15.45 -1.22 18.54
C VAL B 182 16.32 -1.40 17.30
N SER B 183 16.74 -0.28 16.73
CA SER B 183 17.64 -0.26 15.59
C SER B 183 19.09 -0.29 16.05
N ARG B 184 19.87 -1.22 15.50
CA ARG B 184 21.30 -1.38 15.79
C ARG B 184 21.64 -1.40 17.28
N PRO B 185 21.02 -2.29 18.07
CA PRO B 185 21.34 -2.31 19.50
C PRO B 185 22.78 -2.72 19.80
N THR B 186 23.38 -3.60 19.01
CA THR B 186 24.73 -4.06 19.31
C THR B 186 25.77 -2.98 19.04
N GLU B 187 25.65 -2.28 17.91
CA GLU B 187 26.59 -1.21 17.61
C GLU B 187 26.47 -0.07 18.62
N LYS B 188 25.26 0.19 19.11
CA LYS B 188 25.09 1.23 20.11
C LYS B 188 25.68 0.82 21.45
N THR B 189 25.66 -0.47 21.78
CA THR B 189 26.31 -0.94 22.99
C THR B 189 27.82 -0.76 22.93
N VAL B 190 28.41 -1.03 21.77
CA VAL B 190 29.86 -0.92 21.63
C VAL B 190 30.31 0.52 21.85
N PHE B 191 29.61 1.48 21.25
CA PHE B 191 29.99 2.87 21.40
C PHE B 191 29.67 3.39 22.80
N THR B 192 28.61 2.88 23.42
CA THR B 192 28.31 3.27 24.80
C THR B 192 29.40 2.82 25.75
N VAL B 193 29.87 1.58 25.59
CA VAL B 193 30.95 1.07 26.41
C VAL B 193 32.22 1.88 26.19
N PHE B 194 32.45 2.29 24.95
CA PHE B 194 33.64 3.05 24.62
C PHE B 194 33.63 4.42 25.28
N MET B 195 32.50 5.15 25.19
CA MET B 195 32.43 6.48 25.78
C MET B 195 32.44 6.42 27.30
N ILE B 196 31.82 5.41 27.89
CA ILE B 196 31.84 5.27 29.34
C ILE B 196 33.24 5.01 29.84
N ALA B 197 33.97 4.13 29.16
CA ALA B 197 35.33 3.80 29.59
C ALA B 197 36.26 4.99 29.47
N VAL B 198 36.14 5.77 28.40
CA VAL B 198 36.98 6.94 28.23
C VAL B 198 36.62 8.00 29.27
N SER B 199 35.34 8.14 29.58
CA SER B 199 34.92 9.08 30.61
C SER B 199 35.50 8.70 31.97
N GLY B 200 35.52 7.41 32.30
CA GLY B 200 36.09 6.98 33.56
C GLY B 200 37.58 7.26 33.64
N ILE B 201 38.28 7.15 32.51
CA ILE B 201 39.69 7.51 32.47
C ILE B 201 39.87 8.99 32.75
N CYS B 202 38.98 9.83 32.19
CA CYS B 202 39.05 11.26 32.43
C CYS B 202 38.87 11.58 33.92
N ILE B 203 37.97 10.86 34.58
CA ILE B 203 37.77 11.07 36.01
C ILE B 203 39.04 10.75 36.80
N LEU B 204 39.70 9.66 36.45
CA LEU B 204 40.94 9.30 37.14
C LEU B 204 42.03 10.34 36.91
N LEU B 205 42.14 10.85 35.69
CA LEU B 205 43.15 11.86 35.40
C LEU B 205 42.91 13.13 36.20
N ASN B 206 41.64 13.57 36.30
CA ASN B 206 41.34 14.76 37.07
C ASN B 206 41.55 14.54 38.56
N VAL B 207 41.28 13.34 39.06
CA VAL B 207 41.55 13.02 40.45
C VAL B 207 43.05 13.04 40.72
N THR B 208 43.84 12.53 39.78
CA THR B 208 45.29 12.56 39.94
C THR B 208 45.81 13.98 40.04
N GLU B 209 45.37 14.86 39.15
CA GLU B 209 45.78 16.26 39.22
C GLU B 209 45.25 16.92 40.48
N LEU B 210 44.08 16.50 40.94
CA LEU B 210 43.51 17.08 42.16
C LEU B 210 44.33 16.69 43.38
N CYS B 211 44.89 15.49 43.39
CA CYS B 211 45.71 15.07 44.52
C CYS B 211 47.09 15.71 44.49
N TYR B 212 47.64 15.93 43.30
CA TYR B 212 48.95 16.58 43.20
C TYR B 212 48.90 17.99 43.75
N LEU B 213 47.86 18.76 43.41
CA LEU B 213 47.73 20.11 43.93
C LEU B 213 47.48 20.10 45.43
N LEU B 214 46.67 19.16 45.92
CA LEU B 214 46.35 19.11 47.34
C LEU B 214 47.60 18.79 48.17
N ILE B 215 48.45 17.89 47.71
CA ILE B 215 49.61 17.49 48.49
C ILE B 215 50.61 18.63 48.63
N ARG B 216 50.72 19.49 47.60
CA ARG B 216 51.69 20.57 47.66
C ARG B 216 51.21 21.73 48.53
N TYR B 217 49.91 22.03 48.49
CA TYR B 217 49.39 23.20 49.19
C TYR B 217 48.94 22.86 50.62
N CYS B 218 47.99 21.93 50.75
CA CYS B 218 47.44 21.64 52.06
C CYS B 218 48.40 20.79 52.89
N SER B 219 48.75 19.59 52.39
CA SER B 219 49.68 18.74 53.11
C SER B 219 51.11 19.25 53.05
N GLY B 220 51.40 20.19 52.15
CA GLY B 220 52.72 20.77 52.05
C GLY B 220 53.02 21.90 53.01
N LYS B 221 52.07 22.24 53.87
CA LYS B 221 52.26 23.34 54.83
C LYS B 221 53.33 22.97 55.86
N LEU C 6 43.84 21.24 8.61
CA LEU C 6 44.29 19.93 8.17
C LEU C 6 45.69 20.00 7.54
N GLN C 7 45.89 21.01 6.69
CA GLN C 7 47.20 21.19 6.07
C GLN C 7 48.27 21.48 7.12
N THR C 8 47.95 22.32 8.10
CA THR C 8 48.91 22.61 9.17
C THR C 8 49.20 21.38 10.00
N ILE C 9 48.17 20.58 10.31
CA ILE C 9 48.36 19.38 11.12
C ILE C 9 49.25 18.39 10.39
N LEU C 10 49.00 18.18 9.09
CA LEU C 10 49.85 17.28 8.32
C LEU C 10 51.28 17.80 8.24
N GLY C 11 51.44 19.12 8.09
CA GLY C 11 52.78 19.69 8.01
C GLY C 11 53.60 19.44 9.26
N GLY C 12 52.96 19.48 10.43
CA GLY C 12 53.67 19.19 11.67
C GLY C 12 54.13 17.74 11.75
N VAL C 13 53.25 16.81 11.39
CA VAL C 13 53.61 15.39 11.42
C VAL C 13 54.61 15.06 10.31
N ASN C 14 54.42 15.64 9.13
CA ASN C 14 55.30 15.34 8.01
C ASN C 14 56.73 15.78 8.27
N LYS C 15 56.91 16.97 8.86
CA LYS C 15 58.26 17.46 9.15
C LYS C 15 58.97 16.57 10.16
N HIS C 16 58.27 16.15 11.21
CA HIS C 16 58.88 15.39 12.30
C HIS C 16 58.70 13.89 12.06
N SER C 17 59.44 13.39 11.07
CA SER C 17 59.39 11.98 10.71
C SER C 17 60.73 11.56 10.11
N THR C 18 60.97 10.26 10.10
CA THR C 18 62.20 9.69 9.58
C THR C 18 62.01 9.34 8.10
N SER C 19 62.95 8.56 7.55
CA SER C 19 62.93 8.25 6.11
C SER C 19 61.70 7.43 5.74
N ILE C 20 61.48 6.31 6.43
CA ILE C 20 60.32 5.47 6.14
C ILE C 20 59.03 6.17 6.55
N GLY C 21 59.07 6.94 7.64
CA GLY C 21 57.88 7.60 8.14
C GLY C 21 57.21 8.51 7.13
N LYS C 22 57.93 8.94 6.10
CA LYS C 22 57.29 9.70 5.02
C LYS C 22 56.37 8.81 4.19
N ILE C 23 56.83 7.61 3.85
CA ILE C 23 56.01 6.68 3.08
C ILE C 23 54.81 6.23 3.90
N TRP C 24 55.01 5.95 5.19
CA TRP C 24 53.91 5.53 6.04
C TRP C 24 52.85 6.62 6.16
N LEU C 25 53.28 7.88 6.24
CA LEU C 25 52.33 8.98 6.32
C LEU C 25 51.52 9.11 5.04
N THR C 26 52.17 8.89 3.89
CA THR C 26 51.47 8.95 2.61
C THR C 26 50.43 7.83 2.51
N VAL C 27 50.80 6.62 2.93
CA VAL C 27 49.86 5.51 2.87
C VAL C 27 48.67 5.74 3.79
N LEU C 28 48.92 6.33 4.96
CA LEU C 28 47.83 6.56 5.92
C LEU C 28 46.83 7.57 5.40
N PHE C 29 47.30 8.71 4.91
CA PHE C 29 46.39 9.79 4.58
C PHE C 29 45.72 9.57 3.23
N ILE C 30 46.53 9.36 2.18
CA ILE C 30 45.99 9.35 0.83
C ILE C 30 45.11 8.12 0.61
N PHE C 31 45.40 7.03 1.33
CA PHE C 31 44.70 5.78 1.06
C PHE C 31 43.68 5.42 2.13
N ARG C 32 44.10 5.30 3.39
CA ARG C 32 43.15 4.93 4.44
C ARG C 32 42.07 5.99 4.60
N ILE C 33 42.45 7.26 4.59
CA ILE C 33 41.51 8.32 4.92
C ILE C 33 40.69 8.74 3.70
N MET C 34 41.35 8.95 2.57
CA MET C 34 40.65 9.47 1.40
C MET C 34 39.64 8.46 0.86
N ILE C 35 40.02 7.19 0.77
CA ILE C 35 39.07 6.17 0.31
C ILE C 35 37.92 6.01 1.30
N LEU C 36 38.22 6.04 2.60
CA LEU C 36 37.16 5.95 3.59
C LEU C 36 36.20 7.13 3.47
N VAL C 37 36.73 8.34 3.26
CA VAL C 37 35.89 9.52 3.21
C VAL C 37 35.23 9.67 1.84
N VAL C 38 36.02 9.60 0.77
CA VAL C 38 35.51 9.97 -0.55
C VAL C 38 34.72 8.82 -1.18
N ALA C 39 35.22 7.60 -1.09
CA ALA C 39 34.69 6.50 -1.88
C ALA C 39 33.94 5.45 -1.09
N ALA C 40 34.31 5.21 0.17
CA ALA C 40 33.70 4.11 0.91
C ALA C 40 32.50 4.54 1.74
N LYS C 41 32.44 5.82 2.13
CA LYS C 41 31.41 6.24 3.09
C LYS C 41 30.01 6.08 2.53
N GLU C 42 29.81 6.46 1.27
CA GLU C 42 28.48 6.39 0.66
C GLU C 42 28.17 5.01 0.08
N VAL C 43 29.13 4.09 0.08
CA VAL C 43 28.83 2.70 -0.27
C VAL C 43 28.00 2.05 0.82
N TRP C 44 28.31 2.36 2.08
CA TRP C 44 27.61 1.81 3.23
C TRP C 44 26.42 2.66 3.65
N GLY C 45 26.01 3.62 2.81
CA GLY C 45 24.96 4.54 3.22
C GLY C 45 23.63 3.88 3.45
N ASP C 46 23.26 2.92 2.61
CA ASP C 46 21.98 2.23 2.70
C ASP C 46 22.14 0.79 3.19
N GLU C 47 23.07 0.56 4.12
CA GLU C 47 23.37 -0.80 4.56
C GLU C 47 22.14 -1.46 5.19
N GLN C 48 21.38 -0.72 5.99
CA GLN C 48 20.17 -1.26 6.59
C GLN C 48 18.90 -0.87 5.85
N ALA C 49 18.92 0.26 5.14
CA ALA C 49 17.73 0.66 4.39
C ALA C 49 17.44 -0.32 3.26
N ASP C 50 18.47 -0.81 2.58
CA ASP C 50 18.31 -1.75 1.48
C ASP C 50 18.53 -3.19 1.90
N PHE C 51 18.66 -3.45 3.20
CA PHE C 51 18.69 -4.82 3.71
C PHE C 51 17.27 -5.39 3.62
N VAL C 52 17.10 -6.44 2.83
CA VAL C 52 15.78 -6.97 2.48
C VAL C 52 15.68 -8.40 3.01
N CYS C 53 14.62 -8.68 3.75
CA CYS C 53 14.36 -10.01 4.31
C CYS C 53 13.04 -10.54 3.77
N ASN C 54 13.05 -11.82 3.39
CA ASN C 54 11.86 -12.49 2.86
C ASN C 54 11.04 -13.01 4.03
N THR C 55 10.21 -12.14 4.58
CA THR C 55 9.41 -12.49 5.74
C THR C 55 8.29 -11.47 5.91
N LEU C 56 7.29 -11.86 6.70
CA LEU C 56 6.23 -10.96 7.13
C LEU C 56 6.26 -10.70 8.63
N GLN C 57 7.31 -11.15 9.31
CA GLN C 57 7.38 -11.03 10.76
C GLN C 57 7.89 -9.65 11.14
N PRO C 58 7.13 -8.88 11.93
CA PRO C 58 7.61 -7.56 12.34
C PRO C 58 8.79 -7.68 13.31
N GLY C 59 9.81 -6.86 13.07
CA GLY C 59 11.01 -6.86 13.87
C GLY C 59 12.04 -7.88 13.48
N CYS C 60 11.75 -8.76 12.51
CA CYS C 60 12.70 -9.78 12.11
C CYS C 60 13.88 -9.15 11.37
N LYS C 61 13.63 -8.12 10.56
CA LYS C 61 14.71 -7.45 9.87
C LYS C 61 15.65 -6.73 10.84
N ASN C 62 15.10 -6.16 11.90
CA ASN C 62 15.93 -5.43 12.86
C ASN C 62 16.92 -6.34 13.54
N VAL C 63 16.45 -7.46 14.10
CA VAL C 63 17.35 -8.34 14.83
C VAL C 63 18.29 -9.07 13.88
N CYS C 64 17.87 -9.28 12.63
CA CYS C 64 18.70 -10.02 11.69
C CYS C 64 19.86 -9.18 11.17
N TYR C 65 19.61 -7.91 10.84
CA TYR C 65 20.69 -7.04 10.45
C TYR C 65 21.68 -6.84 11.59
N ASP C 66 21.17 -6.71 12.81
CA ASP C 66 22.01 -6.51 13.97
C ASP C 66 22.87 -7.73 14.27
N HIS C 67 22.37 -8.93 13.95
CA HIS C 67 23.14 -10.15 14.20
C HIS C 67 24.34 -10.24 13.27
N TYR C 68 24.14 -9.97 11.99
CA TYR C 68 25.19 -10.17 11.00
C TYR C 68 26.09 -8.95 10.81
N PHE C 69 25.71 -7.80 11.33
CA PHE C 69 26.54 -6.60 11.28
C PHE C 69 26.54 -5.93 12.65
N PRO C 70 27.20 -6.56 13.64
CA PRO C 70 27.25 -5.95 14.97
C PRO C 70 27.90 -4.57 14.98
N ILE C 71 28.88 -4.33 14.12
CA ILE C 71 29.41 -3.00 13.88
C ILE C 71 29.71 -2.88 12.39
N SER C 72 29.43 -1.71 11.83
CA SER C 72 29.63 -1.50 10.40
C SER C 72 31.12 -1.53 10.06
N HIS C 73 31.42 -1.91 8.81
CA HIS C 73 32.80 -1.93 8.35
C HIS C 73 33.43 -0.54 8.42
N ILE C 74 32.68 0.48 7.98
CA ILE C 74 33.22 1.83 7.98
C ILE C 74 33.41 2.35 9.40
N ARG C 75 32.54 1.94 10.33
CA ARG C 75 32.72 2.34 11.72
C ARG C 75 33.91 1.63 12.35
N LEU C 76 34.19 0.41 11.90
CA LEU C 76 35.38 -0.30 12.39
C LEU C 76 36.65 0.30 11.81
N TRP C 77 36.60 0.80 10.58
CA TRP C 77 37.78 1.42 9.97
C TRP C 77 38.05 2.79 10.57
N ALA C 78 37.00 3.55 10.91
CA ALA C 78 37.20 4.84 11.54
C ALA C 78 37.85 4.69 12.91
N LEU C 79 37.45 3.67 13.66
CA LEU C 79 38.08 3.42 14.96
C LEU C 79 39.53 3.00 14.79
N GLN C 80 39.84 2.21 13.77
CA GLN C 80 41.21 1.79 13.53
C GLN C 80 42.10 2.98 13.19
N LEU C 81 41.58 3.91 12.39
CA LEU C 81 42.36 5.10 12.03
C LEU C 81 42.65 5.96 13.25
N ILE C 82 41.65 6.15 14.12
CA ILE C 82 41.85 6.99 15.30
C ILE C 82 42.87 6.36 16.24
N PHE C 83 42.79 5.04 16.43
CA PHE C 83 43.74 4.37 17.32
C PHE C 83 45.15 4.38 16.75
N VAL C 84 45.28 4.19 15.43
CA VAL C 84 46.60 4.16 14.82
C VAL C 84 47.21 5.55 14.80
N SER C 85 46.41 6.58 14.53
CA SER C 85 46.93 7.94 14.43
C SER C 85 47.25 8.54 15.79
N THR C 86 46.85 7.89 16.88
CA THR C 86 47.05 8.49 18.20
C THR C 86 48.50 8.45 18.67
N PRO C 87 49.24 7.34 18.58
CA PRO C 87 50.64 7.38 19.03
C PRO C 87 51.49 8.39 18.30
N ALA C 88 51.21 8.64 17.02
CA ALA C 88 51.98 9.65 16.28
C ALA C 88 51.78 11.04 16.88
N LEU C 89 50.54 11.40 17.22
CA LEU C 89 50.30 12.71 17.80
C LEU C 89 50.71 12.77 19.26
N LEU C 90 50.65 11.65 19.98
CA LEU C 90 51.16 11.62 21.35
C LEU C 90 52.65 11.91 21.39
N VAL C 91 53.40 11.38 20.43
CA VAL C 91 54.83 11.63 20.36
C VAL C 91 55.09 13.12 20.15
N ALA C 92 54.33 13.76 19.26
CA ALA C 92 54.51 15.18 19.00
C ALA C 92 54.21 16.01 20.23
N MET C 93 53.12 15.70 20.93
CA MET C 93 52.75 16.47 22.12
C MET C 93 53.79 16.31 23.23
N HIS C 94 54.24 15.08 23.46
CA HIS C 94 55.25 14.85 24.50
C HIS C 94 56.56 15.53 24.16
N VAL C 95 56.95 15.51 22.89
CA VAL C 95 58.21 16.13 22.47
C VAL C 95 58.14 17.64 22.68
N ALA C 96 57.02 18.26 22.30
CA ALA C 96 56.88 19.70 22.50
C ALA C 96 56.89 20.05 23.98
N TYR C 97 56.38 19.15 24.82
CA TYR C 97 56.43 19.38 26.26
C TYR C 97 57.88 19.40 26.77
N ARG C 98 58.70 18.45 26.30
CA ARG C 98 60.08 18.40 26.75
C ARG C 98 60.88 19.61 26.29
N ARG C 99 60.50 20.20 25.15
CA ARG C 99 61.17 21.41 24.70
C ARG C 99 60.91 22.57 25.66
N HIS C 100 59.74 22.61 26.26
CA HIS C 100 59.40 23.63 27.25
C HIS C 100 60.15 23.38 28.55
N VAL C 126 65.37 14.05 11.07
CA VAL C 126 65.00 13.73 12.44
C VAL C 126 65.83 12.57 12.96
N ARG C 127 66.61 12.83 14.01
CA ARG C 127 67.42 11.81 14.65
C ARG C 127 66.74 11.33 15.93
N ILE C 128 66.92 10.04 16.23
CA ILE C 128 66.30 9.40 17.38
C ILE C 128 67.40 9.08 18.39
N GLU C 129 67.34 9.73 19.55
CA GLU C 129 68.38 9.57 20.56
C GLU C 129 67.83 9.97 21.92
N GLY C 130 68.53 9.55 22.97
CA GLY C 130 68.17 9.94 24.32
C GLY C 130 66.87 9.31 24.78
N SER C 131 66.14 10.05 25.62
CA SER C 131 64.87 9.58 26.14
C SER C 131 63.81 9.47 25.05
N LEU C 132 63.93 10.26 23.98
CA LEU C 132 62.99 10.18 22.87
C LEU C 132 63.06 8.83 22.17
N TRP C 133 64.17 8.10 22.31
CA TRP C 133 64.28 6.79 21.69
C TRP C 133 63.25 5.82 22.24
N TRP C 134 63.02 5.84 23.56
CA TRP C 134 62.07 4.91 24.15
C TRP C 134 60.65 5.23 23.72
N THR C 135 60.31 6.51 23.58
CA THR C 135 58.97 6.88 23.15
C THR C 135 58.71 6.47 21.71
N TYR C 136 59.67 6.75 20.82
CA TYR C 136 59.48 6.46 19.40
C TYR C 136 59.36 4.96 19.15
N THR C 137 60.23 4.16 19.76
CA THR C 137 60.15 2.72 19.58
C THR C 137 58.85 2.16 20.11
N SER C 138 58.41 2.65 21.28
CA SER C 138 57.15 2.19 21.84
C SER C 138 55.96 2.62 20.98
N SER C 139 56.01 3.84 20.43
CA SER C 139 54.89 4.33 19.63
C SER C 139 54.69 3.47 18.39
N ILE C 140 55.77 3.06 17.74
CA ILE C 140 55.64 2.18 16.57
C ILE C 140 55.12 0.82 17.00
N PHE C 141 55.56 0.33 18.17
CA PHE C 141 55.12 -0.97 18.65
C PHE C 141 53.62 -0.99 18.88
N PHE C 142 53.05 0.09 19.42
CA PHE C 142 51.61 0.17 19.61
C PHE C 142 50.88 0.14 18.28
N ARG C 143 51.43 0.80 17.27
CA ARG C 143 50.77 0.84 15.97
C ARG C 143 50.66 -0.55 15.35
N VAL C 144 51.70 -1.38 15.50
CA VAL C 144 51.61 -2.75 15.01
C VAL C 144 50.56 -3.52 15.79
N ILE C 145 50.51 -3.34 17.11
CA ILE C 145 49.54 -4.05 17.92
C ILE C 145 48.12 -3.63 17.54
N PHE C 146 47.89 -2.32 17.41
CA PHE C 146 46.57 -1.83 17.05
C PHE C 146 46.17 -2.28 15.66
N GLU C 147 47.10 -2.21 14.70
CA GLU C 147 46.78 -2.59 13.33
C GLU C 147 46.46 -4.07 13.21
N ALA C 148 47.23 -4.92 13.89
CA ALA C 148 47.00 -6.36 13.80
C ALA C 148 45.75 -6.75 14.57
N ALA C 149 45.47 -6.08 15.69
CA ALA C 149 44.27 -6.40 16.45
C ALA C 149 43.01 -6.11 15.66
N PHE C 150 42.97 -4.97 14.97
CA PHE C 150 41.80 -4.62 14.17
C PHE C 150 41.69 -5.52 12.95
N MET C 151 42.81 -5.95 12.37
CA MET C 151 42.77 -6.93 11.29
C MET C 151 42.21 -8.25 11.78
N TYR C 152 42.56 -8.65 13.00
CA TYR C 152 42.05 -9.90 13.55
C TYR C 152 40.55 -9.83 13.80
N VAL C 153 40.07 -8.70 14.32
CA VAL C 153 38.64 -8.54 14.59
C VAL C 153 37.85 -8.59 13.29
N PHE C 154 38.40 -8.01 12.22
CA PHE C 154 37.72 -8.03 10.93
C PHE C 154 37.52 -9.45 10.44
N TYR C 155 38.53 -10.30 10.61
CA TYR C 155 38.43 -11.68 10.12
C TYR C 155 37.47 -12.50 10.97
N VAL C 156 37.58 -12.38 12.30
CA VAL C 156 36.76 -13.20 13.19
C VAL C 156 35.30 -12.80 13.10
N MET C 157 35.03 -11.49 13.14
CA MET C 157 33.65 -11.02 13.16
C MET C 157 32.94 -11.32 11.85
N TYR C 158 33.65 -11.27 10.73
CA TYR C 158 33.04 -11.40 9.42
C TYR C 158 33.55 -12.62 8.66
N ASP C 159 34.05 -13.64 9.37
CA ASP C 159 34.45 -14.95 8.87
C ASP C 159 35.05 -14.91 7.46
N GLY C 160 35.97 -13.96 7.24
CA GLY C 160 36.59 -13.76 5.97
C GLY C 160 36.49 -12.32 5.52
N PHE C 161 36.93 -12.07 4.30
CA PHE C 161 36.95 -10.72 3.73
C PHE C 161 35.99 -10.58 2.56
N SER C 162 35.18 -11.58 2.28
CA SER C 162 34.23 -11.55 1.19
C SER C 162 32.81 -11.52 1.74
N MET C 163 32.02 -10.55 1.31
CA MET C 163 30.64 -10.41 1.76
C MET C 163 29.73 -11.28 0.90
N GLN C 164 28.73 -11.87 1.54
CA GLN C 164 27.81 -12.77 0.89
C GLN C 164 26.54 -12.03 0.47
N ARG C 165 25.89 -12.54 -0.58
CA ARG C 165 24.62 -11.96 -1.01
C ARG C 165 23.48 -12.38 -0.08
N LEU C 166 23.52 -13.61 0.43
CA LEU C 166 22.44 -14.17 1.21
C LEU C 166 22.94 -14.52 2.61
N VAL C 167 22.18 -14.10 3.62
CA VAL C 167 22.41 -14.49 5.00
C VAL C 167 21.16 -15.21 5.51
N LYS C 168 21.37 -16.36 6.15
CA LYS C 168 20.28 -17.13 6.72
C LYS C 168 20.20 -16.82 8.21
N CYS C 169 18.98 -16.79 8.74
CA CYS C 169 18.74 -16.07 9.98
C CYS C 169 17.67 -16.80 10.79
N ASN C 170 18.01 -17.19 12.03
CA ASN C 170 17.06 -17.90 12.88
C ASN C 170 16.87 -17.25 14.24
N ALA C 171 17.31 -16.01 14.42
CA ALA C 171 17.17 -15.35 15.71
C ALA C 171 15.72 -14.93 15.95
N TRP C 172 15.31 -14.94 17.21
CA TRP C 172 13.98 -14.49 17.58
C TRP C 172 13.82 -13.02 17.23
N PRO C 173 12.67 -12.59 16.71
CA PRO C 173 11.43 -13.34 16.49
C PRO C 173 11.28 -13.92 15.09
N CYS C 174 12.36 -14.08 14.32
CA CYS C 174 12.24 -14.62 12.98
C CYS C 174 11.79 -16.07 13.04
N PRO C 175 10.70 -16.44 12.35
CA PRO C 175 10.22 -17.82 12.42
C PRO C 175 11.08 -18.76 11.58
N ASN C 176 11.55 -19.84 12.21
CA ASN C 176 12.44 -20.83 11.59
C ASN C 176 13.65 -20.09 11.06
N THR C 177 14.04 -20.28 9.80
CA THR C 177 15.15 -19.57 9.18
C THR C 177 14.61 -18.72 8.04
N VAL C 178 14.96 -17.44 8.05
CA VAL C 178 14.51 -16.51 7.02
C VAL C 178 15.70 -16.14 6.14
N ASP C 179 15.40 -15.78 4.90
CA ASP C 179 16.40 -15.36 3.93
C ASP C 179 16.47 -13.84 3.90
N CYS C 180 17.67 -13.30 3.99
CA CYS C 180 17.88 -11.86 3.93
C CYS C 180 18.98 -11.55 2.94
N PHE C 181 18.91 -10.38 2.32
CA PHE C 181 19.78 -10.03 1.21
C PHE C 181 20.50 -8.72 1.50
N VAL C 182 21.80 -8.74 1.26
CA VAL C 182 22.70 -7.63 1.58
C VAL C 182 22.71 -6.63 0.43
N SER C 183 22.89 -5.36 0.78
CA SER C 183 23.02 -4.30 -0.21
C SER C 183 24.48 -4.16 -0.66
N ARG C 184 24.69 -4.16 -1.97
CA ARG C 184 25.99 -3.95 -2.58
C ARG C 184 27.12 -4.83 -2.03
N PRO C 185 26.94 -6.14 -1.99
CA PRO C 185 28.01 -7.00 -1.43
C PRO C 185 29.30 -6.98 -2.23
N THR C 186 29.25 -6.82 -3.56
CA THR C 186 30.46 -6.86 -4.36
C THR C 186 31.29 -5.60 -4.17
N GLU C 187 30.64 -4.43 -4.18
CA GLU C 187 31.37 -3.18 -3.90
C GLU C 187 32.00 -3.22 -2.52
N LYS C 188 31.28 -3.73 -1.53
CA LYS C 188 31.79 -3.77 -0.17
C LYS C 188 32.98 -4.71 -0.05
N THR C 189 32.97 -5.82 -0.80
CA THR C 189 34.13 -6.71 -0.81
C THR C 189 35.34 -6.02 -1.42
N VAL C 190 35.14 -5.26 -2.50
CA VAL C 190 36.25 -4.61 -3.18
C VAL C 190 36.95 -3.62 -2.25
N PHE C 191 36.17 -2.83 -1.52
CA PHE C 191 36.76 -1.87 -0.60
C PHE C 191 37.33 -2.55 0.63
N THR C 192 36.72 -3.66 1.07
CA THR C 192 37.29 -4.42 2.18
C THR C 192 38.65 -4.99 1.81
N VAL C 193 38.77 -5.57 0.62
CA VAL C 193 40.03 -6.12 0.17
C VAL C 193 41.08 -5.02 0.07
N PHE C 194 40.67 -3.85 -0.41
CA PHE C 194 41.60 -2.73 -0.54
C PHE C 194 42.13 -2.28 0.82
N MET C 195 41.24 -2.13 1.81
CA MET C 195 41.67 -1.64 3.11
C MET C 195 42.53 -2.67 3.84
N ILE C 196 42.18 -3.95 3.75
CA ILE C 196 42.98 -4.99 4.38
C ILE C 196 44.37 -5.03 3.78
N ALA C 197 44.46 -4.95 2.45
CA ALA C 197 45.76 -5.02 1.79
C ALA C 197 46.64 -3.82 2.16
N VAL C 198 46.05 -2.63 2.19
CA VAL C 198 46.83 -1.44 2.54
C VAL C 198 47.24 -1.48 4.01
N SER C 199 46.38 -2.02 4.87
CA SER C 199 46.73 -2.19 6.27
C SER C 199 47.88 -3.17 6.43
N GLY C 200 47.90 -4.23 5.63
CA GLY C 200 49.02 -5.17 5.67
C GLY C 200 50.32 -4.53 5.26
N ILE C 201 50.27 -3.60 4.31
CA ILE C 201 51.46 -2.85 3.91
C ILE C 201 51.96 -2.02 5.07
N CYS C 202 51.05 -1.34 5.77
CA CYS C 202 51.44 -0.50 6.91
C CYS C 202 52.08 -1.32 8.02
N ILE C 203 51.66 -2.58 8.19
CA ILE C 203 52.28 -3.44 9.19
C ILE C 203 53.73 -3.71 8.82
N LEU C 204 53.99 -3.99 7.54
CA LEU C 204 55.34 -4.30 7.10
C LEU C 204 56.26 -3.10 7.25
N LEU C 205 55.76 -1.90 6.94
CA LEU C 205 56.58 -0.71 7.07
C LEU C 205 56.94 -0.43 8.52
N ASN C 206 55.99 -0.66 9.43
CA ASN C 206 56.30 -0.48 10.84
C ASN C 206 57.24 -1.57 11.35
N VAL C 207 57.09 -2.78 10.82
CA VAL C 207 57.98 -3.87 11.23
C VAL C 207 59.41 -3.58 10.79
N THR C 208 59.58 -3.06 9.57
CA THR C 208 60.93 -2.79 9.08
C THR C 208 61.59 -1.66 9.85
N GLU C 209 60.79 -0.81 10.50
CA GLU C 209 61.36 0.23 11.36
C GLU C 209 62.04 -0.38 12.58
N LEU C 210 61.41 -1.38 13.20
CA LEU C 210 62.03 -2.10 14.31
C LEU C 210 63.25 -2.89 13.87
N CYS C 211 63.39 -3.19 12.59
CA CYS C 211 64.62 -3.78 12.08
C CYS C 211 65.73 -2.76 11.97
N TYR C 212 65.42 -1.54 11.53
CA TYR C 212 66.41 -0.48 11.41
C TYR C 212 66.69 0.22 12.73
N LEU C 213 65.93 -0.10 13.79
CA LEU C 213 66.18 0.45 15.11
C LEU C 213 66.88 -0.52 16.04
N LEU C 214 66.62 -1.82 15.89
CA LEU C 214 67.34 -2.81 16.69
C LEU C 214 68.71 -3.10 16.12
N ILE C 215 68.90 -2.97 14.80
CA ILE C 215 70.22 -3.14 14.22
C ILE C 215 71.12 -1.98 14.62
N ARG C 216 70.55 -0.80 14.84
CA ARG C 216 71.35 0.34 15.29
C ARG C 216 71.70 0.23 16.77
N TYR C 217 70.81 -0.37 17.57
CA TYR C 217 70.98 -0.44 19.02
C TYR C 217 71.62 -1.75 19.48
N CYS C 218 70.99 -2.88 19.15
CA CYS C 218 71.49 -4.16 19.64
C CYS C 218 72.76 -4.58 18.93
N SER C 219 72.85 -4.32 17.62
CA SER C 219 74.06 -4.67 16.89
C SER C 219 75.14 -3.61 17.05
N GLY C 220 74.81 -2.47 17.65
CA GLY C 220 75.77 -1.41 17.87
C GLY C 220 76.04 -1.14 19.34
N LEU D 6 44.12 24.34 0.06
CA LEU D 6 43.85 23.84 -1.28
C LEU D 6 44.64 24.62 -2.32
N GLN D 7 44.67 25.96 -2.15
CA GLN D 7 45.46 26.79 -3.04
C GLN D 7 46.94 26.47 -2.94
N THR D 8 47.42 26.24 -1.72
CA THR D 8 48.83 25.90 -1.52
C THR D 8 49.16 24.57 -2.20
N ILE D 9 48.28 23.59 -2.10
CA ILE D 9 48.52 22.29 -2.71
C ILE D 9 48.58 22.42 -4.23
N LEU D 10 47.63 23.15 -4.82
CA LEU D 10 47.66 23.39 -6.26
C LEU D 10 48.90 24.21 -6.63
N GLY D 11 49.20 25.25 -5.85
CA GLY D 11 50.37 26.05 -6.14
C GLY D 11 51.67 25.29 -5.94
N GLY D 12 51.73 24.45 -4.90
CA GLY D 12 52.94 23.69 -4.65
C GLY D 12 53.26 22.72 -5.77
N VAL D 13 52.25 22.00 -6.24
CA VAL D 13 52.45 21.09 -7.37
C VAL D 13 52.72 21.88 -8.64
N ASN D 14 52.09 23.06 -8.77
CA ASN D 14 52.27 23.87 -9.97
C ASN D 14 53.72 24.33 -10.12
N LYS D 15 54.34 24.76 -9.03
CA LYS D 15 55.67 25.35 -9.11
C LYS D 15 56.76 24.32 -9.39
N HIS D 16 56.44 23.04 -9.35
CA HIS D 16 57.43 21.97 -9.51
C HIS D 16 57.10 21.06 -10.69
N SER D 17 56.75 21.66 -11.84
CA SER D 17 56.38 20.90 -13.01
C SER D 17 56.96 21.57 -14.25
N THR D 18 57.08 20.78 -15.32
CA THR D 18 57.67 21.24 -16.57
C THR D 18 56.63 21.99 -17.40
N SER D 19 56.94 22.22 -18.68
CA SER D 19 56.04 22.98 -19.55
C SER D 19 54.69 22.29 -19.70
N ILE D 20 54.69 21.01 -20.06
CA ILE D 20 53.44 20.28 -20.18
C ILE D 20 52.89 19.89 -18.83
N GLY D 21 53.74 19.83 -17.79
CA GLY D 21 53.27 19.48 -16.47
C GLY D 21 52.28 20.47 -15.90
N LYS D 22 52.26 21.70 -16.44
CA LYS D 22 51.24 22.66 -16.02
C LYS D 22 49.94 22.44 -16.76
N ILE D 23 50.00 22.06 -18.04
CA ILE D 23 48.78 21.73 -18.78
C ILE D 23 48.12 20.51 -18.18
N TRP D 24 48.93 19.50 -17.83
CA TRP D 24 48.38 18.28 -17.24
C TRP D 24 47.64 18.55 -15.94
N LEU D 25 48.05 19.59 -15.20
CA LEU D 25 47.42 19.86 -13.91
C LEU D 25 46.04 20.47 -14.08
N THR D 26 45.86 21.29 -15.12
CA THR D 26 44.53 21.84 -15.38
C THR D 26 43.56 20.76 -15.84
N VAL D 27 44.01 19.86 -16.70
CA VAL D 27 43.16 18.79 -17.19
C VAL D 27 42.73 17.88 -16.05
N LEU D 28 43.56 17.79 -15.00
CA LEU D 28 43.21 16.95 -13.87
C LEU D 28 42.24 17.66 -12.93
N PHE D 29 42.54 18.90 -12.57
CA PHE D 29 41.71 19.59 -11.58
C PHE D 29 40.42 20.12 -12.18
N ILE D 30 40.53 20.84 -13.29
CA ILE D 30 39.37 21.52 -13.85
C ILE D 30 38.32 20.52 -14.31
N PHE D 31 38.75 19.40 -14.88
CA PHE D 31 37.83 18.50 -15.55
C PHE D 31 37.61 17.20 -14.80
N ARG D 32 38.67 16.46 -14.46
CA ARG D 32 38.47 15.20 -13.78
C ARG D 32 37.84 15.39 -12.40
N ILE D 33 38.31 16.36 -11.64
CA ILE D 33 37.89 16.52 -10.25
C ILE D 33 36.61 17.34 -10.15
N MET D 34 36.56 18.50 -10.80
CA MET D 34 35.40 19.38 -10.67
C MET D 34 34.14 18.73 -11.23
N ILE D 35 34.25 18.08 -12.39
CA ILE D 35 33.09 17.44 -13.00
C ILE D 35 32.62 16.27 -12.14
N LEU D 36 33.57 15.50 -11.59
CA LEU D 36 33.21 14.42 -10.69
C LEU D 36 32.51 14.93 -9.44
N VAL D 37 32.95 16.08 -8.92
CA VAL D 37 32.42 16.61 -7.67
C VAL D 37 31.12 17.38 -7.92
N VAL D 38 31.19 18.43 -8.72
CA VAL D 38 30.06 19.37 -8.83
C VAL D 38 29.05 18.98 -9.89
N ALA D 39 29.31 17.95 -10.68
CA ALA D 39 28.35 17.63 -11.72
C ALA D 39 27.90 16.18 -11.72
N ALA D 40 28.79 15.24 -11.45
CA ALA D 40 28.48 13.83 -11.65
C ALA D 40 28.10 13.08 -10.38
N LYS D 41 28.47 13.58 -9.20
CA LYS D 41 28.22 12.84 -7.97
C LYS D 41 26.73 12.66 -7.73
N GLU D 42 25.93 13.69 -8.03
CA GLU D 42 24.48 13.61 -7.83
C GLU D 42 23.76 12.91 -8.97
N VAL D 43 24.41 12.69 -10.10
CA VAL D 43 23.82 11.88 -11.16
C VAL D 43 23.68 10.43 -10.69
N TRP D 44 24.64 9.95 -9.91
CA TRP D 44 24.65 8.58 -9.41
C TRP D 44 24.04 8.47 -8.01
N GLY D 45 23.41 9.54 -7.51
CA GLY D 45 22.90 9.51 -6.16
C GLY D 45 21.79 8.48 -5.96
N ASP D 46 20.92 8.32 -6.94
CA ASP D 46 19.78 7.42 -6.86
C ASP D 46 19.97 6.16 -7.71
N GLU D 47 21.21 5.69 -7.82
CA GLU D 47 21.53 4.59 -8.72
C GLU D 47 20.81 3.30 -8.33
N GLN D 48 20.72 3.00 -7.03
CA GLN D 48 19.99 1.82 -6.58
C GLN D 48 18.60 2.14 -6.09
N ALA D 49 18.35 3.37 -5.63
CA ALA D 49 17.02 3.74 -5.18
C ALA D 49 16.01 3.68 -6.32
N ASP D 50 16.39 4.14 -7.51
CA ASP D 50 15.50 4.14 -8.67
C ASP D 50 15.82 3.01 -9.64
N PHE D 51 16.58 2.01 -9.21
CA PHE D 51 16.70 0.77 -9.97
C PHE D 51 15.42 -0.04 -9.82
N VAL D 52 14.72 -0.28 -10.92
CA VAL D 52 13.38 -0.86 -10.91
C VAL D 52 13.41 -2.19 -11.65
N CYS D 53 12.89 -3.23 -11.02
CA CYS D 53 12.82 -4.56 -11.61
C CYS D 53 11.37 -5.03 -11.66
N ASN D 54 10.98 -5.60 -12.80
CA ASN D 54 9.62 -6.10 -13.00
C ASN D 54 9.54 -7.50 -12.41
N THR D 55 9.28 -7.55 -11.10
CA THR D 55 9.21 -8.83 -10.39
C THR D 55 8.51 -8.62 -9.07
N LEU D 56 8.08 -9.74 -8.48
CA LEU D 56 7.56 -9.76 -7.11
C LEU D 56 8.44 -10.58 -6.17
N GLN D 57 9.66 -10.92 -6.60
CA GLN D 57 10.53 -11.78 -5.81
C GLN D 57 11.33 -10.95 -4.82
N PRO D 58 11.22 -11.21 -3.52
CA PRO D 58 12.04 -10.47 -2.55
C PRO D 58 13.51 -10.80 -2.71
N GLY D 59 14.34 -9.76 -2.74
CA GLY D 59 15.77 -9.93 -2.89
C GLY D 59 16.25 -10.01 -4.32
N CYS D 60 15.34 -10.06 -5.29
CA CYS D 60 15.74 -10.12 -6.69
C CYS D 60 16.43 -8.83 -7.13
N LYS D 61 15.90 -7.69 -6.71
CA LYS D 61 16.48 -6.40 -7.10
C LYS D 61 17.87 -6.23 -6.52
N ASN D 62 18.09 -6.70 -5.30
CA ASN D 62 19.39 -6.53 -4.66
C ASN D 62 20.50 -7.25 -5.41
N VAL D 63 20.25 -8.49 -5.83
CA VAL D 63 21.32 -9.26 -6.47
C VAL D 63 21.46 -8.87 -7.94
N CYS D 64 20.40 -8.37 -8.57
CA CYS D 64 20.51 -7.97 -9.97
C CYS D 64 21.28 -6.66 -10.11
N TYR D 65 21.03 -5.71 -9.22
CA TYR D 65 21.83 -4.48 -9.23
C TYR D 65 23.29 -4.77 -8.94
N ASP D 66 23.54 -5.67 -7.99
CA ASP D 66 24.92 -6.01 -7.64
C ASP D 66 25.63 -6.70 -8.80
N HIS D 67 24.91 -7.54 -9.54
CA HIS D 67 25.52 -8.26 -10.66
C HIS D 67 25.96 -7.29 -11.76
N TYR D 68 25.15 -6.28 -12.06
CA TYR D 68 25.43 -5.42 -13.21
C TYR D 68 26.23 -4.19 -12.85
N PHE D 69 26.31 -3.82 -11.58
CA PHE D 69 27.13 -2.70 -11.13
C PHE D 69 27.98 -3.14 -9.95
N PRO D 70 28.97 -4.02 -10.18
CA PRO D 70 29.81 -4.47 -9.07
C PRO D 70 30.55 -3.34 -8.37
N ILE D 71 30.94 -2.31 -9.11
CA ILE D 71 31.44 -1.07 -8.51
C ILE D 71 30.86 0.08 -9.31
N SER D 72 30.47 1.15 -8.61
CA SER D 72 29.89 2.30 -9.28
C SER D 72 30.93 3.01 -10.15
N HIS D 73 30.43 3.72 -11.17
CA HIS D 73 31.33 4.49 -12.02
C HIS D 73 32.03 5.58 -11.22
N ILE D 74 31.30 6.27 -10.35
CA ILE D 74 31.90 7.36 -9.59
C ILE D 74 32.93 6.83 -8.59
N ARG D 75 32.68 5.66 -8.02
CA ARG D 75 33.67 5.05 -7.13
C ARG D 75 34.90 4.61 -7.92
N LEU D 76 34.70 4.14 -9.15
CA LEU D 76 35.84 3.78 -9.99
C LEU D 76 36.65 5.01 -10.37
N TRP D 77 35.98 6.12 -10.68
CA TRP D 77 36.69 7.34 -11.04
C TRP D 77 37.43 7.93 -9.84
N ALA D 78 36.82 7.86 -8.66
CA ALA D 78 37.47 8.38 -7.46
C ALA D 78 38.74 7.58 -7.15
N LEU D 79 38.68 6.26 -7.33
CA LEU D 79 39.87 5.44 -7.15
C LEU D 79 40.95 5.80 -8.17
N GLN D 80 40.54 6.06 -9.42
CA GLN D 80 41.51 6.41 -10.45
C GLN D 80 42.21 7.72 -10.13
N LEU D 81 41.46 8.72 -9.67
CA LEU D 81 42.06 10.03 -9.38
C LEU D 81 43.04 9.93 -8.22
N ILE D 82 42.73 9.13 -7.20
CA ILE D 82 43.65 8.95 -6.09
C ILE D 82 44.93 8.27 -6.55
N PHE D 83 44.80 7.23 -7.39
CA PHE D 83 45.97 6.48 -7.83
C PHE D 83 46.86 7.33 -8.73
N VAL D 84 46.28 8.29 -9.44
CA VAL D 84 47.05 9.06 -10.42
C VAL D 84 47.71 10.26 -9.74
N SER D 85 47.04 10.86 -8.76
CA SER D 85 47.60 12.01 -8.08
C SER D 85 48.76 11.63 -7.15
N THR D 86 48.82 10.37 -6.71
CA THR D 86 49.86 9.98 -5.77
C THR D 86 51.27 10.08 -6.35
N PRO D 87 51.58 9.54 -7.53
CA PRO D 87 52.96 9.70 -8.05
C PRO D 87 53.35 11.15 -8.24
N ALA D 88 52.41 12.02 -8.62
CA ALA D 88 52.74 13.43 -8.80
C ALA D 88 53.13 14.09 -7.49
N LEU D 89 52.59 13.60 -6.37
CA LEU D 89 52.91 14.17 -5.07
C LEU D 89 53.94 13.36 -4.30
N LEU D 90 54.08 12.07 -4.60
CA LEU D 90 55.16 11.29 -4.00
C LEU D 90 56.52 11.83 -4.42
N VAL D 91 56.65 12.25 -5.68
CA VAL D 91 57.90 12.84 -6.13
C VAL D 91 58.17 14.16 -5.43
N ALA D 92 57.11 14.87 -5.01
CA ALA D 92 57.31 16.14 -4.31
C ALA D 92 57.74 15.91 -2.88
N MET D 93 57.15 14.92 -2.20
CA MET D 93 57.54 14.61 -0.83
C MET D 93 58.97 14.10 -0.77
N HIS D 94 59.37 13.28 -1.74
CA HIS D 94 60.76 12.85 -1.82
C HIS D 94 61.68 14.03 -2.10
N VAL D 95 61.22 14.99 -2.90
CA VAL D 95 62.03 16.17 -3.21
C VAL D 95 62.29 16.97 -1.94
N ALA D 96 61.27 17.15 -1.10
CA ALA D 96 61.48 17.87 0.16
C ALA D 96 62.45 17.13 1.06
N TYR D 97 62.35 15.81 1.13
CA TYR D 97 63.28 15.02 1.95
C TYR D 97 64.71 15.12 1.42
N ARG D 98 64.89 14.89 0.12
CA ARG D 98 66.24 14.93 -0.44
C ARG D 98 66.83 16.33 -0.38
N ARG D 99 66.00 17.36 -0.60
CA ARG D 99 66.50 18.73 -0.50
C ARG D 99 66.93 19.05 0.93
N HIS D 100 66.17 18.56 1.92
CA HIS D 100 66.51 18.82 3.31
C HIS D 100 67.84 18.18 3.69
N GLU D 101 68.08 16.95 3.26
CA GLU D 101 69.32 16.25 3.58
C GLU D 101 70.46 16.75 2.69
N VAL D 126 61.32 24.20 -13.50
CA VAL D 126 62.02 23.12 -12.82
C VAL D 126 62.70 22.21 -13.85
N ARG D 127 64.02 22.14 -13.78
CA ARG D 127 64.78 21.30 -14.68
C ARG D 127 64.94 19.90 -14.09
N ILE D 128 65.30 18.96 -14.95
CA ILE D 128 65.45 17.55 -14.58
C ILE D 128 66.91 17.16 -14.74
N GLU D 129 67.52 16.69 -13.66
CA GLU D 129 68.94 16.35 -13.66
C GLU D 129 69.24 15.43 -12.50
N GLY D 130 70.33 14.66 -12.65
CA GLY D 130 70.83 13.86 -11.55
C GLY D 130 69.86 12.77 -11.13
N SER D 131 69.77 12.57 -9.80
CA SER D 131 68.91 11.52 -9.25
C SER D 131 67.43 11.79 -9.48
N LEU D 132 67.03 13.06 -9.55
CA LEU D 132 65.63 13.39 -9.77
C LEU D 132 65.12 12.88 -11.11
N TRP D 133 66.04 12.63 -12.06
CA TRP D 133 65.62 12.14 -13.38
C TRP D 133 64.93 10.78 -13.26
N TRP D 134 65.48 9.89 -12.45
CA TRP D 134 64.88 8.57 -12.31
C TRP D 134 63.54 8.62 -11.62
N THR D 135 63.40 9.48 -10.60
CA THR D 135 62.13 9.56 -9.88
C THR D 135 61.05 10.19 -10.75
N TYR D 136 61.39 11.25 -11.49
CA TYR D 136 60.39 11.92 -12.32
C TYR D 136 59.95 11.02 -13.47
N THR D 137 60.90 10.38 -14.15
CA THR D 137 60.54 9.49 -15.25
C THR D 137 59.70 8.31 -14.80
N SER D 138 60.03 7.71 -13.65
CA SER D 138 59.24 6.61 -13.13
C SER D 138 57.82 7.07 -12.75
N SER D 139 57.70 8.29 -12.20
CA SER D 139 56.39 8.80 -11.84
C SER D 139 55.52 8.99 -13.08
N ILE D 140 56.10 9.47 -14.17
CA ILE D 140 55.36 9.60 -15.42
C ILE D 140 54.94 8.23 -15.93
N PHE D 141 55.84 7.24 -15.81
CA PHE D 141 55.52 5.90 -16.29
C PHE D 141 54.38 5.28 -15.51
N PHE D 142 54.35 5.47 -14.19
CA PHE D 142 53.30 4.89 -13.36
C PHE D 142 51.93 5.47 -13.71
N ARG D 143 51.87 6.78 -13.97
CA ARG D 143 50.60 7.41 -14.29
C ARG D 143 50.03 6.85 -15.59
N VAL D 144 50.89 6.57 -16.57
CA VAL D 144 50.42 5.96 -17.81
C VAL D 144 49.85 4.58 -17.55
N ILE D 145 50.53 3.79 -16.71
CA ILE D 145 50.04 2.45 -16.39
C ILE D 145 48.72 2.53 -15.64
N PHE D 146 48.63 3.43 -14.66
CA PHE D 146 47.39 3.58 -13.90
C PHE D 146 46.26 4.06 -14.78
N GLU D 147 46.54 4.97 -15.71
CA GLU D 147 45.51 5.45 -16.62
C GLU D 147 44.96 4.32 -17.49
N ALA D 148 45.85 3.55 -18.11
CA ALA D 148 45.42 2.52 -19.04
C ALA D 148 44.72 1.38 -18.31
N ALA D 149 45.21 1.03 -17.12
CA ALA D 149 44.60 -0.07 -16.37
C ALA D 149 43.16 0.26 -15.98
N PHE D 150 42.93 1.49 -15.49
CA PHE D 150 41.59 1.86 -15.09
C PHE D 150 40.67 2.01 -16.29
N MET D 151 41.20 2.48 -17.42
CA MET D 151 40.41 2.55 -18.64
C MET D 151 40.06 1.16 -19.15
N TYR D 152 40.97 0.21 -18.98
CA TYR D 152 40.69 -1.17 -19.40
C TYR D 152 39.66 -1.82 -18.48
N VAL D 153 39.72 -1.52 -17.19
CA VAL D 153 38.71 -2.04 -16.26
C VAL D 153 37.33 -1.50 -16.62
N PHE D 154 37.26 -0.23 -16.98
CA PHE D 154 35.97 0.35 -17.38
C PHE D 154 35.41 -0.36 -18.60
N TYR D 155 36.25 -0.65 -19.59
CA TYR D 155 35.78 -1.27 -20.81
C TYR D 155 35.34 -2.72 -20.56
N VAL D 156 36.18 -3.50 -19.88
CA VAL D 156 35.88 -4.91 -19.69
C VAL D 156 34.67 -5.10 -18.78
N MET D 157 34.64 -4.39 -17.64
CA MET D 157 33.58 -4.59 -16.67
C MET D 157 32.22 -4.15 -17.22
N TYR D 158 32.19 -3.05 -17.95
CA TYR D 158 30.94 -2.49 -18.43
C TYR D 158 30.77 -2.61 -19.95
N ASP D 159 31.46 -3.58 -20.56
CA ASP D 159 31.35 -3.99 -21.97
C ASP D 159 31.01 -2.82 -22.89
N GLY D 160 31.80 -1.76 -22.82
CA GLY D 160 31.56 -0.55 -23.58
C GLY D 160 31.36 0.63 -22.67
N PHE D 161 31.16 1.79 -23.29
CA PHE D 161 30.99 3.05 -22.57
C PHE D 161 29.57 3.59 -22.64
N SER D 162 28.64 2.81 -23.17
CA SER D 162 27.22 3.21 -23.25
C SER D 162 26.42 2.40 -22.24
N MET D 163 25.58 3.08 -21.48
CA MET D 163 24.74 2.44 -20.49
C MET D 163 23.38 2.10 -21.10
N GLN D 164 22.90 0.89 -20.85
CA GLN D 164 21.65 0.42 -21.42
C GLN D 164 20.48 0.76 -20.50
N ARG D 165 19.32 0.99 -21.11
CA ARG D 165 18.11 1.20 -20.33
C ARG D 165 17.66 -0.08 -19.63
N LEU D 166 17.78 -1.22 -20.32
CA LEU D 166 17.25 -2.49 -19.85
C LEU D 166 18.38 -3.47 -19.64
N VAL D 167 18.38 -4.13 -18.49
CA VAL D 167 19.29 -5.24 -18.20
C VAL D 167 18.45 -6.46 -17.89
N LYS D 168 18.87 -7.61 -18.43
CA LYS D 168 18.17 -8.87 -18.22
C LYS D 168 18.99 -9.72 -17.25
N CYS D 169 18.35 -10.09 -16.14
CA CYS D 169 19.04 -10.70 -15.01
C CYS D 169 18.38 -12.03 -14.67
N ASN D 170 19.21 -13.05 -14.46
CA ASN D 170 18.70 -14.38 -14.12
C ASN D 170 19.42 -15.00 -12.93
N ALA D 171 20.03 -14.18 -12.08
CA ALA D 171 20.71 -14.71 -10.90
C ALA D 171 19.70 -15.08 -9.83
N TRP D 172 20.05 -16.10 -9.04
CA TRP D 172 19.22 -16.47 -7.91
C TRP D 172 19.12 -15.30 -6.93
N PRO D 173 17.95 -15.06 -6.33
CA PRO D 173 16.71 -15.85 -6.37
C PRO D 173 15.71 -15.42 -7.45
N CYS D 174 16.13 -14.67 -8.45
CA CYS D 174 15.20 -14.22 -9.48
C CYS D 174 14.69 -15.40 -10.29
N PRO D 175 13.38 -15.51 -10.52
CA PRO D 175 12.85 -16.63 -11.32
C PRO D 175 12.99 -16.35 -12.81
N ASN D 176 13.61 -17.29 -13.53
CA ASN D 176 13.84 -17.20 -14.97
C ASN D 176 14.66 -15.94 -15.22
N THR D 177 14.30 -15.11 -16.20
CA THR D 177 14.98 -13.85 -16.47
C THR D 177 14.06 -12.70 -16.11
N VAL D 178 14.61 -11.72 -15.38
CA VAL D 178 13.83 -10.60 -14.87
C VAL D 178 14.29 -9.33 -15.58
N ASP D 179 13.34 -8.51 -16.02
CA ASP D 179 13.65 -7.24 -16.64
C ASP D 179 13.86 -6.17 -15.59
N CYS D 180 14.97 -5.45 -15.69
CA CYS D 180 15.30 -4.38 -14.76
C CYS D 180 15.69 -3.14 -15.55
N PHE D 181 15.40 -1.97 -14.97
CA PHE D 181 15.55 -0.70 -15.67
C PHE D 181 16.48 0.21 -14.89
N VAL D 182 17.43 0.80 -15.60
CA VAL D 182 18.49 1.61 -15.02
C VAL D 182 18.01 3.06 -14.90
N SER D 183 18.49 3.73 -13.86
CA SER D 183 18.16 5.13 -13.61
C SER D 183 19.14 6.03 -14.37
N ARG D 184 18.59 6.98 -15.12
CA ARG D 184 19.36 7.98 -15.87
C ARG D 184 20.46 7.39 -16.76
N PRO D 185 20.14 6.42 -17.62
CA PRO D 185 21.20 5.83 -18.46
C PRO D 185 21.84 6.80 -19.43
N THR D 186 21.08 7.76 -19.98
CA THR D 186 21.64 8.65 -20.98
C THR D 186 22.60 9.66 -20.37
N GLU D 187 22.24 10.24 -19.22
CA GLU D 187 23.12 11.20 -18.57
C GLU D 187 24.41 10.53 -18.10
N LYS D 188 24.31 9.28 -17.65
CA LYS D 188 25.51 8.56 -17.24
C LYS D 188 26.40 8.23 -18.44
N THR D 189 25.81 7.98 -19.60
CA THR D 189 26.60 7.77 -20.81
C THR D 189 27.36 9.04 -21.20
N VAL D 190 26.72 10.20 -21.06
CA VAL D 190 27.37 11.46 -21.42
C VAL D 190 28.58 11.71 -20.54
N PHE D 191 28.44 11.49 -19.23
CA PHE D 191 29.56 11.72 -18.32
C PHE D 191 30.62 10.63 -18.44
N THR D 192 30.22 9.41 -18.79
CA THR D 192 31.20 8.36 -19.04
C THR D 192 32.07 8.68 -20.23
N VAL D 193 31.46 9.15 -21.32
CA VAL D 193 32.23 9.54 -22.50
C VAL D 193 33.17 10.69 -22.17
N PHE D 194 32.68 11.65 -21.38
CA PHE D 194 33.52 12.78 -21.01
C PHE D 194 34.73 12.35 -20.19
N MET D 195 34.53 11.46 -19.22
CA MET D 195 35.63 11.01 -18.38
C MET D 195 36.64 10.19 -19.18
N ILE D 196 36.16 9.31 -20.05
CA ILE D 196 37.06 8.48 -20.83
C ILE D 196 37.88 9.32 -21.80
N ALA D 197 37.25 10.28 -22.46
CA ALA D 197 37.96 11.11 -23.44
C ALA D 197 39.05 11.93 -22.77
N VAL D 198 38.75 12.53 -21.62
CA VAL D 198 39.76 13.32 -20.92
C VAL D 198 40.89 12.45 -20.40
N SER D 199 40.56 11.22 -19.98
CA SER D 199 41.60 10.29 -19.56
C SER D 199 42.54 9.94 -20.71
N GLY D 200 41.98 9.76 -21.91
CA GLY D 200 42.82 9.53 -23.07
C GLY D 200 43.72 10.69 -23.40
N ILE D 201 43.24 11.92 -23.18
CA ILE D 201 44.07 13.10 -23.39
C ILE D 201 45.25 13.09 -22.44
N CYS D 202 45.01 12.77 -21.16
CA CYS D 202 46.10 12.71 -20.19
C CYS D 202 47.09 11.61 -20.55
N ILE D 203 46.63 10.54 -21.19
CA ILE D 203 47.55 9.51 -21.67
C ILE D 203 48.47 10.08 -22.73
N LEU D 204 47.92 10.84 -23.67
CA LEU D 204 48.73 11.41 -24.74
C LEU D 204 49.70 12.44 -24.20
N LEU D 205 49.27 13.26 -23.23
CA LEU D 205 50.16 14.26 -22.65
C LEU D 205 51.31 13.62 -21.88
N ASN D 206 51.10 12.42 -21.33
CA ASN D 206 52.16 11.79 -20.55
C ASN D 206 53.15 11.06 -21.45
N VAL D 207 52.67 10.37 -22.48
CA VAL D 207 53.59 9.70 -23.39
C VAL D 207 54.38 10.73 -24.19
N THR D 208 53.81 11.91 -24.42
CA THR D 208 54.57 12.98 -25.07
C THR D 208 55.71 13.45 -24.19
N GLU D 209 55.45 13.61 -22.89
CA GLU D 209 56.50 14.03 -21.96
C GLU D 209 57.62 12.99 -21.88
N LEU D 210 57.26 11.70 -22.01
CA LEU D 210 58.29 10.67 -22.05
C LEU D 210 59.14 10.80 -23.29
N CYS D 211 58.54 11.15 -24.44
CA CYS D 211 59.31 11.32 -25.66
C CYS D 211 60.30 12.47 -25.53
N TYR D 212 59.88 13.59 -24.92
CA TYR D 212 60.79 14.70 -24.72
C TYR D 212 61.95 14.32 -23.83
N LEU D 213 61.67 13.59 -22.74
CA LEU D 213 62.74 13.18 -21.83
C LEU D 213 63.69 12.20 -22.51
N LEU D 214 63.15 11.27 -23.31
CA LEU D 214 64.01 10.32 -24.01
C LEU D 214 64.87 11.01 -25.06
N ILE D 215 64.30 12.00 -25.75
CA ILE D 215 65.07 12.73 -26.75
C ILE D 215 66.22 13.50 -26.09
N ARG D 216 65.92 14.19 -24.99
CA ARG D 216 66.92 15.05 -24.36
C ARG D 216 68.01 14.24 -23.69
N TYR D 217 67.67 13.09 -23.09
CA TYR D 217 68.63 12.34 -22.30
C TYR D 217 69.33 11.25 -23.12
N CYS D 218 68.57 10.29 -23.64
CA CYS D 218 69.19 9.17 -24.35
C CYS D 218 69.55 9.55 -25.77
N SER D 219 68.64 10.21 -26.50
CA SER D 219 68.97 10.69 -27.83
C SER D 219 69.87 11.91 -27.80
N GLY D 220 69.92 12.62 -26.67
CA GLY D 220 70.84 13.73 -26.54
C GLY D 220 72.29 13.31 -26.58
N LYS D 221 72.59 12.12 -26.07
CA LYS D 221 73.96 11.61 -26.07
C LYS D 221 74.50 11.44 -27.49
N LEU E 6 38.53 31.40 -2.08
CA LEU E 6 37.67 32.00 -3.08
C LEU E 6 38.08 33.45 -3.34
N GLN E 7 38.37 34.18 -2.26
CA GLN E 7 38.76 35.59 -2.41
C GLN E 7 40.07 35.73 -3.17
N THR E 8 41.04 34.88 -2.88
CA THR E 8 42.32 34.93 -3.58
C THR E 8 42.16 34.62 -5.06
N ILE E 9 41.36 33.60 -5.39
CA ILE E 9 41.16 33.22 -6.79
C ILE E 9 40.48 34.35 -7.55
N LEU E 10 39.43 34.94 -6.96
CA LEU E 10 38.80 36.10 -7.57
C LEU E 10 39.78 37.27 -7.62
N GLY E 11 40.55 37.47 -6.55
CA GLY E 11 41.53 38.54 -6.55
C GLY E 11 42.64 38.32 -7.57
N GLY E 12 43.05 37.07 -7.76
CA GLY E 12 44.05 36.78 -8.78
C GLY E 12 43.55 37.04 -10.18
N VAL E 13 42.33 36.60 -10.50
CA VAL E 13 41.81 36.73 -11.85
C VAL E 13 41.48 38.19 -12.17
N ASN E 14 40.85 38.90 -11.23
CA ASN E 14 40.38 40.25 -11.52
C ASN E 14 41.54 41.22 -11.71
N LYS E 15 42.65 41.01 -11.02
CA LYS E 15 43.80 41.91 -11.17
C LYS E 15 44.34 41.89 -12.59
N HIS E 16 44.41 40.71 -13.20
CA HIS E 16 44.93 40.56 -14.56
C HIS E 16 43.81 40.62 -15.59
N SER E 17 43.04 41.70 -15.58
CA SER E 17 41.91 41.86 -16.47
C SER E 17 41.81 43.32 -16.92
N THR E 18 41.11 43.52 -18.03
CA THR E 18 40.95 44.85 -18.61
C THR E 18 39.69 45.52 -18.06
N SER E 19 39.26 46.61 -18.69
CA SER E 19 38.10 47.35 -18.22
C SER E 19 36.84 46.51 -18.27
N ILE E 20 36.42 46.12 -19.48
CA ILE E 20 35.22 45.31 -19.65
C ILE E 20 35.44 43.92 -19.05
N GLY E 21 36.66 43.39 -19.15
CA GLY E 21 36.93 42.06 -18.65
C GLY E 21 36.69 41.91 -17.16
N LYS E 22 36.62 43.03 -16.44
CA LYS E 22 36.25 42.97 -15.03
C LYS E 22 34.73 43.03 -14.85
N ILE E 23 34.03 43.73 -15.75
CA ILE E 23 32.57 43.66 -15.74
C ILE E 23 32.12 42.23 -16.05
N TRP E 24 32.75 41.60 -17.03
CA TRP E 24 32.41 40.22 -17.39
C TRP E 24 32.59 39.27 -16.22
N LEU E 25 33.54 39.56 -15.32
CA LEU E 25 33.75 38.69 -14.17
C LEU E 25 32.61 38.80 -13.18
N THR E 26 32.02 39.99 -13.05
CA THR E 26 30.89 40.15 -12.14
C THR E 26 29.67 39.41 -12.66
N VAL E 27 29.39 39.52 -13.96
CA VAL E 27 28.25 38.81 -14.53
C VAL E 27 28.44 37.30 -14.46
N LEU E 28 29.69 36.84 -14.41
CA LEU E 28 29.92 35.40 -14.31
C LEU E 28 29.77 34.90 -12.89
N PHE E 29 30.47 35.53 -11.94
CA PHE E 29 30.47 35.01 -10.57
C PHE E 29 29.15 35.30 -9.86
N ILE E 30 28.76 36.57 -9.81
CA ILE E 30 27.61 36.96 -9.01
C ILE E 30 26.33 36.35 -9.55
N PHE E 31 26.23 36.20 -10.87
CA PHE E 31 24.97 35.75 -11.46
C PHE E 31 24.99 34.30 -11.91
N ARG E 32 25.96 33.90 -12.72
CA ARG E 32 25.95 32.51 -13.19
C ARG E 32 26.22 31.55 -12.04
N ILE E 33 27.26 31.79 -11.26
CA ILE E 33 27.65 30.82 -10.22
C ILE E 33 26.70 30.89 -9.04
N MET E 34 26.38 32.09 -8.57
CA MET E 34 25.57 32.21 -7.35
C MET E 34 24.15 31.72 -7.58
N ILE E 35 23.53 32.09 -8.70
CA ILE E 35 22.18 31.61 -8.99
C ILE E 35 22.17 30.09 -9.07
N LEU E 36 23.21 29.51 -9.69
CA LEU E 36 23.28 28.07 -9.85
C LEU E 36 23.34 27.35 -8.51
N VAL E 37 24.15 27.86 -7.57
CA VAL E 37 24.41 27.12 -6.35
C VAL E 37 23.52 27.55 -5.18
N VAL E 38 23.01 28.78 -5.20
CA VAL E 38 22.20 29.25 -4.08
C VAL E 38 20.73 28.92 -4.29
N ALA E 39 20.21 29.07 -5.51
CA ALA E 39 18.80 28.87 -5.76
C ALA E 39 18.50 27.72 -6.70
N ALA E 40 19.13 27.69 -7.87
CA ALA E 40 18.71 26.77 -8.92
C ALA E 40 18.95 25.32 -8.57
N LYS E 41 19.99 25.02 -7.79
CA LYS E 41 20.36 23.62 -7.57
C LYS E 41 19.27 22.85 -6.84
N GLU E 42 18.66 23.45 -5.82
CA GLU E 42 17.62 22.76 -5.07
C GLU E 42 16.26 22.79 -5.75
N VAL E 43 16.08 23.63 -6.78
CA VAL E 43 14.87 23.57 -7.59
C VAL E 43 14.81 22.25 -8.34
N TRP E 44 15.96 21.75 -8.78
CA TRP E 44 16.05 20.53 -9.56
C TRP E 44 16.28 19.29 -8.72
N GLY E 45 16.23 19.41 -7.39
CA GLY E 45 16.56 18.28 -6.54
C GLY E 45 15.57 17.12 -6.66
N ASP E 46 14.28 17.44 -6.80
CA ASP E 46 13.23 16.44 -6.89
C ASP E 46 12.80 16.17 -8.34
N GLU E 47 13.72 16.35 -9.29
CA GLU E 47 13.35 16.30 -10.70
C GLU E 47 12.82 14.94 -11.11
N GLN E 48 13.42 13.85 -10.63
CA GLN E 48 12.93 12.53 -10.94
C GLN E 48 12.08 11.92 -9.85
N ALA E 49 12.27 12.35 -8.59
CA ALA E 49 11.47 11.81 -7.50
C ALA E 49 9.99 12.14 -7.68
N ASP E 50 9.67 13.37 -8.08
CA ASP E 50 8.30 13.80 -8.28
C ASP E 50 7.90 13.86 -9.75
N PHE E 51 8.65 13.21 -10.62
CA PHE E 51 8.19 12.91 -11.97
C PHE E 51 7.09 11.86 -11.86
N VAL E 52 5.89 12.19 -12.31
CA VAL E 52 4.72 11.33 -12.11
C VAL E 52 4.17 10.93 -13.48
N CYS E 53 3.99 9.63 -13.67
CA CYS E 53 3.46 9.08 -14.92
C CYS E 53 2.17 8.33 -14.63
N ASN E 54 1.15 8.57 -15.45
CA ASN E 54 -0.15 7.91 -15.31
C ASN E 54 -0.08 6.57 -16.01
N THR E 55 0.35 5.54 -15.28
CA THR E 55 0.52 4.21 -15.83
C THR E 55 0.69 3.23 -14.69
N LEU E 56 0.57 1.94 -15.02
CA LEU E 56 0.89 0.86 -14.09
C LEU E 56 2.04 0.00 -14.58
N GLN E 57 2.74 0.42 -15.62
CA GLN E 57 3.80 -0.39 -16.22
C GLN E 57 5.11 -0.20 -15.46
N PRO E 58 5.72 -1.25 -14.94
CA PRO E 58 7.02 -1.10 -14.28
C PRO E 58 8.10 -0.70 -15.27
N GLY E 59 8.93 0.26 -14.85
CA GLY E 59 10.01 0.75 -15.67
C GLY E 59 9.63 1.79 -16.69
N CYS E 60 8.34 2.11 -16.82
CA CYS E 60 7.91 3.10 -17.80
C CYS E 60 8.31 4.50 -17.38
N LYS E 61 8.28 4.78 -16.09
CA LYS E 61 8.69 6.09 -15.59
C LYS E 61 10.18 6.33 -15.84
N ASN E 62 11.00 5.29 -15.67
CA ASN E 62 12.44 5.45 -15.84
C ASN E 62 12.80 5.85 -17.27
N VAL E 63 12.19 5.20 -18.26
CA VAL E 63 12.59 5.47 -19.64
C VAL E 63 11.98 6.76 -20.16
N CYS E 64 10.81 7.15 -19.66
CA CYS E 64 10.19 8.40 -20.11
C CYS E 64 10.92 9.60 -19.54
N TYR E 65 11.34 9.54 -18.28
CA TYR E 65 12.16 10.61 -17.73
C TYR E 65 13.49 10.71 -18.46
N ASP E 66 14.10 9.57 -18.76
CA ASP E 66 15.38 9.58 -19.46
C ASP E 66 15.24 10.15 -20.86
N HIS E 67 14.14 9.86 -21.54
CA HIS E 67 13.94 10.34 -22.90
C HIS E 67 13.83 11.86 -22.94
N TYR E 68 13.10 12.46 -21.99
CA TYR E 68 12.83 13.89 -22.05
C TYR E 68 13.86 14.73 -21.32
N PHE E 69 14.73 14.12 -20.51
CA PHE E 69 15.81 14.84 -19.83
C PHE E 69 17.08 14.04 -19.95
N PRO E 70 17.66 13.98 -21.16
CA PRO E 70 18.93 13.25 -21.32
C PRO E 70 20.05 13.79 -20.46
N ILE E 71 20.04 15.09 -20.16
CA ILE E 71 20.91 15.66 -19.14
C ILE E 71 20.16 16.79 -18.47
N SER E 72 20.33 16.92 -17.16
CA SER E 72 19.64 17.94 -16.40
C SER E 72 20.10 19.34 -16.81
N HIS E 73 19.21 20.32 -16.63
CA HIS E 73 19.57 21.70 -16.93
C HIS E 73 20.75 22.16 -16.08
N ILE E 74 20.73 21.84 -14.78
CA ILE E 74 21.79 22.30 -13.88
C ILE E 74 23.11 21.62 -14.21
N ARG E 75 23.05 20.37 -14.66
CA ARG E 75 24.28 19.71 -15.10
C ARG E 75 24.81 20.33 -16.38
N LEU E 76 23.91 20.71 -17.29
CA LEU E 76 24.33 21.42 -18.49
C LEU E 76 24.94 22.78 -18.16
N TRP E 77 24.35 23.50 -17.20
CA TRP E 77 24.89 24.80 -16.81
C TRP E 77 26.22 24.65 -16.08
N ALA E 78 26.37 23.61 -15.27
CA ALA E 78 27.63 23.38 -14.57
C ALA E 78 28.75 23.11 -15.55
N LEU E 79 28.49 22.31 -16.59
CA LEU E 79 29.49 22.06 -17.61
C LEU E 79 29.83 23.32 -18.39
N GLN E 80 28.82 24.14 -18.68
CA GLN E 80 29.05 25.38 -19.42
C GLN E 80 29.94 26.34 -18.62
N LEU E 81 29.70 26.43 -17.31
CA LEU E 81 30.51 27.33 -16.49
C LEU E 81 31.96 26.88 -16.42
N ILE E 82 32.18 25.56 -16.36
CA ILE E 82 33.54 25.04 -16.33
C ILE E 82 34.25 25.34 -17.65
N PHE E 83 33.56 25.13 -18.77
CA PHE E 83 34.18 25.36 -20.07
C PHE E 83 34.46 26.84 -20.30
N VAL E 84 33.52 27.71 -19.95
CA VAL E 84 33.68 29.13 -20.24
C VAL E 84 34.79 29.73 -19.38
N SER E 85 34.92 29.29 -18.13
CA SER E 85 35.93 29.83 -17.24
C SER E 85 37.32 29.24 -17.48
N THR E 86 37.42 28.15 -18.24
CA THR E 86 38.72 27.52 -18.46
C THR E 86 39.70 28.41 -19.24
N PRO E 87 39.33 29.02 -20.37
CA PRO E 87 40.32 29.86 -21.08
C PRO E 87 40.84 31.01 -20.25
N ALA E 88 40.01 31.59 -19.39
CA ALA E 88 40.49 32.69 -18.54
C ALA E 88 41.59 32.22 -17.60
N LEU E 89 41.42 31.04 -16.99
CA LEU E 89 42.43 30.55 -16.07
C LEU E 89 43.64 30.00 -16.81
N LEU E 90 43.45 29.47 -18.02
CA LEU E 90 44.57 29.01 -18.82
C LEU E 90 45.50 30.16 -19.17
N VAL E 91 44.93 31.33 -19.46
CA VAL E 91 45.74 32.51 -19.73
C VAL E 91 46.55 32.89 -18.50
N ALA E 92 45.92 32.83 -17.32
CA ALA E 92 46.62 33.18 -16.08
C ALA E 92 47.77 32.23 -15.82
N MET E 93 47.56 30.93 -16.04
CA MET E 93 48.63 29.96 -15.81
C MET E 93 49.78 30.16 -16.79
N HIS E 94 49.47 30.48 -18.05
CA HIS E 94 50.53 30.70 -19.04
C HIS E 94 51.25 32.02 -18.79
N VAL E 95 50.56 33.01 -18.23
CA VAL E 95 51.21 34.29 -17.93
C VAL E 95 52.28 34.11 -16.87
N ALA E 96 51.98 33.32 -15.83
CA ALA E 96 53.00 33.03 -14.82
C ALA E 96 54.14 32.22 -15.40
N TYR E 97 53.86 31.38 -16.40
CA TYR E 97 54.92 30.61 -17.05
C TYR E 97 55.92 31.52 -17.74
N ARG E 98 55.44 32.55 -18.44
CA ARG E 98 56.34 33.44 -19.17
C ARG E 98 57.10 34.36 -18.23
N ARG E 99 56.44 34.87 -17.19
CA ARG E 99 57.10 35.80 -16.28
C ARG E 99 58.24 35.12 -15.52
N HIS E 100 58.02 33.87 -15.10
CA HIS E 100 59.10 33.12 -14.46
C HIS E 100 60.14 32.64 -15.46
N GLU E 101 59.86 32.77 -16.76
CA GLU E 101 60.81 32.38 -17.79
C GLU E 101 61.70 33.57 -18.18
N VAL E 126 45.43 46.29 -17.46
CA VAL E 126 46.38 45.30 -17.98
C VAL E 126 46.53 45.45 -19.48
N ARG E 127 47.65 46.03 -19.90
CA ARG E 127 47.90 46.23 -21.33
C ARG E 127 48.15 44.89 -22.02
N ILE E 128 47.74 44.82 -23.28
CA ILE E 128 47.89 43.61 -24.10
C ILE E 128 48.91 43.94 -25.18
N GLU E 129 50.03 43.21 -25.19
CA GLU E 129 51.12 43.50 -26.11
C GLU E 129 51.95 42.25 -26.32
N GLY E 130 52.71 42.24 -27.42
CA GLY E 130 53.58 41.11 -27.71
C GLY E 130 52.81 39.86 -28.08
N SER E 131 53.36 38.71 -27.68
CA SER E 131 52.70 37.43 -27.94
C SER E 131 51.54 37.17 -27.00
N LEU E 132 51.42 37.94 -25.91
CA LEU E 132 50.24 37.84 -25.06
C LEU E 132 48.98 38.28 -25.79
N TRP E 133 49.12 39.02 -26.89
CA TRP E 133 47.97 39.37 -27.71
C TRP E 133 47.29 38.14 -28.28
N TRP E 134 48.07 37.19 -28.77
CA TRP E 134 47.47 36.02 -29.42
C TRP E 134 46.72 35.15 -28.41
N THR E 135 47.26 34.99 -27.21
CA THR E 135 46.59 34.18 -26.20
C THR E 135 45.30 34.84 -25.74
N TYR E 136 45.34 36.14 -25.45
CA TYR E 136 44.15 36.83 -24.96
C TYR E 136 43.06 36.87 -26.02
N THR E 137 43.44 37.15 -27.27
CA THR E 137 42.44 37.20 -28.34
C THR E 137 41.81 35.84 -28.57
N SER E 138 42.62 34.77 -28.53
CA SER E 138 42.07 33.43 -28.71
C SER E 138 41.16 33.05 -27.55
N SER E 139 41.52 33.44 -26.32
CA SER E 139 40.70 33.11 -25.17
C SER E 139 39.32 33.74 -25.28
N ILE E 140 39.26 34.99 -25.74
CA ILE E 140 37.96 35.64 -25.95
C ILE E 140 37.17 34.91 -27.03
N PHE E 141 37.85 34.51 -28.11
CA PHE E 141 37.17 33.82 -29.20
C PHE E 141 36.63 32.47 -28.76
N PHE E 142 37.38 31.73 -27.95
CA PHE E 142 36.92 30.43 -27.46
C PHE E 142 35.70 30.58 -26.57
N ARG E 143 35.69 31.62 -25.71
CA ARG E 143 34.57 31.80 -24.80
C ARG E 143 33.26 32.07 -25.55
N VAL E 144 33.33 32.85 -26.63
CA VAL E 144 32.13 33.10 -27.43
C VAL E 144 31.64 31.81 -28.06
N ILE E 145 32.54 31.00 -28.58
CA ILE E 145 32.16 29.74 -29.21
C ILE E 145 31.56 28.79 -28.18
N PHE E 146 32.18 28.67 -27.01
CA PHE E 146 31.64 27.81 -25.97
C PHE E 146 30.27 28.30 -25.50
N GLU E 147 30.12 29.61 -25.34
CA GLU E 147 28.83 30.15 -24.92
C GLU E 147 27.75 29.88 -25.94
N ALA E 148 28.05 30.07 -27.22
CA ALA E 148 27.04 29.86 -28.26
C ALA E 148 26.72 28.38 -28.44
N ALA E 149 27.74 27.52 -28.29
CA ALA E 149 27.51 26.08 -28.44
C ALA E 149 26.56 25.56 -27.37
N PHE E 150 26.79 25.94 -26.11
CA PHE E 150 25.91 25.49 -25.03
C PHE E 150 24.53 26.10 -25.16
N MET E 151 24.44 27.36 -25.59
CA MET E 151 23.13 27.96 -25.84
C MET E 151 22.41 27.26 -26.98
N TYR E 152 23.17 26.76 -27.96
CA TYR E 152 22.56 26.01 -29.06
C TYR E 152 22.07 24.64 -28.60
N VAL E 153 22.86 23.95 -27.78
CA VAL E 153 22.47 22.64 -27.29
C VAL E 153 21.23 22.74 -26.41
N PHE E 154 21.14 23.82 -25.63
CA PHE E 154 19.95 24.01 -24.79
C PHE E 154 18.69 24.13 -25.64
N TYR E 155 18.78 24.85 -26.76
CA TYR E 155 17.60 25.05 -27.60
C TYR E 155 17.21 23.78 -28.34
N VAL E 156 18.20 23.06 -28.89
CA VAL E 156 17.90 21.86 -29.67
C VAL E 156 17.39 20.75 -28.77
N MET E 157 18.07 20.53 -27.64
CA MET E 157 17.71 19.41 -26.77
C MET E 157 16.33 19.59 -26.14
N TYR E 158 15.98 20.82 -25.79
CA TYR E 158 14.75 21.09 -25.04
C TYR E 158 13.76 21.94 -25.84
N ASP E 159 13.87 21.93 -27.17
CA ASP E 159 12.95 22.55 -28.12
C ASP E 159 12.34 23.85 -27.61
N GLY E 160 13.18 24.77 -27.17
CA GLY E 160 12.76 26.02 -26.59
C GLY E 160 13.20 26.16 -25.15
N PHE E 161 12.83 27.29 -24.56
CA PHE E 161 13.24 27.62 -23.19
C PHE E 161 12.10 27.52 -22.20
N SER E 162 10.96 26.96 -22.60
CA SER E 162 9.82 26.76 -21.72
C SER E 162 9.68 25.29 -21.38
N MET E 163 9.51 24.99 -20.10
CA MET E 163 9.28 23.62 -19.66
C MET E 163 7.78 23.37 -19.58
N GLN E 164 7.33 22.28 -20.21
CA GLN E 164 5.91 21.97 -20.25
C GLN E 164 5.49 21.21 -18.99
N ARG E 165 4.20 21.32 -18.67
CA ARG E 165 3.67 20.57 -17.53
C ARG E 165 3.50 19.09 -17.88
N LEU E 166 3.15 18.78 -19.12
CA LEU E 166 2.82 17.43 -19.53
C LEU E 166 3.69 17.01 -20.70
N VAL E 167 4.27 15.82 -20.61
CA VAL E 167 5.01 15.20 -21.70
C VAL E 167 4.31 13.90 -22.08
N LYS E 168 4.21 13.64 -23.38
CA LYS E 168 3.62 12.42 -23.89
C LYS E 168 4.74 11.50 -24.38
N CYS E 169 4.77 10.29 -23.84
CA CYS E 169 5.90 9.39 -24.04
C CYS E 169 5.40 8.04 -24.53
N ASN E 170 6.03 7.51 -25.57
CA ASN E 170 5.64 6.22 -26.13
C ASN E 170 6.82 5.26 -26.27
N ALA E 171 7.90 5.49 -25.52
CA ALA E 171 9.04 4.60 -25.58
C ALA E 171 8.74 3.28 -24.88
N TRP E 172 9.37 2.21 -25.36
CA TRP E 172 9.24 0.92 -24.72
C TRP E 172 9.80 0.99 -23.30
N PRO E 173 9.17 0.34 -22.32
CA PRO E 173 8.01 -0.55 -22.39
C PRO E 173 6.68 0.12 -22.11
N CYS E 174 6.57 1.44 -22.25
CA CYS E 174 5.30 2.10 -22.01
C CYS E 174 4.28 1.69 -23.07
N PRO E 175 3.09 1.24 -22.69
CA PRO E 175 2.09 0.84 -23.68
C PRO E 175 1.42 2.05 -24.32
N ASN E 176 1.42 2.09 -25.64
CA ASN E 176 0.83 3.18 -26.43
C ASN E 176 1.51 4.48 -26.02
N THR E 177 0.78 5.52 -25.67
CA THR E 177 1.34 6.78 -25.20
C THR E 177 0.83 7.04 -23.79
N VAL E 178 1.76 7.36 -22.88
CA VAL E 178 1.41 7.58 -21.48
C VAL E 178 1.64 9.05 -21.16
N ASP E 179 0.90 9.53 -20.16
CA ASP E 179 0.97 10.91 -19.72
C ASP E 179 1.87 11.00 -18.49
N CYS E 180 2.86 11.88 -18.56
CA CYS E 180 3.77 12.11 -17.45
C CYS E 180 3.82 13.60 -17.13
N PHE E 181 4.06 13.92 -15.86
CA PHE E 181 3.94 15.28 -15.37
C PHE E 181 5.25 15.71 -14.72
N VAL E 182 5.71 16.89 -15.11
CA VAL E 182 6.99 17.43 -14.69
C VAL E 182 6.83 18.17 -13.36
N SER E 183 7.86 18.10 -12.53
CA SER E 183 7.88 18.78 -11.25
C SER E 183 8.39 20.20 -11.40
N ARG E 184 7.67 21.16 -10.84
CA ARG E 184 8.02 22.58 -10.85
C ARG E 184 8.41 23.13 -12.23
N PRO E 185 7.59 22.92 -13.26
CA PRO E 185 7.97 23.42 -14.59
C PRO E 185 8.07 24.93 -14.67
N THR E 186 7.24 25.68 -13.93
CA THR E 186 7.26 27.13 -14.03
C THR E 186 8.51 27.72 -13.39
N GLU E 187 8.89 27.24 -12.20
CA GLU E 187 10.11 27.72 -11.57
C GLU E 187 11.34 27.40 -12.41
N LYS E 188 11.34 26.23 -13.05
CA LYS E 188 12.45 25.87 -13.92
C LYS E 188 12.49 26.75 -15.16
N THR E 189 11.32 27.15 -15.67
CA THR E 189 11.29 28.07 -16.81
C THR E 189 11.87 29.43 -16.43
N VAL E 190 11.56 29.91 -15.22
CA VAL E 190 12.04 31.22 -14.80
C VAL E 190 13.56 31.23 -14.71
N PHE E 191 14.15 30.19 -14.13
CA PHE E 191 15.60 30.14 -14.01
C PHE E 191 16.26 29.83 -15.34
N THR E 192 15.58 29.12 -16.24
CA THR E 192 16.12 28.88 -17.57
C THR E 192 16.20 30.17 -18.36
N VAL E 193 15.18 31.01 -18.27
CA VAL E 193 15.20 32.30 -18.95
C VAL E 193 16.30 33.18 -18.37
N PHE E 194 16.46 33.16 -17.05
CA PHE E 194 17.48 33.99 -16.40
C PHE E 194 18.89 33.59 -16.84
N MET E 195 19.15 32.28 -16.95
CA MET E 195 20.48 31.85 -17.35
C MET E 195 20.76 32.16 -18.82
N ILE E 196 19.78 31.95 -19.69
CA ILE E 196 19.98 32.22 -21.11
C ILE E 196 20.22 33.71 -21.33
N ALA E 197 19.45 34.56 -20.67
CA ALA E 197 19.59 36.00 -20.86
C ALA E 197 20.96 36.49 -20.40
N VAL E 198 21.44 36.00 -19.25
CA VAL E 198 22.74 36.41 -18.76
C VAL E 198 23.86 35.88 -19.67
N SER E 199 23.69 34.66 -20.18
CA SER E 199 24.67 34.12 -21.12
C SER E 199 24.71 34.95 -22.40
N GLY E 200 23.55 35.40 -22.88
CA GLY E 200 23.52 36.27 -24.04
C GLY E 200 24.21 37.60 -23.79
N ILE E 201 24.07 38.13 -22.58
CA ILE E 201 24.77 39.35 -22.21
C ILE E 201 26.28 39.13 -22.22
N CYS E 202 26.73 38.01 -21.66
CA CYS E 202 28.15 37.70 -21.65
C CYS E 202 28.70 37.54 -23.06
N ILE E 203 27.89 37.02 -23.98
CA ILE E 203 28.30 36.95 -25.38
C ILE E 203 28.48 38.34 -25.95
N LEU E 204 27.55 39.25 -25.64
CA LEU E 204 27.64 40.61 -26.17
C LEU E 204 28.86 41.34 -25.65
N LEU E 205 29.18 41.16 -24.36
CA LEU E 205 30.37 41.78 -23.80
C LEU E 205 31.63 41.23 -24.45
N ASN E 206 31.68 39.92 -24.68
CA ASN E 206 32.86 39.31 -25.28
C ASN E 206 33.05 39.76 -26.73
N VAL E 207 31.95 39.91 -27.47
CA VAL E 207 32.04 40.36 -28.85
C VAL E 207 32.54 41.80 -28.90
N THR E 208 32.11 42.63 -27.94
CA THR E 208 32.57 44.00 -27.89
C THR E 208 34.08 44.08 -27.69
N GLU E 209 34.62 43.23 -26.81
CA GLU E 209 36.06 43.24 -26.56
C GLU E 209 36.84 42.88 -27.83
N LEU E 210 36.33 41.93 -28.61
CA LEU E 210 36.98 41.60 -29.88
C LEU E 210 36.94 42.77 -30.83
N CYS E 211 35.86 43.55 -30.82
CA CYS E 211 35.78 44.73 -31.68
C CYS E 211 36.82 45.77 -31.30
N TYR E 212 37.02 45.98 -29.99
CA TYR E 212 38.03 46.94 -29.55
C TYR E 212 39.43 46.53 -30.00
N LEU E 213 39.77 45.25 -29.83
CA LEU E 213 41.11 44.80 -30.19
C LEU E 213 41.30 44.82 -31.71
N LEU E 214 40.25 44.47 -32.47
CA LEU E 214 40.39 44.46 -33.92
C LEU E 214 40.41 45.87 -34.49
N ILE E 215 39.98 46.86 -33.72
CA ILE E 215 40.16 48.24 -34.14
C ILE E 215 41.64 48.64 -34.08
N ARG E 216 42.33 48.23 -33.00
CA ARG E 216 43.72 48.60 -32.82
C ARG E 216 44.60 48.02 -33.92
N TYR E 217 44.41 46.75 -34.25
CA TYR E 217 45.34 46.04 -35.13
C TYR E 217 44.92 46.08 -36.59
N CYS E 218 43.76 45.47 -36.91
CA CYS E 218 43.37 45.36 -38.31
C CYS E 218 42.86 46.69 -38.87
N SER E 219 42.05 47.40 -38.08
CA SER E 219 41.58 48.71 -38.52
C SER E 219 42.70 49.75 -38.48
N GLY E 220 43.72 49.52 -37.65
CA GLY E 220 44.86 50.42 -37.64
C GLY E 220 45.64 50.40 -38.94
N LYS E 221 45.75 49.22 -39.56
CA LYS E 221 46.45 49.08 -40.84
C LYS E 221 45.73 49.86 -41.94
N LEU F 6 35.25 35.50 4.27
CA LEU F 6 33.98 36.19 4.44
C LEU F 6 34.17 37.55 5.12
N GLN F 7 35.04 37.57 6.14
CA GLN F 7 35.33 38.83 6.83
C GLN F 7 35.97 39.84 5.90
N THR F 8 36.71 39.38 4.89
CA THR F 8 37.25 40.30 3.89
C THR F 8 36.12 40.98 3.12
N ILE F 9 35.09 40.22 2.73
CA ILE F 9 33.96 40.80 2.02
C ILE F 9 33.19 41.74 2.95
N LEU F 10 32.88 41.27 4.16
CA LEU F 10 32.17 42.11 5.12
C LEU F 10 33.02 43.31 5.54
N GLY F 11 34.31 43.09 5.77
CA GLY F 11 35.18 44.20 6.12
C GLY F 11 35.33 45.21 5.00
N GLY F 12 35.38 44.73 3.75
CA GLY F 12 35.55 45.64 2.64
C GLY F 12 34.38 46.60 2.48
N VAL F 13 33.15 46.08 2.55
CA VAL F 13 31.97 46.94 2.44
C VAL F 13 31.83 47.80 3.68
N ASN F 14 32.19 47.27 4.86
CA ASN F 14 32.07 48.03 6.09
C ASN F 14 33.00 49.25 6.08
N LYS F 15 34.23 49.08 5.59
CA LYS F 15 35.18 50.18 5.60
C LYS F 15 34.74 51.32 4.69
N HIS F 16 34.27 51.00 3.48
CA HIS F 16 33.92 52.01 2.48
C HIS F 16 32.42 52.22 2.50
N SER F 17 31.95 52.95 3.52
CA SER F 17 30.54 53.27 3.64
C SER F 17 30.40 54.54 4.47
N THR F 18 29.28 55.23 4.26
CA THR F 18 29.03 56.49 4.94
C THR F 18 28.50 56.22 6.34
N SER F 19 27.98 57.26 7.01
CA SER F 19 27.46 57.10 8.36
C SER F 19 26.27 56.17 8.40
N ILE F 20 25.28 56.40 7.54
CA ILE F 20 24.10 55.54 7.48
C ILE F 20 24.35 54.28 6.67
N GLY F 21 25.33 54.29 5.76
CA GLY F 21 25.57 53.12 4.94
C GLY F 21 25.99 51.90 5.71
N LYS F 22 26.50 52.09 6.93
CA LYS F 22 26.86 50.95 7.76
C LYS F 22 25.65 50.42 8.54
N ILE F 23 24.63 51.25 8.76
CA ILE F 23 23.40 50.76 9.35
C ILE F 23 22.65 49.86 8.38
N TRP F 24 22.59 50.26 7.10
CA TRP F 24 21.97 49.43 6.08
C TRP F 24 22.71 48.10 5.91
N LEU F 25 24.02 48.10 6.17
CA LEU F 25 24.80 46.88 6.00
C LEU F 25 24.48 45.86 7.09
N THR F 26 24.25 46.32 8.32
CA THR F 26 23.97 45.40 9.41
C THR F 26 22.56 44.84 9.32
N VAL F 27 21.61 45.61 8.76
CA VAL F 27 20.26 45.12 8.61
C VAL F 27 20.13 44.18 7.42
N LEU F 28 21.12 44.14 6.54
CA LEU F 28 21.12 43.22 5.41
C LEU F 28 21.73 41.88 5.76
N PHE F 29 22.81 41.86 6.53
CA PHE F 29 23.46 40.60 6.86
C PHE F 29 22.76 39.90 8.01
N ILE F 30 22.67 40.56 9.17
CA ILE F 30 22.18 39.91 10.38
C ILE F 30 20.73 39.49 10.22
N PHE F 31 19.96 40.18 9.39
CA PHE F 31 18.52 39.92 9.30
C PHE F 31 18.10 39.32 7.97
N ARG F 32 18.44 39.93 6.85
CA ARG F 32 18.03 39.36 5.56
C ARG F 32 18.75 38.05 5.30
N ILE F 33 20.07 38.02 5.51
CA ILE F 33 20.85 36.85 5.12
C ILE F 33 20.80 35.77 6.20
N MET F 34 21.04 36.15 7.46
CA MET F 34 21.11 35.15 8.52
C MET F 34 19.79 34.43 8.71
N ILE F 35 18.68 35.17 8.69
CA ILE F 35 17.37 34.56 8.89
C ILE F 35 17.00 33.67 7.70
N LEU F 36 17.32 34.12 6.49
CA LEU F 36 17.08 33.29 5.31
C LEU F 36 17.92 32.02 5.36
N VAL F 37 19.12 32.09 5.95
CA VAL F 37 20.03 30.95 5.94
C VAL F 37 19.80 30.03 7.13
N VAL F 38 19.68 30.58 8.34
CA VAL F 38 19.61 29.74 9.54
C VAL F 38 18.19 29.39 9.94
N ALA F 39 17.19 30.09 9.45
CA ALA F 39 15.84 29.73 9.87
C ALA F 39 14.88 29.48 8.72
N ALA F 40 14.93 30.30 7.66
CA ALA F 40 13.86 30.27 6.66
C ALA F 40 13.96 29.08 5.73
N LYS F 41 15.18 28.69 5.32
CA LYS F 41 15.32 27.70 4.28
C LYS F 41 14.82 26.32 4.70
N GLU F 42 14.89 26.00 6.00
CA GLU F 42 14.39 24.73 6.48
C GLU F 42 12.88 24.75 6.68
N VAL F 43 12.27 25.93 6.74
CA VAL F 43 10.81 26.03 6.80
C VAL F 43 10.20 25.62 5.47
N TRP F 44 10.85 25.96 4.36
CA TRP F 44 10.38 25.66 3.03
C TRP F 44 10.91 24.35 2.48
N GLY F 45 11.60 23.55 3.30
CA GLY F 45 12.24 22.35 2.80
C GLY F 45 11.24 21.33 2.27
N ASP F 46 10.11 21.16 2.95
CA ASP F 46 9.09 20.18 2.59
C ASP F 46 7.88 20.81 1.92
N GLU F 47 8.11 21.88 1.14
CA GLU F 47 7.00 22.65 0.59
C GLU F 47 6.14 21.82 -0.36
N GLN F 48 6.75 21.00 -1.20
CA GLN F 48 6.00 20.16 -2.11
C GLN F 48 5.84 18.72 -1.61
N ALA F 49 6.78 18.25 -0.78
CA ALA F 49 6.66 16.90 -0.22
C ALA F 49 5.43 16.77 0.67
N ASP F 50 5.14 17.81 1.45
CA ASP F 50 3.99 17.80 2.36
C ASP F 50 2.81 18.60 1.80
N PHE F 51 2.84 18.94 0.53
CA PHE F 51 1.68 19.50 -0.16
C PHE F 51 0.71 18.36 -0.47
N VAL F 52 -0.50 18.43 0.09
CA VAL F 52 -1.45 17.33 0.06
C VAL F 52 -2.70 17.77 -0.66
N CYS F 53 -3.17 16.95 -1.61
CA CYS F 53 -4.37 17.24 -2.37
C CYS F 53 -5.38 16.11 -2.21
N ASN F 54 -6.64 16.48 -1.99
CA ASN F 54 -7.73 15.52 -1.81
C ASN F 54 -8.20 15.07 -3.19
N THR F 55 -7.50 14.08 -3.74
CA THR F 55 -7.80 13.61 -5.09
C THR F 55 -7.17 12.25 -5.29
N LEU F 56 -7.65 11.55 -6.32
CA LEU F 56 -7.03 10.33 -6.81
C LEU F 56 -6.49 10.48 -8.23
N GLN F 57 -6.41 11.70 -8.74
CA GLN F 57 -6.01 11.95 -10.12
C GLN F 57 -4.50 12.03 -10.21
N PRO F 58 -3.84 11.19 -11.02
CA PRO F 58 -2.39 11.29 -11.17
C PRO F 58 -2.00 12.59 -11.86
N GLY F 59 -0.96 13.24 -11.34
CA GLY F 59 -0.44 14.47 -11.88
C GLY F 59 -1.19 15.71 -11.42
N CYS F 60 -2.28 15.55 -10.70
CA CYS F 60 -3.06 16.70 -10.26
C CYS F 60 -2.31 17.51 -9.22
N LYS F 61 -1.61 16.84 -8.31
CA LYS F 61 -0.83 17.53 -7.30
C LYS F 61 0.30 18.34 -7.93
N ASN F 62 0.92 17.79 -8.98
CA ASN F 62 2.03 18.47 -9.62
C ASN F 62 1.61 19.81 -10.23
N VAL F 63 0.49 19.83 -10.94
CA VAL F 63 0.09 21.05 -11.61
C VAL F 63 -0.54 22.04 -10.63
N CYS F 64 -1.14 21.57 -9.55
CA CYS F 64 -1.75 22.48 -8.58
C CYS F 64 -0.68 23.20 -7.77
N TYR F 65 0.37 22.48 -7.37
CA TYR F 65 1.47 23.13 -6.67
C TYR F 65 2.18 24.13 -7.57
N ASP F 66 2.38 23.77 -8.83
CA ASP F 66 3.02 24.68 -9.78
C ASP F 66 2.19 25.94 -9.99
N HIS F 67 0.86 25.78 -10.04
CA HIS F 67 -0.01 26.92 -10.28
C HIS F 67 0.06 27.94 -9.14
N TYR F 68 0.07 27.46 -7.90
CA TYR F 68 -0.04 28.35 -6.75
C TYR F 68 1.30 28.79 -6.19
N PHE F 69 2.39 28.12 -6.56
CA PHE F 69 3.74 28.51 -6.16
C PHE F 69 4.65 28.48 -7.38
N PRO F 70 4.47 29.42 -8.31
CA PRO F 70 5.33 29.44 -9.51
C PRO F 70 6.81 29.59 -9.18
N ILE F 71 7.15 30.36 -8.15
CA ILE F 71 8.50 30.38 -7.62
C ILE F 71 8.40 30.43 -6.10
N SER F 72 9.25 29.67 -5.43
CA SER F 72 9.25 29.62 -3.97
C SER F 72 9.62 30.98 -3.39
N HIS F 73 9.12 31.23 -2.17
CA HIS F 73 9.44 32.48 -1.48
C HIS F 73 10.92 32.61 -1.23
N ILE F 74 11.57 31.51 -0.82
CA ILE F 74 13.00 31.57 -0.50
C ILE F 74 13.82 31.81 -1.75
N ARG F 75 13.40 31.24 -2.89
CA ARG F 75 14.10 31.49 -4.14
C ARG F 75 13.91 32.93 -4.60
N LEU F 76 12.73 33.49 -4.36
CA LEU F 76 12.50 34.90 -4.67
C LEU F 76 13.32 35.80 -3.77
N TRP F 77 13.45 35.45 -2.49
CA TRP F 77 14.27 36.23 -1.57
C TRP F 77 15.75 36.11 -1.91
N ALA F 78 16.20 34.93 -2.30
CA ALA F 78 17.59 34.75 -2.68
C ALA F 78 17.94 35.59 -3.89
N LEU F 79 17.05 35.64 -4.88
CA LEU F 79 17.28 36.48 -6.05
C LEU F 79 17.33 37.95 -5.66
N GLN F 80 16.43 38.38 -4.77
CA GLN F 80 16.39 39.77 -4.35
C GLN F 80 17.69 40.17 -3.65
N LEU F 81 18.21 39.30 -2.78
CA LEU F 81 19.45 39.62 -2.07
C LEU F 81 20.61 39.78 -3.04
N ILE F 82 20.68 38.93 -4.06
CA ILE F 82 21.75 39.03 -5.04
C ILE F 82 21.64 40.34 -5.82
N PHE F 83 20.43 40.73 -6.20
CA PHE F 83 20.24 41.96 -6.95
C PHE F 83 20.49 43.19 -6.09
N VAL F 84 20.04 43.19 -4.84
CA VAL F 84 20.25 44.34 -3.97
C VAL F 84 21.72 44.48 -3.58
N SER F 85 22.42 43.37 -3.34
CA SER F 85 23.81 43.44 -2.94
C SER F 85 24.76 43.69 -4.10
N THR F 86 24.29 43.56 -5.34
CA THR F 86 25.17 43.76 -6.49
C THR F 86 25.68 45.20 -6.61
N PRO F 87 24.84 46.24 -6.58
CA PRO F 87 25.38 47.60 -6.72
C PRO F 87 26.36 47.98 -5.63
N ALA F 88 26.16 47.49 -4.40
CA ALA F 88 27.08 47.82 -3.32
C ALA F 88 28.47 47.26 -3.59
N LEU F 89 28.54 46.04 -4.13
CA LEU F 89 29.83 45.47 -4.48
C LEU F 89 30.44 46.18 -5.68
N LEU F 90 29.62 46.49 -6.69
CA LEU F 90 30.14 47.08 -7.92
C LEU F 90 30.80 48.43 -7.67
N VAL F 91 30.41 49.11 -6.60
CA VAL F 91 31.11 50.34 -6.20
C VAL F 91 32.56 50.01 -5.86
N ALA F 92 32.76 48.94 -5.08
CA ALA F 92 34.11 48.57 -4.66
C ALA F 92 34.99 48.19 -5.85
N MET F 93 34.46 47.37 -6.76
CA MET F 93 35.22 46.96 -7.94
C MET F 93 35.54 48.15 -8.83
N HIS F 94 34.59 49.06 -9.01
CA HIS F 94 34.85 50.27 -9.78
C HIS F 94 35.78 51.21 -9.03
N VAL F 95 35.68 51.25 -7.70
CA VAL F 95 36.58 52.09 -6.91
C VAL F 95 38.00 51.53 -6.96
N ALA F 96 38.15 50.22 -6.74
CA ALA F 96 39.48 49.63 -6.73
C ALA F 96 40.13 49.72 -8.10
N TYR F 97 39.34 49.81 -9.17
CA TYR F 97 39.90 49.95 -10.50
C TYR F 97 40.68 51.25 -10.65
N ARG F 98 40.07 52.36 -10.25
CA ARG F 98 40.75 53.66 -10.35
C ARG F 98 41.88 53.77 -9.33
N ARG F 99 41.71 53.17 -8.15
CA ARG F 99 42.72 53.29 -7.11
C ARG F 99 44.04 52.65 -7.52
N HIS F 100 43.97 51.49 -8.17
CA HIS F 100 45.19 50.80 -8.60
C HIS F 100 45.58 51.12 -10.04
N GLU F 101 44.87 52.03 -10.69
CA GLU F 101 45.20 52.41 -12.06
C GLU F 101 46.21 53.57 -12.07
N ARG F 127 34.04 60.67 2.54
CA ARG F 127 33.30 61.69 1.80
C ARG F 127 33.06 61.26 0.36
N ILE F 128 31.95 61.72 -0.22
CA ILE F 128 31.59 61.43 -1.59
C ILE F 128 31.71 62.72 -2.39
N GLU F 129 32.52 62.67 -3.45
CA GLU F 129 32.73 63.84 -4.31
C GLU F 129 33.37 63.37 -5.60
N GLY F 130 33.38 64.27 -6.60
CA GLY F 130 33.99 63.92 -7.86
C GLY F 130 33.11 62.99 -8.69
N SER F 131 33.77 62.16 -9.50
CA SER F 131 33.03 61.21 -10.32
C SER F 131 32.33 60.16 -9.47
N LEU F 132 32.80 59.95 -8.23
CA LEU F 132 32.16 58.97 -7.36
C LEU F 132 30.74 59.36 -7.00
N TRP F 133 30.42 60.65 -7.07
CA TRP F 133 29.09 61.11 -6.70
C TRP F 133 28.02 60.52 -7.60
N TRP F 134 28.29 60.45 -8.91
CA TRP F 134 27.30 59.92 -9.83
C TRP F 134 27.13 58.42 -9.67
N THR F 135 28.22 57.69 -9.43
CA THR F 135 28.11 56.25 -9.25
C THR F 135 27.43 55.89 -7.94
N TYR F 136 27.78 56.58 -6.85
CA TYR F 136 27.15 56.29 -5.56
C TYR F 136 25.67 56.62 -5.57
N THR F 137 25.30 57.78 -6.13
CA THR F 137 23.89 58.14 -6.21
C THR F 137 23.13 57.14 -7.07
N SER F 138 23.72 56.73 -8.19
CA SER F 138 23.08 55.73 -9.04
C SER F 138 22.94 54.40 -8.31
N SER F 139 23.96 53.99 -7.56
CA SER F 139 23.90 52.74 -6.83
C SER F 139 22.79 52.76 -5.79
N ILE F 140 22.60 53.89 -5.13
CA ILE F 140 21.46 54.04 -4.22
C ILE F 140 20.16 53.92 -4.98
N PHE F 141 20.08 54.55 -6.16
CA PHE F 141 18.85 54.54 -6.94
C PHE F 141 18.47 53.13 -7.36
N PHE F 142 19.45 52.34 -7.81
CA PHE F 142 19.15 50.97 -8.24
C PHE F 142 18.70 50.11 -7.08
N ARG F 143 19.24 50.35 -5.88
CA ARG F 143 18.84 49.56 -4.72
C ARG F 143 17.38 49.78 -4.37
N VAL F 144 16.91 51.03 -4.47
CA VAL F 144 15.50 51.31 -4.19
C VAL F 144 14.62 50.67 -5.24
N ILE F 145 15.01 50.76 -6.51
CA ILE F 145 14.20 50.19 -7.59
C ILE F 145 14.11 48.68 -7.46
N PHE F 146 15.23 48.02 -7.18
CA PHE F 146 15.23 46.58 -7.04
C PHE F 146 14.38 46.12 -5.86
N GLU F 147 14.50 46.81 -4.73
CA GLU F 147 13.70 46.44 -3.56
C GLU F 147 12.22 46.65 -3.81
N ALA F 148 11.85 47.75 -4.45
CA ALA F 148 10.44 48.00 -4.73
C ALA F 148 9.89 47.01 -5.73
N ALA F 149 10.68 46.65 -6.75
CA ALA F 149 10.20 45.70 -7.75
C ALA F 149 9.96 44.33 -7.15
N PHE F 150 10.85 43.88 -6.27
CA PHE F 150 10.68 42.56 -5.67
C PHE F 150 9.54 42.54 -4.66
N MET F 151 9.37 43.63 -3.90
CA MET F 151 8.23 43.72 -3.01
C MET F 151 6.92 43.75 -3.77
N TYR F 152 6.91 44.42 -4.93
CA TYR F 152 5.71 44.43 -5.77
C TYR F 152 5.41 43.04 -6.32
N VAL F 153 6.44 42.30 -6.72
CA VAL F 153 6.24 40.95 -7.24
C VAL F 153 5.66 40.04 -6.17
N PHE F 154 6.12 40.19 -4.93
CA PHE F 154 5.59 39.37 -3.84
C PHE F 154 4.11 39.62 -3.65
N TYR F 155 3.68 40.87 -3.72
CA TYR F 155 2.27 41.19 -3.52
C TYR F 155 1.42 40.69 -4.69
N VAL F 156 1.86 40.95 -5.92
CA VAL F 156 1.05 40.60 -7.09
C VAL F 156 0.96 39.09 -7.25
N MET F 157 2.10 38.40 -7.11
CA MET F 157 2.12 36.96 -7.36
C MET F 157 1.38 36.19 -6.27
N TYR F 158 1.52 36.61 -5.01
CA TYR F 158 0.98 35.86 -3.89
C TYR F 158 -0.16 36.59 -3.19
N ASP F 159 -0.84 37.49 -3.89
CA ASP F 159 -2.07 38.19 -3.49
C ASP F 159 -2.13 38.47 -1.99
N GLY F 160 -1.13 39.18 -1.48
CA GLY F 160 -1.02 39.48 -0.07
C GLY F 160 0.18 38.79 0.55
N PHE F 161 0.35 39.03 1.85
CA PHE F 161 1.47 38.50 2.60
C PHE F 161 1.08 37.39 3.56
N SER F 162 -0.17 36.96 3.54
CA SER F 162 -0.65 35.88 4.39
C SER F 162 -0.87 34.63 3.56
N MET F 163 -0.28 33.52 3.99
CA MET F 163 -0.42 32.26 3.29
C MET F 163 -1.66 31.52 3.77
N GLN F 164 -2.39 30.93 2.82
CA GLN F 164 -3.64 30.26 3.12
C GLN F 164 -3.40 28.78 3.42
N ARG F 165 -4.25 28.22 4.29
CA ARG F 165 -4.18 26.80 4.59
C ARG F 165 -4.68 25.96 3.43
N LEU F 166 -5.70 26.45 2.72
CA LEU F 166 -6.36 25.69 1.66
C LEU F 166 -6.32 26.47 0.35
N VAL F 167 -6.03 25.76 -0.73
CA VAL F 167 -6.09 26.33 -2.08
C VAL F 167 -7.01 25.46 -2.91
N LYS F 168 -7.86 26.09 -3.72
CA LYS F 168 -8.77 25.39 -4.61
C LYS F 168 -8.23 25.49 -6.03
N CYS F 169 -8.05 24.33 -6.67
CA CYS F 169 -7.33 24.23 -7.93
C CYS F 169 -8.18 23.47 -8.93
N ASN F 170 -8.32 24.02 -10.14
CA ASN F 170 -9.11 23.39 -11.18
C ASN F 170 -8.32 23.22 -12.48
N ALA F 171 -7.00 23.34 -12.42
CA ALA F 171 -6.19 23.17 -13.62
C ALA F 171 -6.19 21.72 -14.07
N TRP F 172 -6.11 21.54 -15.38
CA TRP F 172 -6.03 20.20 -15.95
C TRP F 172 -4.77 19.50 -15.44
N PRO F 173 -4.84 18.19 -15.12
CA PRO F 173 -5.95 17.26 -15.28
C PRO F 173 -6.83 17.09 -14.04
N CYS F 174 -6.86 18.03 -13.13
CA CYS F 174 -7.67 17.86 -11.92
C CYS F 174 -9.15 17.92 -12.26
N PRO F 175 -9.95 16.93 -11.87
CA PRO F 175 -11.39 16.95 -12.18
C PRO F 175 -12.11 17.98 -11.33
N ASN F 176 -12.86 18.86 -12.00
CA ASN F 176 -13.63 19.94 -11.37
C ASN F 176 -12.66 20.77 -10.52
N THR F 177 -12.97 21.01 -9.25
CA THR F 177 -12.10 21.77 -8.36
C THR F 177 -11.69 20.87 -7.21
N VAL F 178 -10.40 20.81 -6.92
CA VAL F 178 -9.86 19.94 -5.88
C VAL F 178 -9.33 20.78 -4.74
N ASP F 179 -9.34 20.18 -3.55
CA ASP F 179 -8.85 20.83 -2.35
C ASP F 179 -7.42 20.39 -2.08
N CYS F 180 -6.53 21.36 -1.86
CA CYS F 180 -5.14 21.09 -1.58
C CYS F 180 -4.71 21.90 -0.36
N PHE F 181 -3.81 21.32 0.43
CA PHE F 181 -3.44 21.87 1.73
C PHE F 181 -1.96 22.19 1.78
N VAL F 182 -1.65 23.42 2.16
CA VAL F 182 -0.28 23.89 2.20
C VAL F 182 0.40 23.41 3.48
N SER F 183 1.72 23.28 3.42
CA SER F 183 2.53 22.86 4.56
C SER F 183 3.04 24.09 5.30
N ARG F 184 2.90 24.08 6.63
CA ARG F 184 3.37 25.14 7.52
C ARG F 184 2.98 26.56 7.09
N PRO F 185 1.69 26.81 6.82
CA PRO F 185 1.31 28.16 6.35
C PRO F 185 1.55 29.27 7.36
N THR F 186 1.38 29.00 8.66
CA THR F 186 1.53 30.06 9.65
C THR F 186 2.99 30.46 9.81
N GLU F 187 3.90 29.48 9.85
CA GLU F 187 5.31 29.78 9.97
C GLU F 187 5.81 30.56 8.76
N LYS F 188 5.32 30.21 7.57
CA LYS F 188 5.73 30.92 6.36
C LYS F 188 5.20 32.34 6.35
N THR F 189 4.00 32.55 6.87
CA THR F 189 3.46 33.91 6.99
C THR F 189 4.31 34.76 7.95
N VAL F 190 4.74 34.16 9.06
CA VAL F 190 5.54 34.89 10.04
C VAL F 190 6.84 35.36 9.41
N PHE F 191 7.51 34.48 8.67
CA PHE F 191 8.78 34.86 8.05
C PHE F 191 8.56 35.78 6.85
N THR F 192 7.44 35.62 6.14
CA THR F 192 7.13 36.54 5.05
C THR F 192 6.93 37.96 5.57
N VAL F 193 6.21 38.10 6.68
CA VAL F 193 5.98 39.42 7.26
C VAL F 193 7.31 40.03 7.70
N PHE F 194 8.19 39.22 8.27
CA PHE F 194 9.47 39.74 8.75
C PHE F 194 10.33 40.24 7.60
N MET F 195 10.39 39.50 6.50
CA MET F 195 11.24 39.91 5.38
C MET F 195 10.69 41.16 4.70
N ILE F 196 9.37 41.27 4.58
CA ILE F 196 8.77 42.46 3.98
C ILE F 196 9.03 43.68 4.85
N ALA F 197 8.88 43.53 6.16
CA ALA F 197 9.10 44.67 7.06
C ALA F 197 10.54 45.15 7.01
N VAL F 198 11.50 44.23 6.99
CA VAL F 198 12.90 44.63 6.96
C VAL F 198 13.24 45.30 5.64
N SER F 199 12.66 44.81 4.54
CA SER F 199 12.88 45.44 3.24
C SER F 199 12.34 46.87 3.22
N GLY F 200 11.17 47.09 3.82
CA GLY F 200 10.65 48.44 3.92
C GLY F 200 11.54 49.35 4.73
N ILE F 201 12.17 48.81 5.77
CA ILE F 201 13.16 49.57 6.54
C ILE F 201 14.36 49.91 5.66
N CYS F 202 14.79 48.95 4.83
CA CYS F 202 15.91 49.20 3.92
C CYS F 202 15.57 50.29 2.92
N ILE F 203 14.33 50.31 2.42
CA ILE F 203 13.91 51.33 1.46
C ILE F 203 13.97 52.71 2.10
N LEU F 204 13.49 52.83 3.35
CA LEU F 204 13.53 54.12 4.04
C LEU F 204 14.97 54.56 4.29
N LEU F 205 15.84 53.64 4.67
CA LEU F 205 17.24 53.99 4.87
C LEU F 205 17.89 54.46 3.58
N ASN F 206 17.61 53.77 2.47
CA ASN F 206 18.14 54.20 1.18
C ASN F 206 17.57 55.54 0.77
N VAL F 207 16.29 55.79 1.08
CA VAL F 207 15.66 57.05 0.69
C VAL F 207 16.26 58.20 1.49
N THR F 208 16.49 57.99 2.79
CA THR F 208 17.06 59.05 3.62
C THR F 208 18.47 59.41 3.17
N GLU F 209 19.23 58.42 2.68
CA GLU F 209 20.55 58.73 2.11
C GLU F 209 20.41 59.45 0.77
N LEU F 210 19.29 59.25 0.07
CA LEU F 210 19.02 60.00 -1.14
C LEU F 210 18.66 61.45 -0.85
N CYS F 211 18.32 61.77 0.40
CA CYS F 211 18.02 63.14 0.78
C CYS F 211 19.25 63.88 1.30
N TYR F 212 20.15 63.18 2.00
CA TYR F 212 21.39 63.81 2.44
C TYR F 212 22.23 64.24 1.25
N LEU F 213 22.31 63.40 0.22
CA LEU F 213 23.09 63.75 -0.96
C LEU F 213 22.41 64.85 -1.76
N LEU F 214 21.08 64.79 -1.90
CA LEU F 214 20.39 65.76 -2.73
C LEU F 214 20.25 67.11 -2.04
N ILE F 215 20.20 67.13 -0.71
CA ILE F 215 20.08 68.41 -0.01
C ILE F 215 21.36 69.22 -0.15
N ARG F 216 22.51 68.55 -0.26
CA ARG F 216 23.77 69.27 -0.44
C ARG F 216 23.83 69.93 -1.82
N TYR F 217 23.43 69.21 -2.86
CA TYR F 217 23.42 69.79 -4.20
C TYR F 217 22.30 70.80 -4.35
N CYS F 218 21.14 70.54 -3.74
CA CYS F 218 20.03 71.48 -3.83
C CYS F 218 20.39 72.82 -3.18
N SER F 219 21.10 72.78 -2.06
CA SER F 219 21.59 74.01 -1.46
C SER F 219 22.58 74.72 -2.37
N GLY F 220 23.38 73.96 -3.12
CA GLY F 220 24.31 74.57 -4.05
C GLY F 220 23.61 75.28 -5.19
N LYS F 221 22.50 74.71 -5.67
CA LYS F 221 21.73 75.33 -6.75
C LYS F 221 21.15 76.67 -6.31
N THR G 8 -49.55 -25.92 -0.79
CA THR G 8 -50.37 -26.76 0.08
C THR G 8 -50.69 -26.05 1.38
N ILE G 9 -49.67 -25.47 2.00
CA ILE G 9 -49.87 -24.74 3.25
C ILE G 9 -50.76 -23.53 3.03
N LEU G 10 -50.54 -22.80 1.93
CA LEU G 10 -51.37 -21.65 1.61
C LEU G 10 -52.81 -22.06 1.38
N GLY G 11 -53.03 -23.16 0.65
CA GLY G 11 -54.39 -23.60 0.38
C GLY G 11 -55.15 -23.99 1.63
N GLY G 12 -54.50 -24.68 2.56
CA GLY G 12 -55.17 -25.09 3.78
C GLY G 12 -55.63 -23.92 4.63
N VAL G 13 -54.78 -22.90 4.76
CA VAL G 13 -55.14 -21.72 5.55
C VAL G 13 -56.22 -20.91 4.85
N ASN G 14 -56.14 -20.79 3.52
CA ASN G 14 -57.06 -19.92 2.79
C ASN G 14 -58.49 -20.42 2.88
N LYS G 15 -58.71 -21.71 2.60
CA LYS G 15 -60.07 -22.26 2.62
C LYS G 15 -60.67 -22.21 4.01
N HIS G 16 -59.89 -22.51 5.04
CA HIS G 16 -60.37 -22.51 6.42
C HIS G 16 -60.24 -21.12 7.03
N SER G 17 -60.90 -20.15 6.38
CA SER G 17 -60.81 -18.77 6.82
C SER G 17 -62.10 -18.04 6.45
N THR G 18 -62.33 -16.92 7.12
CA THR G 18 -63.54 -16.12 6.92
C THR G 18 -63.39 -15.25 5.67
N SER G 19 -64.30 -14.28 5.52
CA SER G 19 -64.31 -13.44 4.33
C SER G 19 -63.20 -12.39 4.37
N ILE G 20 -63.26 -11.48 5.34
CA ILE G 20 -62.24 -10.45 5.46
C ILE G 20 -60.89 -11.08 5.82
N GLY G 21 -60.92 -12.19 6.56
CA GLY G 21 -59.69 -12.91 6.86
C GLY G 21 -58.95 -13.39 5.64
N LYS G 22 -59.61 -13.42 4.48
CA LYS G 22 -58.90 -13.68 3.23
C LYS G 22 -58.22 -12.42 2.72
N ILE G 23 -58.74 -11.24 3.04
CA ILE G 23 -58.05 -9.99 2.70
C ILE G 23 -56.80 -9.83 3.56
N TRP G 24 -56.89 -10.21 4.84
CA TRP G 24 -55.72 -10.19 5.69
C TRP G 24 -54.67 -11.18 5.22
N LEU G 25 -55.11 -12.33 4.71
CA LEU G 25 -54.18 -13.35 4.24
C LEU G 25 -53.43 -12.87 3.00
N THR G 26 -54.14 -12.26 2.04
CA THR G 26 -53.49 -11.84 0.80
C THR G 26 -52.56 -10.66 1.04
N VAL G 27 -52.88 -9.78 1.98
CA VAL G 27 -51.99 -8.65 2.27
C VAL G 27 -50.78 -9.15 3.06
N LEU G 28 -50.91 -10.27 3.76
CA LEU G 28 -49.77 -10.82 4.50
C LEU G 28 -48.78 -11.52 3.58
N PHE G 29 -49.25 -12.04 2.44
CA PHE G 29 -48.41 -12.86 1.58
C PHE G 29 -47.78 -12.06 0.44
N ILE G 30 -48.60 -11.40 -0.38
CA ILE G 30 -48.07 -10.70 -1.54
C ILE G 30 -47.36 -9.41 -1.16
N PHE G 31 -47.59 -8.90 0.05
CA PHE G 31 -46.99 -7.65 0.47
C PHE G 31 -45.88 -7.85 1.51
N ARG G 32 -46.14 -8.63 2.56
CA ARG G 32 -45.13 -8.79 3.61
C ARG G 32 -44.06 -9.78 3.21
N ILE G 33 -44.46 -10.99 2.80
CA ILE G 33 -43.48 -12.02 2.47
C ILE G 33 -42.75 -11.68 1.17
N MET G 34 -43.48 -11.21 0.16
CA MET G 34 -42.89 -11.06 -1.18
C MET G 34 -41.82 -9.97 -1.20
N ILE G 35 -42.14 -8.78 -0.69
CA ILE G 35 -41.16 -7.70 -0.76
C ILE G 35 -39.99 -7.97 0.18
N LEU G 36 -40.22 -8.73 1.25
CA LEU G 36 -39.11 -9.08 2.14
C LEU G 36 -38.16 -10.06 1.46
N VAL G 37 -38.69 -10.98 0.67
CA VAL G 37 -37.88 -12.06 0.10
C VAL G 37 -37.21 -11.63 -1.19
N VAL G 38 -37.97 -11.03 -2.11
CA VAL G 38 -37.44 -10.76 -3.45
C VAL G 38 -36.86 -9.37 -3.61
N ALA G 39 -37.20 -8.42 -2.73
CA ALA G 39 -36.73 -7.05 -2.88
C ALA G 39 -35.84 -6.62 -1.72
N ALA G 40 -36.31 -6.70 -0.47
CA ALA G 40 -35.61 -6.10 0.65
C ALA G 40 -34.40 -6.90 1.11
N LYS G 41 -34.38 -8.22 0.87
CA LYS G 41 -33.31 -9.05 1.42
C LYS G 41 -31.95 -8.65 0.87
N GLU G 42 -31.87 -8.37 -0.44
CA GLU G 42 -30.61 -7.97 -1.05
C GLU G 42 -30.28 -6.50 -0.83
N VAL G 43 -31.22 -5.71 -0.32
CA VAL G 43 -30.92 -4.32 0.02
C VAL G 43 -30.01 -4.27 1.25
N TRP G 44 -30.24 -5.13 2.22
CA TRP G 44 -29.46 -5.20 3.44
C TRP G 44 -28.29 -6.17 3.33
N GLY G 45 -27.91 -6.55 2.11
CA GLY G 45 -26.84 -7.52 1.95
C GLY G 45 -25.49 -7.01 2.40
N ASP G 46 -25.15 -5.77 2.03
CA ASP G 46 -23.86 -5.18 2.34
C ASP G 46 -23.97 -4.11 3.42
N GLU G 47 -24.82 -4.36 4.43
CA GLU G 47 -25.06 -3.37 5.47
C GLU G 47 -23.78 -3.05 6.24
N GLN G 48 -22.99 -4.07 6.59
CA GLN G 48 -21.75 -3.86 7.31
C GLN G 48 -20.53 -3.81 6.41
N ALA G 49 -20.57 -4.49 5.26
CA ALA G 49 -19.43 -4.45 4.34
C ALA G 49 -19.22 -3.05 3.80
N ASP G 50 -20.29 -2.32 3.52
CA ASP G 50 -20.22 -0.96 3.02
C ASP G 50 -20.51 0.08 4.11
N PHE G 51 -20.28 -0.27 5.36
CA PHE G 51 -20.30 0.68 6.47
C PHE G 51 -18.89 1.26 6.60
N VAL G 52 -18.74 2.54 6.28
CA VAL G 52 -17.44 3.19 6.20
C VAL G 52 -17.32 4.20 7.33
N CYS G 53 -16.24 4.10 8.10
CA CYS G 53 -15.98 5.02 9.21
C CYS G 53 -14.68 5.76 8.95
N ASN G 54 -14.71 7.08 9.14
CA ASN G 54 -13.54 7.93 8.94
C ASN G 54 -12.66 7.83 10.18
N THR G 55 -11.77 6.85 10.18
CA THR G 55 -10.91 6.60 11.33
C THR G 55 -9.79 5.66 10.90
N LEU G 56 -8.75 5.60 11.73
CA LEU G 56 -7.69 4.61 11.61
C LEU G 56 -7.68 3.62 12.77
N GLN G 57 -8.66 3.71 13.66
CA GLN G 57 -8.66 2.90 14.87
C GLN G 57 -9.13 1.49 14.56
N PRO G 58 -8.33 0.45 14.81
CA PRO G 58 -8.79 -0.92 14.58
C PRO G 58 -9.89 -1.30 15.55
N GLY G 59 -10.96 -1.89 15.01
CA GLY G 59 -12.10 -2.29 15.80
C GLY G 59 -13.13 -1.21 16.03
N CYS G 60 -12.87 0.03 15.61
CA CYS G 60 -13.84 1.09 15.79
C CYS G 60 -15.08 0.87 14.93
N LYS G 61 -14.88 0.40 13.70
CA LYS G 61 -16.01 0.16 12.81
C LYS G 61 -16.91 -0.94 13.35
N ASN G 62 -16.33 -1.97 13.96
CA ASN G 62 -17.13 -3.08 14.48
C ASN G 62 -18.07 -2.64 15.58
N VAL G 63 -17.58 -1.82 16.51
CA VAL G 63 -18.42 -1.43 17.64
C VAL G 63 -19.41 -0.33 17.25
N CYS G 64 -19.09 0.48 16.26
CA CYS G 64 -20.01 1.54 15.86
C CYS G 64 -21.19 0.97 15.09
N TYR G 65 -20.96 -0.04 14.26
CA TYR G 65 -22.07 -0.70 13.57
C TYR G 65 -22.97 -1.42 14.57
N ASP G 66 -22.37 -2.10 15.56
CA ASP G 66 -23.16 -2.80 16.56
C ASP G 66 -23.99 -1.83 17.39
N HIS G 67 -23.44 -0.65 17.69
CA HIS G 67 -24.14 0.32 18.52
C HIS G 67 -25.40 0.85 17.83
N TYR G 68 -25.32 1.08 16.52
CA TYR G 68 -26.43 1.72 15.82
C TYR G 68 -27.37 0.75 15.14
N PHE G 69 -26.99 -0.52 14.98
CA PHE G 69 -27.85 -1.53 14.39
C PHE G 69 -27.78 -2.80 15.23
N PRO G 70 -28.33 -2.77 16.45
CA PRO G 70 -28.33 -4.00 17.27
C PRO G 70 -29.07 -5.16 16.63
N ILE G 71 -30.14 -4.87 15.90
CA ILE G 71 -30.81 -5.86 15.06
C ILE G 71 -30.97 -5.26 13.67
N SER G 72 -30.81 -6.08 12.64
CA SER G 72 -31.07 -5.62 11.30
C SER G 72 -32.57 -5.39 11.09
N HIS G 73 -32.90 -4.48 10.17
CA HIS G 73 -34.30 -4.21 9.88
C HIS G 73 -34.99 -5.45 9.30
N ILE G 74 -34.30 -6.17 8.41
CA ILE G 74 -34.91 -7.34 7.80
C ILE G 74 -35.02 -8.49 8.81
N ARG G 75 -34.09 -8.55 9.78
CA ARG G 75 -34.18 -9.59 10.79
C ARG G 75 -35.31 -9.31 11.79
N LEU G 76 -35.56 -8.04 12.08
CA LEU G 76 -36.69 -7.69 12.93
C LEU G 76 -38.01 -8.01 12.24
N TRP G 77 -38.09 -7.74 10.94
CA TRP G 77 -39.30 -8.05 10.18
C TRP G 77 -39.54 -9.56 10.11
N ALA G 78 -38.47 -10.34 9.96
CA ALA G 78 -38.63 -11.79 9.89
C ALA G 78 -39.18 -12.34 11.19
N LEU G 79 -38.71 -11.83 12.33
CA LEU G 79 -39.25 -12.27 13.61
C LEU G 79 -40.72 -11.86 13.75
N GLN G 80 -41.06 -10.65 13.31
CA GLN G 80 -42.45 -10.20 13.36
C GLN G 80 -43.34 -11.06 12.47
N LEU G 81 -42.86 -11.41 11.28
CA LEU G 81 -43.66 -12.20 10.35
C LEU G 81 -43.98 -13.58 10.93
N ILE G 82 -42.99 -14.21 11.56
CA ILE G 82 -43.20 -15.53 12.13
C ILE G 82 -44.13 -15.45 13.34
N PHE G 83 -44.00 -14.39 14.15
CA PHE G 83 -44.81 -14.28 15.36
C PHE G 83 -46.29 -14.19 15.04
N VAL G 84 -46.66 -13.44 13.99
CA VAL G 84 -48.07 -13.35 13.61
C VAL G 84 -48.55 -14.57 12.86
N SER G 85 -47.66 -15.49 12.49
CA SER G 85 -48.06 -16.69 11.80
C SER G 85 -48.42 -17.82 12.76
N THR G 86 -47.87 -17.81 13.98
CA THR G 86 -48.20 -18.84 14.95
C THR G 86 -49.68 -18.87 15.33
N PRO G 87 -50.36 -17.75 15.61
CA PRO G 87 -51.78 -17.86 15.99
C PRO G 87 -52.64 -18.49 14.91
N ALA G 88 -52.35 -18.21 13.64
CA ALA G 88 -53.06 -18.88 12.55
C ALA G 88 -52.77 -20.37 12.54
N LEU G 89 -51.51 -20.75 12.78
CA LEU G 89 -51.17 -22.16 12.81
C LEU G 89 -51.75 -22.85 14.04
N LEU G 90 -51.85 -22.13 15.15
CA LEU G 90 -52.46 -22.71 16.36
C LEU G 90 -53.94 -22.93 16.17
N VAL G 91 -54.61 -22.03 15.44
CA VAL G 91 -56.04 -22.19 15.18
C VAL G 91 -56.29 -23.42 14.32
N ALA G 92 -55.49 -23.59 13.26
CA ALA G 92 -55.66 -24.74 12.39
C ALA G 92 -55.38 -26.04 13.13
N MET G 93 -54.38 -26.05 14.00
CA MET G 93 -54.08 -27.24 14.78
C MET G 93 -55.19 -27.53 15.80
N HIS G 94 -55.85 -26.50 16.31
CA HIS G 94 -57.01 -26.71 17.17
C HIS G 94 -58.14 -27.38 16.40
N VAL G 95 -58.36 -26.95 15.16
CA VAL G 95 -59.38 -27.58 14.32
C VAL G 95 -59.03 -29.04 14.05
N ALA G 96 -57.76 -29.30 13.71
CA ALA G 96 -57.33 -30.68 13.49
C ALA G 96 -57.38 -31.50 14.78
N TYR G 97 -57.37 -30.83 15.94
CA TYR G 97 -57.52 -31.55 17.20
C TYR G 97 -58.94 -32.06 17.39
N ARG G 98 -59.92 -31.38 16.78
CA ARG G 98 -61.31 -31.80 16.88
C ARG G 98 -61.55 -33.08 16.08
N LEU G 132 -64.43 -23.12 19.75
CA LEU G 132 -63.81 -22.52 18.57
C LEU G 132 -63.82 -21.00 18.67
N TRP G 133 -64.90 -20.45 19.23
CA TRP G 133 -65.02 -19.00 19.32
C TRP G 133 -63.93 -18.39 20.20
N TRP G 134 -63.59 -19.05 21.30
CA TRP G 134 -62.54 -18.54 22.17
C TRP G 134 -61.19 -18.52 21.48
N THR G 135 -60.85 -19.58 20.76
CA THR G 135 -59.55 -19.65 20.09
C THR G 135 -59.43 -18.59 19.01
N TYR G 136 -60.47 -18.42 18.18
CA TYR G 136 -60.40 -17.46 17.10
C TYR G 136 -60.25 -16.03 17.62
N THR G 137 -61.00 -15.69 18.67
CA THR G 137 -60.88 -14.35 19.24
C THR G 137 -59.53 -14.15 19.91
N SER G 138 -59.02 -15.20 20.56
CA SER G 138 -57.70 -15.10 21.19
C SER G 138 -56.60 -14.90 20.15
N SER G 139 -56.68 -15.63 19.03
CA SER G 139 -55.67 -15.50 17.99
C SER G 139 -55.66 -14.09 17.41
N ILE G 140 -56.85 -13.51 17.19
CA ILE G 140 -56.92 -12.15 16.68
C ILE G 140 -56.35 -11.17 17.69
N PHE G 141 -56.60 -11.41 18.98
CA PHE G 141 -56.04 -10.55 20.02
C PHE G 141 -54.53 -10.61 20.03
N PHE G 142 -53.96 -11.82 19.90
CA PHE G 142 -52.51 -11.95 19.90
C PHE G 142 -51.87 -11.27 18.71
N ARG G 143 -52.51 -11.35 17.54
CA ARG G 143 -51.95 -10.75 16.33
C ARG G 143 -51.84 -9.23 16.48
N VAL G 144 -52.84 -8.59 17.07
CA VAL G 144 -52.78 -7.15 17.29
C VAL G 144 -51.69 -6.81 18.30
N ILE G 145 -51.58 -7.60 19.38
CA ILE G 145 -50.60 -7.30 20.41
C ILE G 145 -49.19 -7.52 19.90
N PHE G 146 -49.01 -8.46 18.96
CA PHE G 146 -47.69 -8.69 18.39
C PHE G 146 -47.29 -7.57 17.45
N GLU G 147 -48.21 -7.11 16.61
CA GLU G 147 -47.89 -6.06 15.65
C GLU G 147 -47.55 -4.75 16.35
N ALA G 148 -48.28 -4.41 17.41
CA ALA G 148 -47.99 -3.18 18.13
C ALA G 148 -46.67 -3.27 18.87
N ALA G 149 -46.34 -4.44 19.40
CA ALA G 149 -45.08 -4.61 20.12
C ALA G 149 -43.88 -4.40 19.20
N PHE G 150 -43.92 -5.00 18.01
CA PHE G 150 -42.80 -4.87 17.09
C PHE G 150 -42.74 -3.48 16.46
N MET G 151 -43.90 -2.84 16.25
CA MET G 151 -43.89 -1.46 15.78
C MET G 151 -43.26 -0.53 16.82
N TYR G 152 -43.55 -0.76 18.10
CA TYR G 152 -42.96 0.06 19.15
C TYR G 152 -41.46 -0.13 19.22
N VAL G 153 -40.99 -1.38 19.08
CA VAL G 153 -39.55 -1.65 19.11
C VAL G 153 -38.85 -0.95 17.95
N PHE G 154 -39.49 -0.95 16.77
CA PHE G 154 -38.91 -0.27 15.62
C PHE G 154 -38.75 1.22 15.88
N TYR G 155 -39.76 1.85 16.47
CA TYR G 155 -39.70 3.29 16.69
C TYR G 155 -38.74 3.64 17.82
N VAL G 156 -38.82 2.90 18.94
CA VAL G 156 -38.03 3.25 20.12
C VAL G 156 -36.55 2.99 19.92
N MET G 157 -36.18 2.12 18.98
CA MET G 157 -34.78 1.74 18.82
C MET G 157 -34.09 2.47 17.67
N TYR G 158 -34.83 2.80 16.61
CA TYR G 158 -34.28 3.54 15.48
C TYR G 158 -34.77 4.98 15.42
N ASP G 159 -35.24 5.52 16.56
CA ASP G 159 -35.68 6.89 16.77
C ASP G 159 -36.31 7.51 15.53
N GLY G 160 -37.30 6.82 14.96
CA GLY G 160 -37.95 7.23 13.75
C GLY G 160 -37.90 6.14 12.69
N PHE G 161 -38.56 6.42 11.57
CA PHE G 161 -38.61 5.52 10.44
C PHE G 161 -37.68 5.93 9.31
N SER G 162 -36.89 6.97 9.50
CA SER G 162 -35.99 7.48 8.47
C SER G 162 -34.54 7.21 8.88
N MET G 163 -33.79 6.61 7.97
CA MET G 163 -32.39 6.30 8.22
C MET G 163 -31.51 7.48 7.82
N GLN G 164 -30.51 7.76 8.66
CA GLN G 164 -29.60 8.87 8.43
C GLN G 164 -28.39 8.43 7.62
N ARG G 165 -27.81 9.39 6.90
CA ARG G 165 -26.59 9.11 6.15
C ARG G 165 -25.38 9.02 7.08
N LEU G 166 -25.34 9.84 8.12
CA LEU G 166 -24.19 9.96 8.99
C LEU G 166 -24.57 9.60 10.42
N VAL G 167 -23.74 8.80 11.07
CA VAL G 167 -23.90 8.47 12.48
C VAL G 167 -22.63 8.88 13.21
N LYS G 168 -22.79 9.57 14.33
CA LYS G 168 -21.68 10.03 15.15
C LYS G 168 -21.52 9.07 16.32
N CYS G 169 -20.45 8.30 16.30
CA CYS G 169 -20.22 7.22 17.25
C CYS G 169 -19.02 7.54 18.12
N ASN G 170 -19.15 7.34 19.43
CA ASN G 170 -18.10 7.66 20.38
C ASN G 170 -17.90 6.54 21.39
N ALA G 171 -18.12 5.30 20.95
CA ALA G 171 -17.92 4.14 21.82
C ALA G 171 -16.49 3.66 21.74
N TRP G 172 -15.99 3.13 22.85
CA TRP G 172 -14.63 2.62 22.89
C TRP G 172 -14.48 1.47 21.89
N PRO G 173 -13.34 1.38 21.18
CA PRO G 173 -12.11 2.17 21.29
C PRO G 173 -12.04 3.36 20.34
N CYS G 174 -13.14 3.88 19.84
CA CYS G 174 -13.09 5.00 18.91
C CYS G 174 -12.62 6.24 19.64
N PRO G 175 -11.56 6.91 19.16
CA PRO G 175 -11.08 8.11 19.84
C PRO G 175 -12.01 9.29 19.58
N ASN G 176 -12.42 9.95 20.66
CA ASN G 176 -13.34 11.09 20.62
C ASN G 176 -14.61 10.64 19.91
N THR G 177 -15.09 11.36 18.90
CA THR G 177 -16.28 10.98 18.15
C THR G 177 -15.89 10.79 16.69
N VAL G 178 -16.22 9.63 16.13
CA VAL G 178 -15.88 9.32 14.76
C VAL G 178 -17.12 9.48 13.89
N ASP G 179 -16.89 9.68 12.60
CA ASP G 179 -17.97 9.81 11.61
C ASP G 179 -18.05 8.52 10.80
N CYS G 180 -19.25 7.95 10.73
CA CYS G 180 -19.48 6.73 9.97
C CYS G 180 -20.64 6.97 9.02
N PHE G 181 -20.63 6.25 7.90
CA PHE G 181 -21.57 6.47 6.81
C PHE G 181 -22.29 5.17 6.49
N VAL G 182 -23.62 5.24 6.42
CA VAL G 182 -24.50 4.09 6.25
C VAL G 182 -24.62 3.77 4.77
N SER G 183 -24.83 2.49 4.46
CA SER G 183 -25.01 2.03 3.09
C SER G 183 -26.48 2.05 2.72
N ARG G 184 -26.79 2.62 1.55
CA ARG G 184 -28.14 2.72 1.02
C ARG G 184 -29.18 3.21 2.04
N PRO G 185 -28.95 4.34 2.69
CA PRO G 185 -29.93 4.82 3.68
C PRO G 185 -31.28 5.19 3.06
N THR G 186 -31.31 5.70 1.82
CA THR G 186 -32.56 6.13 1.22
C THR G 186 -33.41 4.94 0.80
N GLU G 187 -32.81 3.94 0.18
CA GLU G 187 -33.55 2.75 -0.22
C GLU G 187 -34.10 2.02 1.01
N LYS G 188 -33.33 2.02 2.10
CA LYS G 188 -33.79 1.37 3.32
C LYS G 188 -34.95 2.12 3.95
N THR G 189 -34.95 3.45 3.86
CA THR G 189 -36.08 4.24 4.37
C THR G 189 -37.34 3.98 3.55
N VAL G 190 -37.20 3.85 2.23
CA VAL G 190 -38.35 3.60 1.37
C VAL G 190 -39.00 2.28 1.73
N PHE G 191 -38.19 1.23 1.92
CA PHE G 191 -38.74 -0.07 2.28
C PHE G 191 -39.21 -0.11 3.72
N THR G 192 -38.71 0.78 4.57
CA THR G 192 -39.18 0.82 5.95
C THR G 192 -40.59 1.38 6.04
N VAL G 193 -40.88 2.41 5.24
CA VAL G 193 -42.22 3.00 5.24
C VAL G 193 -43.25 1.98 4.76
N PHE G 194 -42.92 1.24 3.71
CA PHE G 194 -43.85 0.25 3.16
C PHE G 194 -44.22 -0.80 4.20
N MET G 195 -43.22 -1.35 4.89
CA MET G 195 -43.48 -2.41 5.87
C MET G 195 -44.25 -1.86 7.07
N ILE G 196 -43.97 -0.61 7.47
CA ILE G 196 -44.69 -0.01 8.58
C ILE G 196 -46.13 0.30 8.17
N ALA G 197 -46.31 0.87 6.96
CA ALA G 197 -47.64 1.22 6.51
C ALA G 197 -48.52 -0.02 6.33
N VAL G 198 -47.97 -1.08 5.75
CA VAL G 198 -48.73 -2.30 5.54
C VAL G 198 -49.13 -2.92 6.88
N SER G 199 -48.20 -2.95 7.83
CA SER G 199 -48.50 -3.49 9.15
C SER G 199 -49.56 -2.66 9.86
N GLY G 200 -49.63 -1.36 9.56
CA GLY G 200 -50.73 -0.55 10.07
C GLY G 200 -52.07 -0.97 9.49
N ILE G 201 -52.08 -1.33 8.21
CA ILE G 201 -53.29 -1.85 7.59
C ILE G 201 -53.68 -3.17 8.24
N CYS G 202 -52.71 -4.04 8.49
CA CYS G 202 -53.00 -5.33 9.13
C CYS G 202 -53.58 -5.13 10.53
N ILE G 203 -53.18 -4.06 11.22
CA ILE G 203 -53.77 -3.77 12.53
C ILE G 203 -55.23 -3.40 12.39
N LEU G 204 -55.55 -2.57 11.40
CA LEU G 204 -56.94 -2.16 11.20
C LEU G 204 -57.82 -3.33 10.81
N LEU G 205 -57.32 -4.21 9.94
CA LEU G 205 -58.09 -5.37 9.54
C LEU G 205 -58.37 -6.29 10.72
N ASN G 206 -57.38 -6.48 11.60
CA ASN G 206 -57.60 -7.31 12.78
C ASN G 206 -58.55 -6.65 13.78
N VAL G 207 -58.59 -5.31 13.79
CA VAL G 207 -59.55 -4.61 14.62
C VAL G 207 -60.97 -4.80 14.07
N THR G 208 -61.10 -4.77 12.74
CA THR G 208 -62.41 -5.00 12.13
C THR G 208 -62.94 -6.38 12.46
N GLU G 209 -62.08 -7.41 12.39
CA GLU G 209 -62.49 -8.74 12.80
C GLU G 209 -62.85 -8.81 14.28
N LEU G 210 -62.35 -7.88 15.09
CA LEU G 210 -62.75 -7.77 16.48
C LEU G 210 -64.11 -7.12 16.64
N CYS G 211 -64.53 -6.28 15.69
CA CYS G 211 -65.83 -5.64 15.72
C CYS G 211 -66.93 -6.50 15.13
N TYR G 212 -66.70 -7.15 14.00
CA TYR G 212 -67.69 -8.05 13.41
C TYR G 212 -67.90 -9.30 14.24
N LEU G 213 -67.03 -9.57 15.21
CA LEU G 213 -67.20 -10.73 16.09
C LEU G 213 -67.79 -10.35 17.45
N LEU G 214 -67.72 -9.08 17.84
CA LEU G 214 -68.36 -8.66 19.07
C LEU G 214 -69.78 -8.17 18.83
N ILE G 215 -70.08 -7.67 17.63
CA ILE G 215 -71.46 -7.32 17.29
C ILE G 215 -72.32 -8.57 17.22
N ARG G 216 -71.79 -9.64 16.61
CA ARG G 216 -72.55 -10.88 16.49
C ARG G 216 -72.83 -11.50 17.86
N TYR G 217 -71.83 -11.48 18.75
CA TYR G 217 -71.97 -12.14 20.04
C TYR G 217 -72.53 -11.21 21.12
N CYS G 218 -72.10 -9.95 21.12
CA CYS G 218 -72.57 -9.00 22.11
C CYS G 218 -73.15 -7.75 21.45
N THR H 8 -49.15 -24.21 -11.53
CA THR H 8 -50.47 -24.32 -10.89
C THR H 8 -51.11 -22.95 -10.74
N ILE H 9 -50.34 -21.98 -10.24
CA ILE H 9 -50.86 -20.62 -10.07
C ILE H 9 -51.17 -20.00 -11.43
N LEU H 10 -50.29 -20.20 -12.41
CA LEU H 10 -50.56 -19.70 -13.76
C LEU H 10 -51.80 -20.36 -14.35
N GLY H 11 -51.95 -21.68 -14.13
CA GLY H 11 -53.12 -22.37 -14.64
C GLY H 11 -54.41 -21.83 -14.06
N GLY H 12 -54.38 -21.43 -12.78
CA GLY H 12 -55.56 -20.83 -12.19
C GLY H 12 -55.95 -19.52 -12.85
N VAL H 13 -54.96 -18.65 -13.10
CA VAL H 13 -55.24 -17.40 -13.79
C VAL H 13 -55.56 -17.67 -15.26
N ASN H 14 -54.90 -18.65 -15.87
CA ASN H 14 -55.15 -18.95 -17.28
C ASN H 14 -56.56 -19.46 -17.50
N LYS H 15 -57.07 -20.27 -16.58
CA LYS H 15 -58.40 -20.87 -16.75
C LYS H 15 -59.49 -19.80 -16.80
N HIS H 16 -59.35 -18.74 -16.02
CA HIS H 16 -60.34 -17.68 -15.94
C HIS H 16 -59.75 -16.43 -16.58
N SER H 17 -59.92 -16.31 -17.90
CA SER H 17 -59.43 -15.15 -18.63
C SER H 17 -60.19 -15.03 -19.94
N THR H 18 -60.19 -13.81 -20.48
CA THR H 18 -60.85 -13.52 -21.74
C THR H 18 -59.84 -13.66 -22.88
N SER H 19 -60.20 -13.16 -24.07
CA SER H 19 -59.32 -13.26 -25.22
C SER H 19 -58.06 -12.43 -25.01
N ILE H 20 -58.21 -11.13 -24.78
CA ILE H 20 -57.05 -10.27 -24.50
C ILE H 20 -56.42 -10.64 -23.17
N GLY H 21 -57.23 -11.09 -22.20
CA GLY H 21 -56.71 -11.40 -20.89
C GLY H 21 -55.72 -12.56 -20.89
N LYS H 22 -55.67 -13.33 -21.97
CA LYS H 22 -54.69 -14.39 -22.06
C LYS H 22 -53.38 -13.92 -22.71
N ILE H 23 -53.46 -12.94 -23.61
CA ILE H 23 -52.24 -12.33 -24.14
C ILE H 23 -51.55 -11.52 -23.06
N TRP H 24 -52.32 -10.82 -22.22
CA TRP H 24 -51.75 -10.02 -21.15
C TRP H 24 -50.97 -10.90 -20.16
N LEU H 25 -51.45 -12.11 -19.91
CA LEU H 25 -50.80 -12.97 -18.93
C LEU H 25 -49.40 -13.36 -19.38
N THR H 26 -49.23 -13.69 -20.66
CA THR H 26 -47.90 -14.06 -21.16
C THR H 26 -46.94 -12.88 -21.07
N VAL H 27 -47.39 -11.69 -21.48
CA VAL H 27 -46.54 -10.51 -21.41
C VAL H 27 -46.11 -10.25 -19.97
N LEU H 28 -47.02 -10.46 -19.02
CA LEU H 28 -46.68 -10.30 -17.62
C LEU H 28 -45.64 -11.32 -17.15
N PHE H 29 -45.69 -12.54 -17.69
CA PHE H 29 -44.83 -13.61 -17.19
C PHE H 29 -43.61 -13.86 -18.06
N ILE H 30 -43.80 -14.16 -19.35
CA ILE H 30 -42.67 -14.60 -20.15
C ILE H 30 -41.76 -13.44 -20.51
N PHE H 31 -42.23 -12.20 -20.38
CA PHE H 31 -41.40 -11.03 -20.62
C PHE H 31 -41.01 -10.32 -19.34
N ARG H 32 -41.98 -9.95 -18.51
CA ARG H 32 -41.67 -9.18 -17.31
C ARG H 32 -41.00 -10.05 -16.25
N ILE H 33 -41.70 -11.06 -15.74
CA ILE H 33 -41.19 -11.88 -14.66
C ILE H 33 -39.91 -12.59 -15.08
N MET H 34 -39.86 -13.06 -16.32
CA MET H 34 -38.77 -13.94 -16.74
C MET H 34 -37.43 -13.23 -16.74
N ILE H 35 -37.37 -12.02 -17.33
CA ILE H 35 -36.07 -11.38 -17.50
C ILE H 35 -35.50 -10.87 -16.19
N LEU H 36 -36.36 -10.48 -15.24
CA LEU H 36 -35.86 -10.14 -13.91
C LEU H 36 -35.14 -11.31 -13.27
N VAL H 37 -35.77 -12.48 -13.29
CA VAL H 37 -35.22 -13.63 -12.58
C VAL H 37 -33.95 -14.14 -13.26
N VAL H 38 -33.95 -14.18 -14.59
CA VAL H 38 -32.89 -14.85 -15.33
C VAL H 38 -31.91 -13.90 -16.00
N ALA H 39 -32.26 -12.64 -16.20
CA ALA H 39 -31.35 -11.80 -16.97
C ALA H 39 -30.95 -10.51 -16.28
N ALA H 40 -31.89 -9.83 -15.61
CA ALA H 40 -31.65 -8.47 -15.16
C ALA H 40 -31.21 -8.36 -13.71
N LYS H 41 -31.54 -9.33 -12.86
CA LYS H 41 -31.25 -9.18 -11.43
C LYS H 41 -29.76 -9.17 -11.15
N GLU H 42 -28.96 -9.80 -12.02
CA GLU H 42 -27.52 -9.86 -11.81
C GLU H 42 -26.75 -8.87 -12.67
N VAL H 43 -27.42 -8.15 -13.57
CA VAL H 43 -26.80 -6.98 -14.20
C VAL H 43 -26.60 -5.88 -13.17
N TRP H 44 -27.55 -5.75 -12.23
CA TRP H 44 -27.47 -4.83 -11.12
C TRP H 44 -26.76 -5.42 -9.91
N GLY H 45 -25.98 -6.49 -10.11
CA GLY H 45 -25.37 -7.16 -8.98
C GLY H 45 -24.32 -6.32 -8.27
N ASP H 46 -23.49 -5.61 -9.03
CA ASP H 46 -22.39 -4.81 -8.48
C ASP H 46 -22.62 -3.33 -8.71
N GLU H 47 -23.84 -2.86 -8.48
CA GLU H 47 -24.15 -1.44 -8.71
C GLU H 47 -23.33 -0.55 -7.80
N GLN H 48 -23.19 -0.92 -6.52
CA GLN H 48 -22.39 -0.14 -5.58
C GLN H 48 -20.97 -0.65 -5.44
N ALA H 49 -20.75 -1.95 -5.65
CA ALA H 49 -19.39 -2.48 -5.56
C ALA H 49 -18.50 -1.94 -6.67
N ASP H 50 -19.06 -1.69 -7.86
CA ASP H 50 -18.31 -1.15 -8.98
C ASP H 50 -18.61 0.32 -9.22
N PHE H 51 -19.18 1.01 -8.23
CA PHE H 51 -19.37 2.45 -8.28
C PHE H 51 -18.07 3.12 -7.84
N VAL H 52 -17.37 3.77 -8.78
CA VAL H 52 -16.04 4.30 -8.54
C VAL H 52 -16.09 5.82 -8.58
N CYS H 53 -15.58 6.45 -7.52
CA CYS H 53 -15.53 7.90 -7.42
C CYS H 53 -14.09 8.37 -7.32
N ASN H 54 -13.74 9.37 -8.11
CA ASN H 54 -12.39 9.94 -8.11
C ASN H 54 -12.28 10.88 -6.92
N THR H 55 -11.89 10.34 -5.78
CA THR H 55 -11.78 11.13 -4.56
C THR H 55 -11.00 10.33 -3.53
N LEU H 56 -10.49 11.03 -2.52
CA LEU H 56 -9.90 10.42 -1.35
C LEU H 56 -10.74 10.62 -0.10
N GLN H 57 -11.91 11.21 -0.23
CA GLN H 57 -12.73 11.55 0.93
C GLN H 57 -13.47 10.32 1.44
N PRO H 58 -13.29 9.92 2.69
CA PRO H 58 -14.06 8.79 3.22
C PRO H 58 -15.53 9.12 3.32
N GLY H 59 -16.36 8.18 2.89
CA GLY H 59 -17.80 8.34 2.92
C GLY H 59 -18.39 9.08 1.75
N CYS H 60 -17.56 9.63 0.86
CA CYS H 60 -18.08 10.34 -0.31
C CYS H 60 -18.79 9.38 -1.26
N LYS H 61 -18.23 8.19 -1.46
CA LYS H 61 -18.84 7.22 -2.37
C LYS H 61 -20.21 6.79 -1.88
N ASN H 62 -20.38 6.65 -0.56
CA ASN H 62 -21.65 6.19 -0.01
C ASN H 62 -22.78 7.18 -0.29
N VAL H 63 -22.53 8.47 -0.06
CA VAL H 63 -23.62 9.44 -0.16
C VAL H 63 -23.89 9.83 -1.61
N CYS H 64 -22.89 9.71 -2.50
CA CYS H 64 -23.13 10.03 -3.89
C CYS H 64 -23.93 8.93 -4.58
N TYR H 65 -23.66 7.66 -4.23
CA TYR H 65 -24.47 6.58 -4.75
C TYR H 65 -25.91 6.66 -4.26
N ASP H 66 -26.08 7.01 -2.98
CA ASP H 66 -27.44 7.14 -2.44
C ASP H 66 -28.19 8.28 -3.10
N HIS H 67 -27.49 9.38 -3.41
CA HIS H 67 -28.14 10.53 -4.01
C HIS H 67 -28.68 10.22 -5.40
N TYR H 68 -27.91 9.47 -6.20
CA TYR H 68 -28.25 9.27 -7.60
C TYR H 68 -29.06 7.99 -7.86
N PHE H 69 -29.10 7.08 -6.90
CA PHE H 69 -29.91 5.87 -7.00
C PHE H 69 -30.68 5.68 -5.70
N PRO H 70 -31.67 6.53 -5.44
CA PRO H 70 -32.44 6.39 -4.19
C PRO H 70 -33.14 5.05 -4.08
N ILE H 71 -33.59 4.49 -5.19
CA ILE H 71 -34.08 3.11 -5.23
C ILE H 71 -33.59 2.47 -6.53
N SER H 72 -33.13 1.24 -6.43
CA SER H 72 -32.59 0.54 -7.59
C SER H 72 -33.67 0.28 -8.63
N HIS H 73 -33.23 0.14 -9.89
CA HIS H 73 -34.17 -0.15 -10.97
C HIS H 73 -34.84 -1.50 -10.76
N ILE H 74 -34.08 -2.52 -10.37
CA ILE H 74 -34.64 -3.85 -10.20
C ILE H 74 -35.60 -3.89 -9.01
N ARG H 75 -35.33 -3.09 -7.98
CA ARG H 75 -36.25 -3.03 -6.86
C ARG H 75 -37.51 -2.27 -7.21
N LEU H 76 -37.41 -1.26 -8.07
CA LEU H 76 -38.60 -0.54 -8.52
C LEU H 76 -39.44 -1.43 -9.44
N TRP H 77 -38.79 -2.27 -10.25
CA TRP H 77 -39.53 -3.17 -11.13
C TRP H 77 -40.21 -4.28 -10.33
N ALA H 78 -39.55 -4.77 -9.28
CA ALA H 78 -40.16 -5.80 -8.45
C ALA H 78 -41.41 -5.26 -7.74
N LEU H 79 -41.35 -4.02 -7.28
CA LEU H 79 -42.52 -3.42 -6.64
C LEU H 79 -43.65 -3.22 -7.64
N GLN H 80 -43.33 -2.83 -8.87
CA GLN H 80 -44.35 -2.63 -9.89
C GLN H 80 -45.04 -3.95 -10.23
N LEU H 81 -44.27 -5.04 -10.32
CA LEU H 81 -44.86 -6.33 -10.68
C LEU H 81 -45.82 -6.81 -9.61
N ILE H 82 -45.49 -6.62 -8.34
CA ILE H 82 -46.40 -6.99 -7.26
C ILE H 82 -47.65 -6.13 -7.30
N PHE H 83 -47.49 -4.83 -7.50
CA PHE H 83 -48.65 -3.93 -7.50
C PHE H 83 -49.54 -4.16 -8.71
N VAL H 84 -48.97 -4.56 -9.85
CA VAL H 84 -49.78 -4.84 -11.04
C VAL H 84 -50.50 -6.16 -10.90
N SER H 85 -49.84 -7.18 -10.36
CA SER H 85 -50.45 -8.50 -10.23
C SER H 85 -51.42 -8.59 -9.05
N THR H 86 -51.41 -7.61 -8.15
CA THR H 86 -52.31 -7.66 -7.00
C THR H 86 -53.78 -7.58 -7.38
N PRO H 87 -54.24 -6.63 -8.22
CA PRO H 87 -55.67 -6.61 -8.55
C PRO H 87 -56.16 -7.87 -9.22
N ALA H 88 -55.32 -8.50 -10.05
CA ALA H 88 -55.74 -9.73 -10.72
C ALA H 88 -55.95 -10.86 -9.71
N LEU H 89 -55.11 -10.93 -8.68
CA LEU H 89 -55.27 -11.97 -7.68
C LEU H 89 -56.49 -11.71 -6.80
N LEU H 90 -56.80 -10.44 -6.53
CA LEU H 90 -58.00 -10.11 -5.76
C LEU H 90 -59.26 -10.51 -6.50
N VAL H 91 -59.31 -10.25 -7.81
CA VAL H 91 -60.49 -10.61 -8.60
C VAL H 91 -60.64 -12.13 -8.64
N ALA H 92 -59.54 -12.85 -8.84
CA ALA H 92 -59.60 -14.31 -8.90
C ALA H 92 -60.00 -14.91 -7.55
N MET H 93 -59.87 -14.13 -6.47
CA MET H 93 -60.37 -14.60 -5.18
C MET H 93 -61.83 -14.22 -4.99
N HIS H 94 -62.24 -13.05 -5.48
CA HIS H 94 -63.65 -12.67 -5.43
C HIS H 94 -64.50 -13.58 -6.32
N VAL H 95 -63.95 -13.99 -7.47
CA VAL H 95 -64.63 -14.97 -8.31
C VAL H 95 -64.78 -16.29 -7.56
N ALA H 96 -63.71 -16.73 -6.89
CA ALA H 96 -63.81 -17.93 -6.08
C ALA H 96 -64.72 -17.71 -4.88
N TYR H 97 -64.74 -16.50 -4.33
CA TYR H 97 -65.65 -16.18 -3.24
C TYR H 97 -67.11 -16.26 -3.70
N ARG H 98 -67.40 -15.76 -4.91
CA ARG H 98 -68.75 -15.84 -5.44
C ARG H 98 -69.16 -17.27 -5.71
N ARG H 99 -68.21 -18.14 -6.08
CA ARG H 99 -68.50 -19.56 -6.22
C ARG H 99 -68.93 -20.15 -4.88
N HIS H 100 -68.26 -19.76 -3.80
CA HIS H 100 -68.63 -20.19 -2.47
C HIS H 100 -69.92 -19.51 -2.02
N GLY H 130 -73.61 -7.72 -13.99
CA GLY H 130 -73.80 -8.27 -12.66
C GLY H 130 -72.75 -7.81 -11.66
N SER H 131 -72.59 -8.57 -10.58
CA SER H 131 -71.59 -8.22 -9.57
C SER H 131 -70.17 -8.32 -10.13
N LEU H 132 -69.97 -9.17 -11.14
CA LEU H 132 -68.64 -9.30 -11.74
C LEU H 132 -68.21 -8.00 -12.41
N TRP H 133 -69.14 -7.32 -13.09
CA TRP H 133 -68.80 -6.11 -13.82
C TRP H 133 -68.39 -4.96 -12.91
N TRP H 134 -68.76 -5.00 -11.63
CA TRP H 134 -68.38 -3.95 -10.70
C TRP H 134 -67.00 -4.17 -10.08
N THR H 135 -66.40 -5.33 -10.28
CA THR H 135 -65.06 -5.61 -9.79
C THR H 135 -64.05 -5.83 -10.89
N TYR H 136 -64.42 -6.55 -11.94
CA TYR H 136 -63.48 -6.84 -13.03
C TYR H 136 -63.04 -5.56 -13.72
N THR H 137 -63.97 -4.64 -13.97
CA THR H 137 -63.64 -3.37 -14.60
C THR H 137 -62.73 -2.50 -13.74
N SER H 138 -62.96 -2.45 -12.43
CA SER H 138 -62.13 -1.65 -11.55
C SER H 138 -60.69 -2.13 -11.54
N SER H 139 -60.49 -3.45 -11.56
CA SER H 139 -59.13 -3.99 -11.55
C SER H 139 -58.34 -3.53 -12.77
N ILE H 140 -58.97 -3.54 -13.95
CA ILE H 140 -58.31 -3.03 -15.14
C ILE H 140 -58.02 -1.55 -15.00
N PHE H 141 -58.96 -0.80 -14.41
CA PHE H 141 -58.73 0.62 -14.18
C PHE H 141 -57.58 0.85 -13.20
N PHE H 142 -57.53 0.05 -12.13
CA PHE H 142 -56.43 0.19 -11.16
C PHE H 142 -55.09 -0.15 -11.79
N ARG H 143 -55.05 -1.21 -12.60
CA ARG H 143 -53.78 -1.63 -13.20
C ARG H 143 -53.23 -0.58 -14.14
N VAL H 144 -54.11 0.13 -14.85
CA VAL H 144 -53.65 1.21 -15.72
C VAL H 144 -53.03 2.33 -14.90
N ILE H 145 -53.66 2.69 -13.78
CA ILE H 145 -53.14 3.77 -12.94
C ILE H 145 -51.79 3.39 -12.35
N PHE H 146 -51.65 2.13 -11.91
CA PHE H 146 -50.39 1.70 -11.32
C PHE H 146 -49.26 1.74 -12.34
N GLU H 147 -49.51 1.27 -13.56
CA GLU H 147 -48.49 1.30 -14.60
C GLU H 147 -48.09 2.73 -14.94
N ALA H 148 -49.07 3.63 -15.03
CA ALA H 148 -48.76 5.03 -15.31
C ALA H 148 -47.97 5.66 -14.16
N ALA H 149 -48.33 5.32 -12.92
CA ALA H 149 -47.62 5.88 -11.78
C ALA H 149 -46.16 5.43 -11.75
N PHE H 150 -45.91 4.13 -11.92
CA PHE H 150 -44.54 3.63 -11.90
C PHE H 150 -43.74 4.17 -13.08
N MET H 151 -44.36 4.26 -14.25
CA MET H 151 -43.68 4.88 -15.38
C MET H 151 -43.34 6.34 -15.09
N TYR H 152 -44.26 7.07 -14.46
CA TYR H 152 -44.00 8.45 -14.10
C TYR H 152 -42.86 8.54 -13.09
N VAL H 153 -42.84 7.63 -12.12
CA VAL H 153 -41.77 7.63 -11.12
C VAL H 153 -40.43 7.38 -11.78
N PHE H 154 -40.38 6.44 -12.73
CA PHE H 154 -39.12 6.14 -13.40
C PHE H 154 -38.59 7.35 -14.16
N TYR H 155 -39.47 8.09 -14.83
CA TYR H 155 -39.03 9.24 -15.61
C TYR H 155 -38.56 10.38 -14.72
N VAL H 156 -39.35 10.72 -13.69
CA VAL H 156 -39.05 11.91 -12.92
C VAL H 156 -37.90 11.67 -11.93
N MET H 157 -37.62 10.42 -11.58
CA MET H 157 -36.57 10.14 -10.62
C MET H 157 -35.22 9.92 -11.29
N TYR H 158 -35.20 9.47 -12.54
CA TYR H 158 -33.98 9.26 -13.29
C TYR H 158 -33.91 10.14 -14.54
N ASP H 159 -34.64 11.25 -14.54
CA ASP H 159 -34.63 12.31 -15.56
C ASP H 159 -34.46 11.78 -16.98
N GLY H 160 -35.12 10.66 -17.28
CA GLY H 160 -35.04 10.02 -18.57
C GLY H 160 -34.91 8.52 -18.39
N PHE H 161 -34.60 7.85 -19.49
CA PHE H 161 -34.43 6.39 -19.48
C PHE H 161 -33.03 5.96 -19.90
N SER H 162 -32.14 6.91 -20.15
CA SER H 162 -30.77 6.61 -20.54
C SER H 162 -29.84 6.86 -19.36
N MET H 163 -29.06 5.84 -19.00
CA MET H 163 -28.14 5.94 -17.88
C MET H 163 -26.83 6.57 -18.35
N GLN H 164 -26.29 7.47 -17.54
CA GLN H 164 -25.06 8.16 -17.87
C GLN H 164 -23.84 7.44 -17.29
N ARG H 165 -22.72 7.56 -18.00
CA ARG H 165 -21.47 7.00 -17.48
C ARG H 165 -20.95 7.80 -16.29
N LEU H 166 -21.12 9.12 -16.31
CA LEU H 166 -20.54 10.01 -15.33
C LEU H 166 -21.63 10.78 -14.61
N VAL H 167 -21.56 10.81 -13.28
CA VAL H 167 -22.43 11.64 -12.46
C VAL H 167 -21.55 12.57 -11.62
N LYS H 168 -21.96 13.83 -11.54
CA LYS H 168 -21.21 14.85 -10.82
C LYS H 168 -21.93 15.11 -9.50
N CYS H 169 -21.28 14.77 -8.40
CA CYS H 169 -21.90 14.78 -7.07
C CYS H 169 -21.19 15.81 -6.21
N ASN H 170 -21.98 16.62 -5.50
CA ASN H 170 -21.45 17.68 -4.64
C ASN H 170 -22.15 17.69 -3.30
N ALA H 171 -22.43 16.52 -2.75
CA ALA H 171 -23.07 16.38 -1.46
C ALA H 171 -22.04 16.16 -0.37
N TRP H 172 -22.33 16.67 0.83
CA TRP H 172 -21.43 16.49 1.95
C TRP H 172 -21.25 15.00 2.25
N PRO H 173 -20.05 14.55 2.60
CA PRO H 173 -18.81 15.30 2.86
C PRO H 173 -17.90 15.46 1.64
N CYS H 174 -18.39 15.26 0.44
CA CYS H 174 -17.54 15.35 -0.73
C CYS H 174 -17.07 16.79 -0.92
N PRO H 175 -15.76 17.02 -1.11
CA PRO H 175 -15.28 18.40 -1.31
C PRO H 175 -15.54 18.86 -2.73
N ASN H 176 -16.15 20.04 -2.85
CA ASN H 176 -16.51 20.64 -4.15
C ASN H 176 -17.37 19.63 -4.90
N THR H 177 -17.11 19.37 -6.17
CA THR H 177 -17.84 18.38 -6.96
C THR H 177 -16.89 17.25 -7.33
N VAL H 178 -17.33 16.01 -7.13
CA VAL H 178 -16.52 14.84 -7.42
C VAL H 178 -17.10 14.13 -8.64
N ASP H 179 -16.23 13.42 -9.34
CA ASP H 179 -16.61 12.64 -10.51
C ASP H 179 -16.78 11.18 -10.11
N CYS H 180 -17.94 10.61 -10.38
CA CYS H 180 -18.22 9.22 -10.08
C CYS H 180 -18.66 8.51 -11.36
N PHE H 181 -18.37 7.22 -11.43
CA PHE H 181 -18.57 6.44 -12.65
C PHE H 181 -19.44 5.24 -12.35
N VAL H 182 -20.44 5.01 -13.19
CA VAL H 182 -21.47 4.00 -12.98
C VAL H 182 -21.02 2.68 -13.62
N SER H 183 -21.50 1.58 -13.04
CA SER H 183 -21.20 0.24 -13.54
C SER H 183 -22.25 -0.18 -14.58
N ARG H 184 -21.77 -0.65 -15.72
CA ARG H 184 -22.61 -1.12 -16.81
C ARG H 184 -23.75 -0.16 -17.18
N PRO H 185 -23.45 1.10 -17.47
CA PRO H 185 -24.53 2.03 -17.85
C PRO H 185 -25.26 1.63 -19.12
N THR H 186 -24.57 1.03 -20.09
CA THR H 186 -25.22 0.71 -21.36
C THR H 186 -26.14 -0.49 -21.23
N GLU H 187 -25.70 -1.53 -20.51
CA GLU H 187 -26.55 -2.70 -20.32
C GLU H 187 -27.78 -2.36 -19.49
N LYS H 188 -27.63 -1.44 -18.54
CA LYS H 188 -28.79 -1.04 -17.74
C LYS H 188 -29.75 -0.18 -18.55
N THR H 189 -29.25 0.52 -19.56
CA THR H 189 -30.14 1.29 -20.43
C THR H 189 -30.93 0.38 -21.35
N VAL H 190 -30.30 -0.67 -21.87
CA VAL H 190 -30.99 -1.60 -22.76
C VAL H 190 -32.11 -2.32 -22.01
N PHE H 191 -31.81 -2.82 -20.82
CA PHE H 191 -32.83 -3.51 -20.03
C PHE H 191 -33.89 -2.57 -19.50
N THR H 192 -33.60 -1.27 -19.39
CA THR H 192 -34.62 -0.31 -19.01
C THR H 192 -35.58 -0.05 -20.16
N VAL H 193 -35.06 0.02 -21.39
CA VAL H 193 -35.91 0.27 -22.55
C VAL H 193 -36.89 -0.87 -22.75
N PHE H 194 -36.45 -2.11 -22.51
CA PHE H 194 -37.31 -3.27 -22.73
C PHE H 194 -38.55 -3.22 -21.86
N MET H 195 -38.38 -2.91 -20.57
CA MET H 195 -39.55 -2.88 -19.69
C MET H 195 -40.40 -1.64 -19.88
N ILE H 196 -39.80 -0.51 -20.26
CA ILE H 196 -40.61 0.67 -20.56
C ILE H 196 -41.53 0.39 -21.74
N ALA H 197 -41.00 -0.27 -22.77
CA ALA H 197 -41.82 -0.62 -23.92
C ALA H 197 -42.83 -1.71 -23.57
N VAL H 198 -42.38 -2.76 -22.89
CA VAL H 198 -43.27 -3.88 -22.57
C VAL H 198 -44.39 -3.43 -21.63
N SER H 199 -44.05 -2.66 -20.60
CA SER H 199 -45.08 -2.16 -19.70
C SER H 199 -45.98 -1.15 -20.41
N GLY H 200 -45.46 -0.46 -21.43
CA GLY H 200 -46.31 0.39 -22.25
C GLY H 200 -47.32 -0.41 -23.05
N ILE H 201 -46.93 -1.60 -23.51
CA ILE H 201 -47.86 -2.47 -24.20
C ILE H 201 -48.98 -2.90 -23.26
N CYS H 202 -48.64 -3.24 -22.02
CA CYS H 202 -49.66 -3.63 -21.04
C CYS H 202 -50.65 -2.50 -20.78
N ILE H 203 -50.21 -1.25 -20.93
CA ILE H 203 -51.12 -0.12 -20.79
C ILE H 203 -52.11 -0.10 -21.95
N LEU H 204 -51.62 -0.29 -23.17
CA LEU H 204 -52.51 -0.30 -24.33
C LEU H 204 -53.45 -1.50 -24.31
N LEU H 205 -52.94 -2.67 -23.93
CA LEU H 205 -53.79 -3.86 -23.87
C LEU H 205 -54.89 -3.68 -22.82
N ASN H 206 -54.55 -3.11 -21.67
CA ASN H 206 -55.57 -2.89 -20.65
C ASN H 206 -56.58 -1.84 -21.08
N VAL H 207 -56.13 -0.83 -21.82
CA VAL H 207 -57.06 0.18 -22.34
C VAL H 207 -58.00 -0.44 -23.36
N THR H 208 -57.47 -1.29 -24.24
CA THR H 208 -58.32 -1.93 -25.25
C THR H 208 -59.40 -2.80 -24.60
N GLU H 209 -59.01 -3.59 -23.60
CA GLU H 209 -60.01 -4.41 -22.91
C GLU H 209 -61.05 -3.55 -22.20
N LEU H 210 -60.63 -2.37 -21.72
CA LEU H 210 -61.58 -1.46 -21.09
C LEU H 210 -62.55 -0.87 -22.11
N CYS H 211 -62.08 -0.63 -23.33
CA CYS H 211 -62.96 -0.10 -24.36
C CYS H 211 -64.00 -1.12 -24.79
N TYR H 212 -63.64 -2.41 -24.80
CA TYR H 212 -64.60 -3.45 -25.15
C TYR H 212 -65.74 -3.50 -24.15
N LEU H 213 -65.43 -3.38 -22.86
CA LEU H 213 -66.46 -3.50 -21.84
C LEU H 213 -67.40 -2.30 -21.84
N LEU H 214 -66.89 -1.12 -22.24
CA LEU H 214 -67.76 0.05 -22.30
C LEU H 214 -68.72 -0.04 -23.48
N ILE H 215 -68.25 -0.51 -24.63
CA ILE H 215 -69.12 -0.68 -25.78
C ILE H 215 -70.18 -1.75 -25.51
N ARG H 216 -69.77 -2.84 -24.86
CA ARG H 216 -70.69 -3.93 -24.58
C ARG H 216 -71.81 -3.51 -23.62
N TYR H 217 -71.47 -2.74 -22.59
CA TYR H 217 -72.41 -2.44 -21.53
C TYR H 217 -73.08 -1.08 -21.71
N CYS H 218 -72.30 -0.01 -21.81
CA CYS H 218 -72.84 1.35 -21.87
C CYS H 218 -72.89 1.91 -23.28
N SER H 219 -71.76 1.92 -23.99
CA SER H 219 -71.72 2.46 -25.34
C SER H 219 -71.99 1.38 -26.37
N THR I 8 -43.43 -31.13 -16.78
CA THR I 8 -44.83 -30.97 -17.13
C THR I 8 -44.98 -30.06 -18.35
N ILE I 9 -44.39 -28.87 -18.28
CA ILE I 9 -44.45 -27.93 -19.40
C ILE I 9 -43.75 -28.51 -20.61
N LEU I 10 -42.61 -29.18 -20.42
CA LEU I 10 -41.91 -29.80 -21.53
C LEU I 10 -42.75 -30.89 -22.17
N GLY I 11 -43.45 -31.68 -21.35
CA GLY I 11 -44.30 -32.72 -21.90
C GLY I 11 -45.46 -32.17 -22.69
N GLY I 12 -46.06 -31.07 -22.20
CA GLY I 12 -47.20 -30.50 -22.90
C GLY I 12 -46.86 -29.95 -24.28
N VAL I 13 -45.70 -29.29 -24.39
CA VAL I 13 -45.33 -28.67 -25.66
C VAL I 13 -44.98 -29.72 -26.69
N ASN I 14 -44.26 -30.78 -26.30
CA ASN I 14 -43.82 -31.77 -27.27
C ASN I 14 -44.97 -32.60 -27.81
N LYS I 15 -46.05 -32.75 -27.04
CA LYS I 15 -47.19 -33.54 -27.51
C LYS I 15 -47.83 -32.91 -28.73
N HIS I 16 -47.98 -31.58 -28.73
CA HIS I 16 -48.60 -30.86 -29.85
C HIS I 16 -47.49 -30.34 -30.75
N SER I 17 -46.94 -31.25 -31.55
CA SER I 17 -45.83 -30.91 -32.44
C SER I 17 -45.81 -31.86 -33.63
N THR I 18 -45.09 -31.45 -34.66
CA THR I 18 -44.94 -32.23 -35.88
C THR I 18 -43.75 -33.18 -35.68
N SER I 19 -43.43 -33.99 -36.70
CA SER I 19 -42.33 -34.95 -36.58
C SER I 19 -41.00 -34.25 -36.34
N ILE I 20 -40.70 -33.22 -37.14
CA ILE I 20 -39.46 -32.48 -36.94
C ILE I 20 -39.50 -31.70 -35.63
N GLY I 21 -40.68 -31.21 -35.24
CA GLY I 21 -40.81 -30.45 -34.02
C GLY I 21 -40.32 -31.17 -32.79
N LYS I 22 -40.25 -32.50 -32.83
CA LYS I 22 -39.60 -33.24 -31.75
C LYS I 22 -38.09 -32.99 -31.73
N ILE I 23 -37.47 -32.94 -32.91
CA ILE I 23 -36.03 -32.69 -32.98
C ILE I 23 -35.71 -31.26 -32.59
N TRP I 24 -36.52 -30.29 -33.06
CA TRP I 24 -36.26 -28.89 -32.75
C TRP I 24 -36.37 -28.63 -31.25
N LEU I 25 -37.37 -29.22 -30.60
CA LEU I 25 -37.52 -29.04 -29.16
C LEU I 25 -36.36 -29.68 -28.41
N THR I 26 -35.91 -30.85 -28.86
CA THR I 26 -34.79 -31.51 -28.20
C THR I 26 -33.52 -30.68 -28.28
N VAL I 27 -33.25 -30.09 -29.45
CA VAL I 27 -32.07 -29.23 -29.60
C VAL I 27 -32.20 -27.99 -28.72
N LEU I 28 -33.40 -27.39 -28.68
CA LEU I 28 -33.57 -26.15 -27.93
C LEU I 28 -33.33 -26.35 -26.44
N PHE I 29 -33.83 -27.45 -25.88
CA PHE I 29 -33.71 -27.64 -24.43
C PHE I 29 -32.39 -28.28 -24.03
N ILE I 30 -32.02 -29.39 -24.68
CA ILE I 30 -30.83 -30.13 -24.26
C ILE I 30 -29.57 -29.32 -24.50
N PHE I 31 -29.53 -28.53 -25.58
CA PHE I 31 -28.32 -27.79 -25.93
C PHE I 31 -28.38 -26.32 -25.52
N ARG I 32 -29.38 -25.58 -25.99
CA ARG I 32 -29.41 -24.15 -25.72
C ARG I 32 -29.62 -23.86 -24.25
N ILE I 33 -30.64 -24.48 -23.64
CA ILE I 33 -31.00 -24.15 -22.26
C ILE I 33 -29.97 -24.72 -21.29
N MET I 34 -29.59 -26.00 -21.47
CA MET I 34 -28.69 -26.65 -20.53
C MET I 34 -27.33 -25.97 -20.50
N ILE I 35 -26.75 -25.69 -21.67
CA ILE I 35 -25.42 -25.09 -21.72
C ILE I 35 -25.44 -23.70 -21.10
N LEU I 36 -26.47 -22.91 -21.39
CA LEU I 36 -26.55 -21.56 -20.86
C LEU I 36 -26.70 -21.57 -19.34
N VAL I 37 -27.24 -22.64 -18.77
CA VAL I 37 -27.56 -22.67 -17.35
C VAL I 37 -26.42 -23.29 -16.55
N VAL I 38 -26.08 -24.55 -16.87
CA VAL I 38 -25.12 -25.28 -16.05
C VAL I 38 -23.67 -25.11 -16.51
N ALA I 39 -23.44 -24.57 -17.71
CA ALA I 39 -22.08 -24.45 -18.24
C ALA I 39 -21.66 -23.00 -18.43
N ALA I 40 -22.43 -22.21 -19.16
CA ALA I 40 -21.98 -20.88 -19.57
C ALA I 40 -22.32 -19.78 -18.58
N LYS I 41 -23.07 -20.07 -17.51
CA LYS I 41 -23.49 -19.02 -16.60
C LYS I 41 -22.30 -18.43 -15.84
N GLU I 42 -21.47 -19.29 -15.24
CA GLU I 42 -20.38 -18.83 -14.40
C GLU I 42 -19.07 -18.63 -15.17
N VAL I 43 -19.02 -19.01 -16.45
CA VAL I 43 -17.90 -18.60 -17.29
C VAL I 43 -17.85 -17.08 -17.41
N TRP I 44 -19.02 -16.44 -17.47
CA TRP I 44 -19.12 -15.00 -17.49
C TRP I 44 -19.28 -14.39 -16.10
N GLY I 45 -19.02 -15.17 -15.05
CA GLY I 45 -19.24 -14.67 -13.71
C GLY I 45 -18.30 -13.55 -13.31
N ASP I 46 -17.01 -13.69 -13.62
CA ASP I 46 -16.00 -12.70 -13.27
C ASP I 46 -15.61 -11.84 -14.46
N GLU I 47 -16.55 -11.60 -15.37
CA GLU I 47 -16.26 -10.91 -16.62
C GLU I 47 -15.84 -9.46 -16.40
N GLN I 48 -16.34 -8.81 -15.35
CA GLN I 48 -15.90 -7.46 -15.02
C GLN I 48 -14.95 -7.41 -13.84
N ALA I 49 -15.10 -8.31 -12.86
CA ALA I 49 -14.19 -8.33 -11.72
C ALA I 49 -12.76 -8.64 -12.15
N ASP I 50 -12.59 -9.42 -13.22
CA ASP I 50 -11.27 -9.77 -13.73
C ASP I 50 -10.93 -9.03 -15.01
N PHE I 51 -11.58 -7.90 -15.25
CA PHE I 51 -11.21 -7.01 -16.35
C PHE I 51 -10.11 -6.07 -15.85
N VAL I 52 -8.91 -6.19 -16.44
CA VAL I 52 -7.72 -5.49 -15.96
C VAL I 52 -7.28 -4.51 -17.04
N CYS I 53 -7.07 -3.26 -16.64
CA CYS I 53 -6.61 -2.21 -17.54
C CYS I 53 -5.31 -1.64 -17.01
N ASN I 54 -4.31 -1.53 -17.88
CA ASN I 54 -3.00 -0.98 -17.52
C ASN I 54 -3.13 0.54 -17.48
N THR I 55 -3.50 1.06 -16.31
CA THR I 55 -3.73 2.48 -16.15
C THR I 55 -3.81 2.79 -14.66
N LEU I 56 -3.65 4.06 -14.34
CA LEU I 56 -3.91 4.56 -12.99
C LEU I 56 -5.10 5.50 -12.94
N GLN I 57 -5.80 5.69 -14.05
CA GLN I 57 -6.91 6.64 -14.12
C GLN I 57 -8.14 6.08 -13.44
N PRO I 58 -8.70 6.76 -12.43
CA PRO I 58 -9.94 6.27 -11.82
C PRO I 58 -11.10 6.38 -12.79
N GLY I 59 -11.91 5.33 -12.84
CA GLY I 59 -13.06 5.27 -13.72
C GLY I 59 -12.76 4.87 -15.14
N CYS I 60 -11.49 4.66 -15.48
CA CYS I 60 -11.14 4.23 -16.84
C CYS I 60 -11.60 2.80 -17.10
N LYS I 61 -11.49 1.93 -16.10
CA LYS I 61 -11.92 0.54 -16.27
C LYS I 61 -13.42 0.44 -16.48
N ASN I 62 -14.20 1.27 -15.78
CA ASN I 62 -15.65 1.23 -15.91
C ASN I 62 -16.08 1.58 -17.32
N VAL I 63 -15.64 2.72 -17.84
CA VAL I 63 -16.10 3.16 -19.16
C VAL I 63 -15.53 2.27 -20.25
N CYS I 64 -14.35 1.70 -20.04
CA CYS I 64 -13.76 0.86 -21.09
C CYS I 64 -14.46 -0.47 -21.20
N TYR I 65 -14.80 -1.09 -20.07
CA TYR I 65 -15.57 -2.32 -20.11
C TYR I 65 -16.93 -2.10 -20.74
N ASP I 66 -17.59 -0.99 -20.40
CA ASP I 66 -18.91 -0.71 -20.94
C ASP I 66 -18.87 -0.51 -22.45
N HIS I 67 -17.78 0.10 -22.94
CA HIS I 67 -17.68 0.37 -24.38
C HIS I 67 -17.59 -0.92 -25.20
N TYR I 68 -16.81 -1.89 -24.72
CA TYR I 68 -16.56 -3.10 -25.49
C TYR I 68 -17.57 -4.21 -25.21
N PHE I 69 -18.36 -4.11 -24.15
CA PHE I 69 -19.38 -5.11 -23.83
C PHE I 69 -20.66 -4.40 -23.44
N PRO I 70 -21.37 -3.81 -24.42
CA PRO I 70 -22.63 -3.13 -24.10
C PRO I 70 -23.68 -4.04 -23.47
N ILE I 71 -23.71 -5.32 -23.84
CA ILE I 71 -24.48 -6.31 -23.11
C ILE I 71 -23.72 -7.63 -23.19
N SER I 72 -23.72 -8.38 -22.10
CA SER I 72 -22.97 -9.62 -22.04
C SER I 72 -23.55 -10.66 -22.98
N HIS I 73 -22.71 -11.64 -23.34
CA HIS I 73 -23.13 -12.71 -24.23
C HIS I 73 -24.26 -13.52 -23.60
N ILE I 74 -24.14 -13.85 -22.32
CA ILE I 74 -25.13 -14.69 -21.67
C ILE I 74 -26.47 -13.98 -21.57
N ARG I 75 -26.45 -12.66 -21.37
CA ARG I 75 -27.70 -11.90 -21.33
C ARG I 75 -28.33 -11.83 -22.72
N LEU I 76 -27.51 -11.70 -23.76
CA LEU I 76 -28.02 -11.69 -25.12
C LEU I 76 -28.58 -13.05 -25.51
N TRP I 77 -27.94 -14.13 -25.06
CA TRP I 77 -28.46 -15.46 -25.36
C TRP I 77 -29.74 -15.73 -24.58
N ALA I 78 -29.84 -15.22 -23.36
CA ALA I 78 -31.07 -15.38 -22.59
C ALA I 78 -32.24 -14.67 -23.28
N LEU I 79 -31.99 -13.48 -23.81
CA LEU I 79 -33.04 -12.77 -24.55
C LEU I 79 -33.44 -13.52 -25.80
N GLN I 80 -32.47 -14.11 -26.50
CA GLN I 80 -32.79 -14.87 -27.70
C GLN I 80 -33.62 -16.10 -27.38
N LEU I 81 -33.30 -16.78 -26.28
CA LEU I 81 -34.04 -17.98 -25.92
C LEU I 81 -35.50 -17.67 -25.60
N ILE I 82 -35.75 -16.56 -24.92
CA ILE I 82 -37.12 -16.16 -24.61
C ILE I 82 -37.86 -15.82 -25.89
N PHE I 83 -37.24 -15.05 -26.78
CA PHE I 83 -37.92 -14.64 -28.01
C PHE I 83 -38.17 -15.83 -28.93
N VAL I 84 -37.22 -16.75 -29.01
CA VAL I 84 -37.41 -17.93 -29.86
C VAL I 84 -38.50 -18.84 -29.29
N SER I 85 -38.64 -18.88 -27.98
CA SER I 85 -39.60 -19.78 -27.34
C SER I 85 -40.98 -19.17 -27.16
N THR I 86 -41.18 -17.88 -27.45
CA THR I 86 -42.50 -17.31 -27.25
C THR I 86 -43.52 -17.70 -28.33
N PRO I 87 -43.15 -17.89 -29.61
CA PRO I 87 -44.18 -18.34 -30.57
C PRO I 87 -44.77 -19.69 -30.23
N ALA I 88 -43.97 -20.61 -29.66
CA ALA I 88 -44.50 -21.91 -29.26
C ALA I 88 -45.53 -21.76 -28.14
N LEU I 89 -45.28 -20.85 -27.19
CA LEU I 89 -46.25 -20.60 -26.13
C LEU I 89 -47.54 -20.02 -26.72
N LEU I 90 -47.42 -19.09 -27.67
CA LEU I 90 -48.60 -18.52 -28.30
C LEU I 90 -49.38 -19.57 -29.09
N VAL I 91 -48.67 -20.44 -29.81
CA VAL I 91 -49.34 -21.50 -30.55
C VAL I 91 -50.06 -22.45 -29.60
N ALA I 92 -49.39 -22.84 -28.51
CA ALA I 92 -50.02 -23.72 -27.54
C ALA I 92 -51.20 -23.03 -26.87
N MET I 93 -51.21 -21.71 -26.83
CA MET I 93 -52.37 -21.00 -26.30
C MET I 93 -53.53 -21.08 -27.29
N HIS I 94 -53.26 -20.87 -28.58
CA HIS I 94 -54.32 -20.92 -29.58
C HIS I 94 -54.92 -22.31 -29.71
N VAL I 95 -54.07 -23.35 -29.63
CA VAL I 95 -54.57 -24.72 -29.65
C VAL I 95 -55.48 -24.96 -28.45
N ALA I 96 -55.09 -24.47 -27.27
CA ALA I 96 -55.91 -24.62 -26.09
C ALA I 96 -57.23 -23.85 -26.23
N TYR I 97 -57.21 -22.73 -26.95
CA TYR I 97 -58.43 -21.94 -27.08
C TYR I 97 -59.50 -22.70 -27.84
N ARG I 98 -59.12 -23.41 -28.91
CA ARG I 98 -60.07 -24.19 -29.68
C ARG I 98 -60.60 -25.38 -28.87
N ARG I 99 -59.75 -25.96 -28.00
CA ARG I 99 -60.20 -27.03 -27.13
C ARG I 99 -61.27 -26.54 -26.16
N HIS I 100 -61.11 -25.32 -25.65
CA HIS I 100 -62.11 -24.71 -24.78
C HIS I 100 -63.27 -24.17 -25.59
N GLY I 130 -56.38 -24.93 -42.52
CA GLY I 130 -57.42 -24.07 -42.00
C GLY I 130 -56.91 -22.98 -41.09
N SER I 131 -57.61 -22.79 -39.97
CA SER I 131 -57.24 -21.74 -39.03
C SER I 131 -55.92 -22.06 -38.33
N LEU I 132 -55.74 -23.32 -37.93
CA LEU I 132 -54.48 -23.71 -37.29
C LEU I 132 -53.30 -23.52 -38.23
N TRP I 133 -53.54 -23.56 -39.55
CA TRP I 133 -52.46 -23.40 -40.50
C TRP I 133 -51.97 -21.96 -40.57
N TRP I 134 -52.80 -20.99 -40.21
CA TRP I 134 -52.37 -19.60 -40.22
C TRP I 134 -51.40 -19.31 -39.07
N THR I 135 -51.74 -19.77 -37.87
CA THR I 135 -50.90 -19.48 -36.71
C THR I 135 -49.60 -20.26 -36.77
N TYR I 136 -49.67 -21.54 -37.15
CA TYR I 136 -48.47 -22.38 -37.14
C TYR I 136 -47.42 -21.89 -38.13
N THR I 137 -47.87 -21.45 -39.32
CA THR I 137 -46.92 -20.93 -40.29
C THR I 137 -46.32 -19.61 -39.83
N SER I 138 -47.11 -18.78 -39.13
CA SER I 138 -46.58 -17.53 -38.61
C SER I 138 -45.50 -17.77 -37.57
N SER I 139 -45.70 -18.76 -36.70
CA SER I 139 -44.72 -19.03 -35.66
C SER I 139 -43.38 -19.45 -36.25
N ILE I 140 -43.41 -20.28 -37.29
CA ILE I 140 -42.17 -20.70 -37.95
C ILE I 140 -41.49 -19.50 -38.61
N PHE I 141 -42.28 -18.62 -39.21
CA PHE I 141 -41.71 -17.41 -39.81
C PHE I 141 -41.11 -16.50 -38.74
N PHE I 142 -41.81 -16.34 -37.62
CA PHE I 142 -41.31 -15.47 -36.55
C PHE I 142 -40.02 -16.04 -35.95
N ARG I 143 -39.97 -17.35 -35.70
CA ARG I 143 -38.80 -17.94 -35.09
C ARG I 143 -37.58 -17.83 -35.99
N VAL I 144 -37.77 -17.98 -37.31
CA VAL I 144 -36.66 -17.79 -38.24
C VAL I 144 -36.17 -16.36 -38.20
N ILE I 145 -37.09 -15.40 -38.18
CA ILE I 145 -36.70 -13.99 -38.17
C ILE I 145 -36.02 -13.63 -36.86
N PHE I 146 -36.39 -14.30 -35.76
CA PHE I 146 -35.77 -13.99 -34.47
C PHE I 146 -34.35 -14.53 -34.40
N GLU I 147 -34.13 -15.75 -34.89
CA GLU I 147 -32.79 -16.33 -34.86
C GLU I 147 -31.83 -15.53 -35.74
N ALA I 148 -32.29 -15.11 -36.92
CA ALA I 148 -31.43 -14.33 -37.81
C ALA I 148 -31.12 -12.96 -37.22
N ALA I 149 -32.11 -12.33 -36.58
CA ALA I 149 -31.90 -11.00 -36.04
C ALA I 149 -30.86 -11.01 -34.93
N PHE I 150 -30.97 -11.97 -34.01
CA PHE I 150 -30.01 -12.04 -32.91
C PHE I 150 -28.64 -12.49 -33.38
N MET I 151 -28.59 -13.41 -34.35
CA MET I 151 -27.30 -13.81 -34.92
C MET I 151 -26.62 -12.64 -35.61
N TYR I 152 -27.40 -11.80 -36.30
CA TYR I 152 -26.85 -10.61 -36.93
C TYR I 152 -26.28 -9.66 -35.88
N VAL I 153 -27.01 -9.47 -34.78
CA VAL I 153 -26.54 -8.57 -33.72
C VAL I 153 -25.24 -9.09 -33.12
N PHE I 154 -25.15 -10.40 -32.89
CA PHE I 154 -23.93 -10.99 -32.35
C PHE I 154 -22.73 -10.76 -33.25
N TYR I 155 -22.93 -10.51 -34.54
CA TYR I 155 -21.82 -10.31 -35.46
C TYR I 155 -21.39 -8.85 -35.54
N VAL I 156 -22.34 -7.94 -35.77
CA VAL I 156 -21.99 -6.53 -35.94
C VAL I 156 -21.47 -5.95 -34.64
N MET I 157 -22.05 -6.35 -33.51
CA MET I 157 -21.71 -5.73 -32.23
C MET I 157 -20.34 -6.19 -31.73
N TYR I 158 -20.00 -7.47 -31.95
CA TYR I 158 -18.74 -8.03 -31.48
C TYR I 158 -17.78 -8.33 -32.62
N ASP I 159 -17.97 -7.66 -33.78
CA ASP I 159 -17.11 -7.71 -34.97
C ASP I 159 -16.46 -9.08 -35.21
N GLY I 160 -17.27 -10.13 -35.12
CA GLY I 160 -16.82 -11.49 -35.29
C GLY I 160 -17.31 -12.38 -34.17
N PHE I 161 -16.87 -13.64 -34.21
CA PHE I 161 -17.24 -14.62 -33.21
C PHE I 161 -16.07 -15.05 -32.34
N SER I 162 -14.95 -14.35 -32.42
CA SER I 162 -13.76 -14.67 -31.65
C SER I 162 -13.46 -13.54 -30.68
N MET I 163 -13.34 -13.89 -29.40
CA MET I 163 -13.01 -12.90 -28.39
C MET I 163 -11.50 -12.67 -28.32
N GLN I 164 -11.10 -11.41 -28.20
CA GLN I 164 -9.70 -11.03 -28.17
C GLN I 164 -9.20 -10.88 -26.74
N ARG I 165 -7.92 -11.19 -26.55
CA ARG I 165 -7.30 -11.01 -25.24
C ARG I 165 -7.16 -9.54 -24.88
N LEU I 166 -6.80 -8.71 -25.85
CA LEU I 166 -6.44 -7.32 -25.62
C LEU I 166 -7.40 -6.39 -26.36
N VAL I 167 -7.88 -5.37 -25.68
CA VAL I 167 -8.69 -4.32 -26.28
C VAL I 167 -8.00 -2.98 -26.03
N LYS I 168 -7.89 -2.18 -27.09
CA LYS I 168 -7.30 -0.84 -26.99
C LYS I 168 -8.40 0.18 -26.86
N CYS I 169 -8.21 1.14 -25.96
CA CYS I 169 -9.30 1.93 -25.41
C CYS I 169 -8.90 3.39 -25.30
N ASN I 170 -9.69 4.28 -25.90
CA ASN I 170 -9.40 5.70 -25.85
C ASN I 170 -10.65 6.52 -25.50
N ALA I 171 -11.54 5.95 -24.70
CA ALA I 171 -12.73 6.67 -24.26
C ALA I 171 -12.43 7.46 -22.99
N TRP I 172 -13.03 8.65 -22.90
CA TRP I 172 -12.84 9.49 -21.73
C TRP I 172 -13.35 8.76 -20.48
N PRO I 173 -12.65 8.86 -19.34
CA PRO I 173 -11.47 9.67 -19.05
C PRO I 173 -10.14 8.96 -19.22
N CYS I 174 -10.08 7.87 -19.96
CA CYS I 174 -8.81 7.17 -20.14
C CYS I 174 -7.85 8.06 -20.92
N PRO I 175 -6.63 8.28 -20.42
CA PRO I 175 -5.68 9.15 -21.13
C PRO I 175 -5.06 8.43 -22.32
N ASN I 176 -5.11 9.07 -23.48
CA ASN I 176 -4.60 8.53 -24.75
C ASN I 176 -5.28 7.18 -24.97
N THR I 177 -4.55 6.12 -25.32
CA THR I 177 -5.12 4.80 -25.50
C THR I 177 -4.55 3.88 -24.43
N VAL I 178 -5.42 3.14 -23.75
CA VAL I 178 -5.01 2.26 -22.66
C VAL I 178 -5.22 0.82 -23.10
N ASP I 179 -4.45 -0.08 -22.49
CA ASP I 179 -4.50 -1.51 -22.77
C ASP I 179 -5.29 -2.22 -21.68
N CYS I 180 -6.31 -2.95 -22.09
CA CYS I 180 -7.14 -3.73 -21.17
C CYS I 180 -7.14 -5.18 -21.61
N PHE I 181 -7.35 -6.07 -20.63
CA PHE I 181 -7.23 -7.51 -20.86
C PHE I 181 -8.49 -8.20 -20.38
N VAL I 182 -9.03 -9.06 -21.23
CA VAL I 182 -10.31 -9.73 -21.01
C VAL I 182 -10.08 -11.02 -20.22
N SER I 183 -11.09 -11.41 -19.44
CA SER I 183 -11.05 -12.63 -18.65
C SER I 183 -11.57 -13.80 -19.48
N ARG I 184 -10.84 -14.91 -19.46
CA ARG I 184 -11.19 -16.14 -20.16
C ARG I 184 -11.67 -15.93 -21.60
N PRO I 185 -10.89 -15.24 -22.44
CA PRO I 185 -11.32 -15.06 -23.83
C PRO I 185 -11.44 -16.36 -24.61
N THR I 186 -10.62 -17.36 -24.31
CA THR I 186 -10.65 -18.59 -25.10
C THR I 186 -11.88 -19.43 -24.77
N GLU I 187 -12.22 -19.54 -23.48
CA GLU I 187 -13.46 -20.21 -23.10
C GLU I 187 -14.67 -19.54 -23.72
N LYS I 188 -14.71 -18.20 -23.69
CA LYS I 188 -15.86 -17.50 -24.21
C LYS I 188 -16.01 -17.68 -25.71
N THR I 189 -14.89 -17.87 -26.42
CA THR I 189 -14.95 -18.15 -27.84
C THR I 189 -15.52 -19.55 -28.11
N VAL I 190 -15.15 -20.53 -27.29
CA VAL I 190 -15.64 -21.89 -27.48
C VAL I 190 -17.15 -21.93 -27.28
N PHE I 191 -17.65 -21.31 -26.22
CA PHE I 191 -19.08 -21.33 -25.96
C PHE I 191 -19.84 -20.44 -26.93
N THR I 192 -19.18 -19.44 -27.52
CA THR I 192 -19.82 -18.63 -28.55
C THR I 192 -20.03 -19.44 -29.82
N VAL I 193 -19.02 -20.22 -30.21
CA VAL I 193 -19.14 -21.04 -31.42
C VAL I 193 -20.23 -22.09 -31.26
N PHE I 194 -20.30 -22.71 -30.07
CA PHE I 194 -21.32 -23.72 -29.84
C PHE I 194 -22.73 -23.13 -29.97
N MET I 195 -22.95 -21.96 -29.38
CA MET I 195 -24.28 -21.35 -29.44
C MET I 195 -24.62 -20.89 -30.85
N ILE I 196 -23.64 -20.35 -31.58
CA ILE I 196 -23.89 -19.90 -32.94
C ILE I 196 -24.14 -21.08 -33.87
N ALA I 197 -23.34 -22.13 -33.73
CA ALA I 197 -23.51 -23.30 -34.60
C ALA I 197 -24.85 -23.97 -34.37
N VAL I 198 -25.27 -24.11 -33.10
CA VAL I 198 -26.55 -24.72 -32.79
C VAL I 198 -27.70 -23.87 -33.34
N SER I 199 -27.60 -22.55 -33.18
CA SER I 199 -28.64 -21.67 -33.68
C SER I 199 -28.74 -21.73 -35.20
N GLY I 200 -27.62 -21.95 -35.89
CA GLY I 200 -27.67 -22.16 -37.32
C GLY I 200 -28.42 -23.41 -37.71
N ILE I 201 -28.25 -24.48 -36.91
CA ILE I 201 -29.01 -25.70 -37.13
C ILE I 201 -30.50 -25.46 -36.94
N CYS I 202 -30.87 -24.73 -35.88
CA CYS I 202 -32.27 -24.44 -35.64
C CYS I 202 -32.87 -23.60 -36.76
N ILE I 203 -32.05 -22.80 -37.44
CA ILE I 203 -32.53 -22.05 -38.60
C ILE I 203 -32.84 -23.01 -39.75
N LEU I 204 -31.95 -23.98 -39.99
CA LEU I 204 -32.17 -24.93 -41.07
C LEU I 204 -33.39 -25.80 -40.80
N LEU I 205 -33.57 -26.25 -39.56
CA LEU I 205 -34.72 -27.08 -39.23
C LEU I 205 -36.03 -26.32 -39.45
N ASN I 206 -36.08 -25.06 -39.03
CA ASN I 206 -37.28 -24.27 -39.24
C ASN I 206 -37.47 -23.92 -40.71
N VAL I 207 -36.39 -23.80 -41.47
CA VAL I 207 -36.51 -23.58 -42.91
C VAL I 207 -37.05 -24.83 -43.60
N THR I 208 -36.58 -26.01 -43.17
CA THR I 208 -37.07 -27.25 -43.76
C THR I 208 -38.56 -27.43 -43.49
N GLU I 209 -39.01 -27.14 -42.27
CA GLU I 209 -40.43 -27.21 -41.97
C GLU I 209 -41.24 -26.25 -42.82
N LEU I 210 -40.65 -25.11 -43.20
CA LEU I 210 -41.31 -24.22 -44.12
C LEU I 210 -41.42 -24.80 -45.52
N CYS I 211 -40.49 -25.67 -45.91
CA CYS I 211 -40.55 -26.34 -47.19
C CYS I 211 -41.52 -27.52 -47.21
N TYR I 212 -41.63 -28.25 -46.09
CA TYR I 212 -42.58 -29.35 -46.01
C TYR I 212 -44.02 -28.88 -45.91
N LEU I 213 -44.25 -27.58 -45.70
CA LEU I 213 -45.60 -27.03 -45.65
C LEU I 213 -46.00 -26.33 -46.95
N LEU I 214 -45.05 -25.74 -47.67
CA LEU I 214 -45.37 -25.13 -48.95
C LEU I 214 -45.54 -26.16 -50.06
N ILE I 215 -44.77 -27.25 -50.02
CA ILE I 215 -44.95 -28.31 -51.01
C ILE I 215 -46.33 -28.94 -50.86
N ARG I 216 -46.76 -29.21 -49.62
CA ARG I 216 -48.06 -29.80 -49.38
C ARG I 216 -49.20 -28.84 -49.70
N TYR I 217 -48.92 -27.54 -49.82
CA TYR I 217 -49.96 -26.55 -50.05
C TYR I 217 -49.90 -25.97 -51.46
N CYS I 218 -48.76 -25.42 -51.88
CA CYS I 218 -48.67 -24.84 -53.20
C CYS I 218 -48.55 -25.90 -54.28
N SER I 219 -47.90 -27.02 -53.97
CA SER I 219 -47.73 -28.11 -54.94
C SER I 219 -48.62 -29.31 -54.57
N THR J 8 -37.85 -38.95 -11.75
CA THR J 8 -38.92 -39.35 -12.66
C THR J 8 -38.35 -39.73 -14.03
N ILE J 9 -37.49 -38.86 -14.58
CA ILE J 9 -36.87 -39.14 -15.87
C ILE J 9 -35.95 -40.35 -15.77
N LEU J 10 -35.23 -40.48 -14.64
CA LEU J 10 -34.39 -41.65 -14.43
C LEU J 10 -35.21 -42.92 -14.41
N GLY J 11 -36.35 -42.89 -13.71
CA GLY J 11 -37.22 -44.07 -13.69
C GLY J 11 -37.75 -44.41 -15.06
N GLY J 12 -38.11 -43.40 -15.86
CA GLY J 12 -38.58 -43.66 -17.20
C GLY J 12 -37.53 -44.34 -18.07
N VAL J 13 -36.29 -43.87 -18.00
CA VAL J 13 -35.21 -44.51 -18.74
C VAL J 13 -34.91 -45.88 -18.18
N ASN J 14 -34.97 -46.02 -16.85
CA ASN J 14 -34.68 -47.30 -16.23
C ASN J 14 -35.68 -48.37 -16.64
N LYS J 15 -36.97 -48.01 -16.73
CA LYS J 15 -37.99 -48.97 -17.11
C LYS J 15 -37.81 -49.48 -18.54
N HIS J 16 -37.11 -48.73 -19.39
CA HIS J 16 -36.89 -49.11 -20.79
C HIS J 16 -35.39 -49.22 -21.01
N SER J 17 -34.83 -50.39 -20.70
CA SER J 17 -33.40 -50.64 -20.86
C SER J 17 -33.15 -52.13 -20.65
N THR J 18 -32.05 -52.60 -21.22
CA THR J 18 -31.64 -53.99 -21.09
C THR J 18 -30.93 -54.20 -19.75
N SER J 19 -30.31 -55.36 -19.57
CA SER J 19 -29.61 -55.65 -18.33
C SER J 19 -28.41 -54.71 -18.14
N ILE J 20 -27.62 -54.53 -19.20
CA ILE J 20 -26.50 -53.61 -19.12
C ILE J 20 -26.98 -52.17 -18.97
N GLY J 21 -28.11 -51.84 -19.60
CA GLY J 21 -28.63 -50.49 -19.49
C GLY J 21 -28.95 -50.07 -18.07
N LYS J 22 -29.17 -51.03 -17.18
CA LYS J 22 -29.33 -50.71 -15.77
C LYS J 22 -28.00 -50.30 -15.15
N ILE J 23 -26.94 -51.03 -15.46
CA ILE J 23 -25.62 -50.72 -14.90
C ILE J 23 -25.08 -49.42 -15.51
N TRP J 24 -25.21 -49.26 -16.82
CA TRP J 24 -24.68 -48.06 -17.47
C TRP J 24 -25.38 -46.80 -16.97
N LEU J 25 -26.70 -46.86 -16.81
CA LEU J 25 -27.43 -45.69 -16.34
C LEU J 25 -27.04 -45.32 -14.91
N THR J 26 -26.86 -46.31 -14.05
CA THR J 26 -26.52 -46.02 -12.66
C THR J 26 -25.09 -45.50 -12.54
N VAL J 27 -24.21 -45.85 -13.48
CA VAL J 27 -22.88 -45.25 -13.52
C VAL J 27 -22.98 -43.80 -13.94
N LEU J 28 -23.82 -43.50 -14.93
CA LEU J 28 -23.95 -42.14 -15.45
C LEU J 28 -24.54 -41.17 -14.43
N PHE J 29 -25.26 -41.66 -13.42
CA PHE J 29 -25.89 -40.77 -12.45
C PHE J 29 -25.18 -40.77 -11.10
N ILE J 30 -24.96 -41.95 -10.51
CA ILE J 30 -24.33 -41.99 -9.19
C ILE J 30 -22.89 -41.52 -9.25
N PHE J 31 -22.24 -41.61 -10.41
CA PHE J 31 -20.84 -41.25 -10.53
C PHE J 31 -20.61 -40.01 -11.38
N ARG J 32 -21.10 -39.99 -12.62
CA ARG J 32 -20.87 -38.84 -13.48
C ARG J 32 -21.50 -37.58 -12.92
N ILE J 33 -22.83 -37.56 -12.81
CA ILE J 33 -23.53 -36.36 -12.37
C ILE J 33 -23.20 -36.05 -10.91
N MET J 34 -23.22 -37.07 -10.05
CA MET J 34 -23.13 -36.83 -8.61
C MET J 34 -21.78 -36.27 -8.21
N ILE J 35 -20.69 -36.84 -8.73
CA ILE J 35 -19.36 -36.32 -8.41
C ILE J 35 -19.20 -34.91 -8.99
N LEU J 36 -19.66 -34.70 -10.22
CA LEU J 36 -19.50 -33.40 -10.86
C LEU J 36 -20.28 -32.33 -10.11
N VAL J 37 -21.45 -32.68 -9.58
CA VAL J 37 -22.33 -31.68 -8.97
C VAL J 37 -21.96 -31.46 -7.51
N VAL J 38 -21.74 -32.53 -6.76
CA VAL J 38 -21.58 -32.42 -5.32
C VAL J 38 -20.17 -31.96 -4.95
N ALA J 39 -19.15 -32.60 -5.51
CA ALA J 39 -17.78 -32.40 -5.08
C ALA J 39 -16.95 -31.59 -6.07
N ALA J 40 -16.89 -32.00 -7.34
CA ALA J 40 -15.95 -31.41 -8.28
C ALA J 40 -16.26 -29.94 -8.56
N LYS J 41 -17.54 -29.56 -8.48
CA LYS J 41 -17.91 -28.20 -8.88
C LYS J 41 -17.26 -27.15 -8.00
N GLU J 42 -17.19 -27.39 -6.69
CA GLU J 42 -16.59 -26.44 -5.77
C GLU J 42 -15.08 -26.55 -5.68
N VAL J 43 -14.48 -27.59 -6.26
CA VAL J 43 -13.03 -27.67 -6.34
C VAL J 43 -12.49 -26.63 -7.30
N TRP J 44 -13.17 -26.43 -8.43
CA TRP J 44 -12.79 -25.47 -9.46
C TRP J 44 -13.40 -24.10 -9.21
N GLY J 45 -13.84 -23.81 -7.98
CA GLY J 45 -14.51 -22.56 -7.72
C GLY J 45 -13.62 -21.34 -7.86
N ASP J 46 -12.39 -21.43 -7.34
CA ASP J 46 -11.45 -20.31 -7.34
C ASP J 46 -10.24 -20.60 -8.22
N GLU J 47 -10.46 -21.20 -9.39
CA GLU J 47 -9.37 -21.58 -10.27
C GLU J 47 -8.57 -20.35 -10.74
N GLN J 48 -9.27 -19.27 -11.10
CA GLN J 48 -8.59 -18.05 -11.48
C GLN J 48 -8.37 -17.10 -10.33
N ALA J 49 -9.23 -17.16 -9.31
CA ALA J 49 -9.07 -16.29 -8.15
C ALA J 49 -7.77 -16.59 -7.41
N ASP J 50 -7.41 -17.86 -7.30
CA ASP J 50 -6.20 -18.28 -6.60
C ASP J 50 -5.08 -18.67 -7.56
N PHE J 51 -5.13 -18.19 -8.80
CA PHE J 51 -4.03 -18.35 -9.74
C PHE J 51 -3.04 -17.21 -9.52
N VAL J 52 -1.85 -17.55 -8.99
CA VAL J 52 -0.88 -16.56 -8.55
C VAL J 52 0.33 -16.61 -9.47
N CYS J 53 0.69 -15.45 -10.02
CA CYS J 53 1.84 -15.32 -10.91
C CYS J 53 2.86 -14.37 -10.29
N ASN J 54 4.12 -14.78 -10.30
CA ASN J 54 5.21 -13.97 -9.75
C ASN J 54 5.61 -12.94 -10.80
N THR J 55 4.95 -11.78 -10.77
CA THR J 55 5.19 -10.74 -11.74
C THR J 55 4.56 -9.45 -11.26
N LEU J 56 4.98 -8.34 -11.87
CA LEU J 56 4.34 -7.05 -11.68
C LEU J 56 3.66 -6.56 -12.95
N GLN J 57 3.63 -7.37 -14.00
CA GLN J 57 3.09 -6.95 -15.29
C GLN J 57 1.57 -6.98 -15.27
N PRO J 58 0.89 -5.87 -15.52
CA PRO J 58 -0.57 -5.90 -15.58
C PRO J 58 -1.05 -6.69 -16.79
N GLY J 59 -2.05 -7.53 -16.57
CA GLY J 59 -2.61 -8.35 -17.62
C GLY J 59 -1.85 -9.63 -17.89
N CYS J 60 -0.71 -9.86 -17.24
CA CYS J 60 0.05 -11.08 -17.48
C CYS J 60 -0.68 -12.30 -16.93
N LYS J 61 -1.30 -12.17 -15.76
CA LYS J 61 -2.02 -13.29 -15.16
C LYS J 61 -3.22 -13.70 -16.00
N ASN J 62 -3.89 -12.73 -16.63
CA ASN J 62 -5.06 -13.03 -17.45
C ASN J 62 -4.70 -13.91 -18.65
N VAL J 63 -3.58 -13.60 -19.32
CA VAL J 63 -3.25 -14.34 -20.52
C VAL J 63 -2.56 -15.67 -20.20
N CYS J 64 -1.86 -15.76 -19.07
CA CYS J 64 -1.23 -17.02 -18.70
C CYS J 64 -2.27 -18.04 -18.28
N TYR J 65 -3.30 -17.62 -17.55
CA TYR J 65 -4.38 -18.52 -17.21
C TYR J 65 -5.13 -18.98 -18.46
N ASP J 66 -5.40 -18.06 -19.38
CA ASP J 66 -6.13 -18.41 -20.59
C ASP J 66 -5.33 -19.36 -21.46
N HIS J 67 -4.00 -19.27 -21.43
CA HIS J 67 -3.18 -20.14 -22.27
C HIS J 67 -3.21 -21.59 -21.76
N TYR J 68 -3.03 -21.78 -20.47
CA TYR J 68 -2.90 -23.11 -19.91
C TYR J 68 -4.23 -23.79 -19.58
N PHE J 69 -5.32 -23.04 -19.55
CA PHE J 69 -6.66 -23.59 -19.33
C PHE J 69 -7.61 -23.01 -20.37
N PRO J 70 -7.47 -23.43 -21.63
CA PRO J 70 -8.38 -22.92 -22.67
C PRO J 70 -9.84 -23.22 -22.39
N ILE J 71 -10.11 -24.38 -21.79
CA ILE J 71 -11.42 -24.70 -21.26
C ILE J 71 -11.21 -25.39 -19.92
N SER J 72 -12.13 -25.13 -18.99
CA SER J 72 -11.99 -25.72 -17.67
C SER J 72 -12.33 -27.20 -17.70
N HIS J 73 -11.80 -27.93 -16.71
CA HIS J 73 -12.10 -29.36 -16.60
C HIS J 73 -13.59 -29.59 -16.34
N ILE J 74 -14.19 -28.82 -15.44
CA ILE J 74 -15.59 -29.03 -15.09
C ILE J 74 -16.49 -28.68 -16.28
N ARG J 75 -16.11 -27.65 -17.05
CA ARG J 75 -16.89 -27.30 -18.23
C ARG J 75 -16.74 -28.33 -19.33
N LEU J 76 -15.57 -28.95 -19.45
CA LEU J 76 -15.39 -30.03 -20.41
C LEU J 76 -16.21 -31.26 -20.03
N TRP J 77 -16.27 -31.57 -18.74
CA TRP J 77 -17.06 -32.72 -18.29
C TRP J 77 -18.55 -32.46 -18.48
N ALA J 78 -18.99 -31.22 -18.23
CA ALA J 78 -20.40 -30.89 -18.41
C ALA J 78 -20.82 -31.04 -19.87
N LEU J 79 -19.95 -30.65 -20.80
CA LEU J 79 -20.24 -30.84 -22.21
C LEU J 79 -20.29 -32.32 -22.57
N GLN J 80 -19.40 -33.12 -21.98
CA GLN J 80 -19.39 -34.55 -22.27
C GLN J 80 -20.68 -35.23 -21.80
N LEU J 81 -21.19 -34.83 -20.64
CA LEU J 81 -22.40 -35.45 -20.12
C LEU J 81 -23.60 -35.18 -21.02
N ILE J 82 -23.72 -33.95 -21.52
CA ILE J 82 -24.82 -33.61 -22.40
C ILE J 82 -24.74 -34.40 -23.70
N PHE J 83 -23.55 -34.46 -24.30
CA PHE J 83 -23.38 -35.15 -25.56
C PHE J 83 -23.62 -36.66 -25.42
N VAL J 84 -23.13 -37.25 -24.33
CA VAL J 84 -23.30 -38.69 -24.14
C VAL J 84 -24.77 -39.02 -23.90
N SER J 85 -25.47 -38.21 -23.11
CA SER J 85 -26.86 -38.46 -22.82
C SER J 85 -27.79 -38.14 -23.99
N THR J 86 -27.29 -37.44 -25.01
CA THR J 86 -28.16 -37.05 -26.12
C THR J 86 -28.71 -38.24 -26.91
N PRO J 87 -27.90 -39.21 -27.35
CA PRO J 87 -28.50 -40.34 -28.10
C PRO J 87 -29.50 -41.14 -27.29
N ALA J 88 -29.29 -41.29 -25.97
CA ALA J 88 -30.23 -42.05 -25.16
C ALA J 88 -31.59 -41.35 -25.11
N LEU J 89 -31.59 -40.02 -25.00
CA LEU J 89 -32.84 -39.29 -25.01
C LEU J 89 -33.49 -39.33 -26.40
N LEU J 90 -32.68 -39.22 -27.45
CA LEU J 90 -33.23 -39.26 -28.81
C LEU J 90 -33.86 -40.61 -29.11
N VAL J 91 -33.22 -41.70 -28.67
CA VAL J 91 -33.78 -43.04 -28.91
C VAL J 91 -35.12 -43.18 -28.21
N ALA J 92 -35.21 -42.72 -26.96
CA ALA J 92 -36.47 -42.82 -26.22
C ALA J 92 -37.57 -42.00 -26.90
N MET J 93 -37.24 -40.81 -27.37
CA MET J 93 -38.25 -39.97 -28.02
C MET J 93 -38.61 -40.47 -29.40
N HIS J 94 -37.64 -41.03 -30.14
CA HIS J 94 -37.95 -41.62 -31.43
C HIS J 94 -38.91 -42.81 -31.28
N VAL J 95 -38.67 -43.64 -30.27
CA VAL J 95 -39.56 -44.78 -30.02
C VAL J 95 -40.95 -44.28 -29.62
N ALA J 96 -41.02 -43.19 -28.85
CA ALA J 96 -42.31 -42.62 -28.50
C ALA J 96 -43.06 -42.15 -29.74
N TYR J 97 -42.35 -41.52 -30.67
CA TYR J 97 -42.99 -41.10 -31.92
C TYR J 97 -43.45 -42.30 -32.73
N ARG J 98 -42.62 -43.34 -32.82
CA ARG J 98 -42.99 -44.53 -33.59
C ARG J 98 -44.16 -45.26 -32.93
N ARG J 99 -44.11 -45.44 -31.61
CA ARG J 99 -45.17 -46.16 -30.92
C ARG J 99 -46.46 -45.36 -30.80
N HIS J 100 -46.44 -44.08 -31.14
CA HIS J 100 -47.66 -43.28 -31.11
C HIS J 100 -48.39 -43.33 -32.45
N GLY J 130 -36.67 -54.81 -35.84
CA GLY J 130 -37.08 -53.99 -36.96
C GLY J 130 -36.40 -52.64 -37.00
N SER J 131 -37.21 -51.57 -36.94
CA SER J 131 -36.65 -50.23 -36.93
C SER J 131 -36.02 -49.86 -35.59
N LEU J 132 -36.46 -50.48 -34.50
CA LEU J 132 -35.86 -50.21 -33.20
C LEU J 132 -34.41 -50.64 -33.17
N TRP J 133 -34.08 -51.76 -33.83
CA TRP J 133 -32.72 -52.26 -33.80
C TRP J 133 -31.74 -51.28 -34.43
N TRP J 134 -32.12 -50.65 -35.55
CA TRP J 134 -31.20 -49.75 -36.23
C TRP J 134 -30.86 -48.54 -35.37
N THR J 135 -31.85 -47.95 -34.70
CA THR J 135 -31.58 -46.79 -33.85
C THR J 135 -30.74 -47.18 -32.65
N TYR J 136 -31.04 -48.32 -32.02
CA TYR J 136 -30.34 -48.70 -30.80
C TYR J 136 -28.86 -48.97 -31.06
N THR J 137 -28.53 -49.64 -32.16
CA THR J 137 -27.13 -49.93 -32.44
C THR J 137 -26.36 -48.68 -32.84
N SER J 138 -27.05 -47.67 -33.38
CA SER J 138 -26.38 -46.43 -33.74
C SER J 138 -26.10 -45.57 -32.51
N SER J 139 -27.05 -45.50 -31.58
CA SER J 139 -26.88 -44.66 -30.39
C SER J 139 -25.71 -45.13 -29.54
N ILE J 140 -25.58 -46.44 -29.33
CA ILE J 140 -24.45 -46.97 -28.59
C ILE J 140 -23.16 -46.68 -29.34
N PHE J 141 -23.19 -46.79 -30.68
CA PHE J 141 -22.03 -46.44 -31.49
C PHE J 141 -21.69 -44.96 -31.35
N PHE J 142 -22.70 -44.10 -31.30
CA PHE J 142 -22.46 -42.68 -31.10
C PHE J 142 -21.81 -42.40 -29.75
N ARG J 143 -22.31 -43.07 -28.70
CA ARG J 143 -21.78 -42.81 -27.36
C ARG J 143 -20.32 -43.23 -27.23
N VAL J 144 -19.93 -44.31 -27.90
CA VAL J 144 -18.52 -44.71 -27.90
C VAL J 144 -17.67 -43.63 -28.55
N ILE J 145 -18.13 -43.08 -29.67
CA ILE J 145 -17.39 -42.01 -30.33
C ILE J 145 -17.30 -40.78 -29.44
N PHE J 146 -18.41 -40.39 -28.81
CA PHE J 146 -18.40 -39.22 -27.96
C PHE J 146 -17.49 -39.40 -26.75
N GLU J 147 -17.54 -40.57 -26.12
CA GLU J 147 -16.67 -40.82 -24.98
C GLU J 147 -15.20 -40.87 -25.38
N ALA J 148 -14.91 -41.44 -26.56
CA ALA J 148 -13.53 -41.52 -27.00
C ALA J 148 -13.00 -40.17 -27.46
N ALA J 149 -13.84 -39.38 -28.15
CA ALA J 149 -13.41 -38.08 -28.63
C ALA J 149 -13.11 -37.13 -27.47
N PHE J 150 -13.97 -37.12 -26.45
CA PHE J 150 -13.77 -36.22 -25.33
C PHE J 150 -12.55 -36.60 -24.51
N MET J 151 -12.32 -37.91 -24.32
CA MET J 151 -11.13 -38.34 -23.60
C MET J 151 -9.86 -38.01 -24.38
N TYR J 152 -9.94 -38.04 -25.72
CA TYR J 152 -8.79 -37.61 -26.52
C TYR J 152 -8.51 -36.13 -26.33
N VAL J 153 -9.55 -35.30 -26.28
CA VAL J 153 -9.36 -33.87 -26.07
C VAL J 153 -8.74 -33.61 -24.70
N PHE J 154 -9.17 -34.37 -23.69
CA PHE J 154 -8.60 -34.21 -22.35
C PHE J 154 -7.10 -34.49 -22.35
N TYR J 155 -6.68 -35.54 -23.05
CA TYR J 155 -5.26 -35.91 -23.04
C TYR J 155 -4.42 -34.93 -23.84
N VAL J 156 -4.88 -34.57 -25.04
CA VAL J 156 -4.06 -33.74 -25.92
C VAL J 156 -3.96 -32.31 -25.40
N MET J 157 -5.03 -31.81 -24.79
CA MET J 157 -5.07 -30.40 -24.42
C MET J 157 -4.27 -30.12 -23.14
N TYR J 158 -4.25 -31.06 -22.21
CA TYR J 158 -3.61 -30.85 -20.92
C TYR J 158 -2.31 -31.62 -20.75
N ASP J 159 -1.87 -32.35 -21.78
CA ASP J 159 -0.61 -33.10 -21.74
C ASP J 159 -0.60 -34.09 -20.57
N GLY J 160 -1.54 -35.02 -20.63
CA GLY J 160 -1.68 -36.01 -19.58
C GLY J 160 -2.86 -35.73 -18.68
N PHE J 161 -2.94 -36.52 -17.61
CA PHE J 161 -4.04 -36.43 -16.65
C PHE J 161 -3.59 -35.92 -15.29
N SER J 162 -2.32 -35.56 -15.14
CA SER J 162 -1.78 -35.04 -13.90
C SER J 162 -1.51 -33.54 -14.05
N MET J 163 -1.93 -32.76 -13.06
CA MET J 163 -1.71 -31.31 -13.09
C MET J 163 -0.44 -30.94 -12.34
N GLN J 164 0.21 -29.89 -12.82
CA GLN J 164 1.46 -29.42 -12.23
C GLN J 164 1.19 -28.22 -11.31
N ARG J 165 2.03 -28.10 -10.28
CA ARG J 165 1.94 -26.94 -9.41
C ARG J 165 2.41 -25.67 -10.11
N LEU J 166 3.40 -25.78 -11.00
CA LEU J 166 4.03 -24.64 -11.63
C LEU J 166 3.83 -24.69 -13.14
N VAL J 167 3.46 -23.55 -13.72
CA VAL J 167 3.39 -23.39 -15.16
C VAL J 167 4.28 -22.21 -15.55
N LYS J 168 5.11 -22.41 -16.56
CA LYS J 168 6.01 -21.37 -17.07
C LYS J 168 5.37 -20.78 -18.32
N CYS J 169 5.02 -19.49 -18.25
CA CYS J 169 4.25 -18.83 -19.29
C CYS J 169 5.03 -17.65 -19.84
N ASN J 170 5.05 -17.52 -21.17
CA ASN J 170 5.81 -16.47 -21.83
C ASN J 170 4.99 -15.73 -22.89
N ALA J 171 3.66 -15.75 -22.78
CA ALA J 171 2.82 -15.04 -23.72
C ALA J 171 2.82 -13.54 -23.42
N TRP J 172 2.69 -12.76 -24.47
CA TRP J 172 2.64 -11.30 -24.31
C TRP J 172 1.43 -10.92 -23.48
N PRO J 173 1.54 -9.92 -22.59
CA PRO J 173 2.68 -9.03 -22.33
C PRO J 173 3.60 -9.50 -21.21
N CYS J 174 3.64 -10.78 -20.88
CA CYS J 174 4.51 -11.24 -19.81
C CYS J 174 5.96 -11.12 -20.24
N PRO J 175 6.80 -10.43 -19.46
CA PRO J 175 8.22 -10.29 -19.86
C PRO J 175 8.97 -11.58 -19.62
N ASN J 176 9.68 -12.03 -20.66
CA ASN J 176 10.47 -13.27 -20.64
C ASN J 176 9.54 -14.40 -20.24
N THR J 177 9.91 -15.22 -19.26
CA THR J 177 9.07 -16.30 -18.77
C THR J 177 8.66 -16.01 -17.34
N VAL J 178 7.37 -16.17 -17.05
CA VAL J 178 6.80 -15.86 -15.74
C VAL J 178 6.40 -17.16 -15.06
N ASP J 179 6.72 -17.28 -13.78
CA ASP J 179 6.32 -18.42 -12.98
C ASP J 179 4.92 -18.19 -12.40
N CYS J 180 4.03 -19.14 -12.63
CA CYS J 180 2.67 -19.07 -12.11
C CYS J 180 2.35 -20.35 -11.37
N PHE J 181 1.44 -20.25 -10.41
CA PHE J 181 1.13 -21.36 -9.51
C PHE J 181 -0.37 -21.64 -9.53
N VAL J 182 -0.72 -22.91 -9.69
CA VAL J 182 -2.09 -23.37 -9.85
C VAL J 182 -2.72 -23.59 -8.48
N SER J 183 -4.03 -23.44 -8.40
CA SER J 183 -4.78 -23.68 -7.18
C SER J 183 -5.25 -25.12 -7.12
N ARG J 184 -4.97 -25.78 -6.00
CA ARG J 184 -5.39 -27.16 -5.75
C ARG J 184 -5.04 -28.14 -6.88
N PRO J 185 -3.77 -28.24 -7.27
CA PRO J 185 -3.42 -29.21 -8.32
C PRO J 185 -3.64 -30.66 -7.91
N THR J 186 -3.43 -31.01 -6.64
CA THR J 186 -3.57 -32.40 -6.22
C THR J 186 -5.04 -32.82 -6.13
N GLU J 187 -5.89 -31.95 -5.59
CA GLU J 187 -7.33 -32.25 -5.56
C GLU J 187 -7.88 -32.42 -6.96
N LYS J 188 -7.46 -31.55 -7.89
CA LYS J 188 -7.97 -31.61 -9.24
C LYS J 188 -7.44 -32.83 -10.00
N THR J 189 -6.24 -33.30 -9.64
CA THR J 189 -5.73 -34.52 -10.25
C THR J 189 -6.53 -35.74 -9.79
N VAL J 190 -6.92 -35.76 -8.52
CA VAL J 190 -7.67 -36.90 -7.99
C VAL J 190 -9.03 -37.01 -8.68
N PHE J 191 -9.72 -35.88 -8.86
CA PHE J 191 -11.02 -35.91 -9.51
C PHE J 191 -10.90 -36.12 -11.02
N THR J 192 -9.73 -35.85 -11.58
CA THR J 192 -9.52 -36.12 -13.00
C THR J 192 -9.38 -37.62 -13.25
N VAL J 193 -8.67 -38.32 -12.37
CA VAL J 193 -8.50 -39.77 -12.52
C VAL J 193 -9.84 -40.47 -12.40
N PHE J 194 -10.68 -40.04 -11.45
CA PHE J 194 -11.99 -40.66 -11.27
C PHE J 194 -12.85 -40.51 -12.51
N MET J 195 -12.87 -39.33 -13.11
CA MET J 195 -13.68 -39.12 -14.31
C MET J 195 -13.15 -39.92 -15.49
N ILE J 196 -11.83 -40.00 -15.63
CA ILE J 196 -11.25 -40.74 -16.75
C ILE J 196 -11.46 -42.23 -16.57
N ALA J 197 -11.26 -42.74 -15.35
CA ALA J 197 -11.44 -44.18 -15.11
C ALA J 197 -12.88 -44.60 -15.32
N VAL J 198 -13.83 -43.80 -14.82
CA VAL J 198 -15.24 -44.12 -15.04
C VAL J 198 -15.59 -44.02 -16.52
N SER J 199 -14.98 -43.08 -17.23
CA SER J 199 -15.22 -42.97 -18.67
C SER J 199 -14.75 -44.23 -19.40
N GLY J 200 -13.64 -44.81 -18.97
CA GLY J 200 -13.19 -46.06 -19.56
C GLY J 200 -14.13 -47.21 -19.31
N ILE J 201 -14.78 -47.22 -18.14
CA ILE J 201 -15.77 -48.25 -17.84
C ILE J 201 -16.94 -48.16 -18.81
N CYS J 202 -17.43 -46.94 -19.05
CA CYS J 202 -18.55 -46.77 -19.98
C CYS J 202 -18.17 -47.17 -21.38
N ILE J 203 -16.92 -46.91 -21.78
CA ILE J 203 -16.45 -47.34 -23.10
C ILE J 203 -16.44 -48.86 -23.19
N LEU J 204 -15.91 -49.52 -22.16
CA LEU J 204 -15.87 -50.98 -22.16
C LEU J 204 -17.29 -51.58 -22.15
N LEU J 205 -18.18 -51.03 -21.33
CA LEU J 205 -19.55 -51.54 -21.28
C LEU J 205 -20.26 -51.34 -22.60
N ASN J 206 -20.07 -50.18 -23.24
CA ASN J 206 -20.72 -49.93 -24.52
C ASN J 206 -20.13 -50.79 -25.62
N VAL J 207 -18.83 -51.10 -25.55
CA VAL J 207 -18.23 -52.00 -26.53
C VAL J 207 -18.80 -53.41 -26.38
N THR J 208 -19.09 -53.82 -25.14
CA THR J 208 -19.70 -55.12 -24.91
C THR J 208 -21.06 -55.22 -25.59
N GLU J 209 -21.85 -54.15 -25.53
CA GLU J 209 -23.16 -54.17 -26.18
C GLU J 209 -23.05 -54.35 -27.68
N LEU J 210 -21.95 -53.91 -28.29
CA LEU J 210 -21.72 -54.15 -29.70
C LEU J 210 -21.19 -55.55 -29.99
N CYS J 211 -20.88 -56.33 -28.95
CA CYS J 211 -20.51 -57.73 -29.11
C CYS J 211 -21.66 -58.68 -28.86
N TYR J 212 -22.56 -58.33 -27.93
CA TYR J 212 -23.76 -59.13 -27.72
C TYR J 212 -24.79 -58.95 -28.83
N LEU J 213 -24.72 -57.85 -29.58
CA LEU J 213 -25.68 -57.58 -30.64
C LEU J 213 -25.19 -58.04 -32.00
N LEU J 214 -23.88 -58.00 -32.24
CA LEU J 214 -23.34 -58.53 -33.50
C LEU J 214 -23.31 -60.05 -33.50
N ILE J 215 -23.08 -60.66 -32.33
CA ILE J 215 -23.15 -62.12 -32.24
C ILE J 215 -24.56 -62.60 -32.53
N ARG J 216 -25.56 -61.93 -31.95
CA ARG J 216 -26.95 -62.30 -32.18
C ARG J 216 -27.44 -61.95 -33.58
N TYR J 217 -26.66 -61.20 -34.35
CA TYR J 217 -27.02 -60.85 -35.72
C TYR J 217 -26.11 -61.52 -36.75
N CYS J 218 -24.80 -61.40 -36.58
CA CYS J 218 -23.85 -62.02 -37.51
C CYS J 218 -23.17 -63.22 -36.89
N THR K 8 -39.91 -40.12 -0.80
CA THR K 8 -39.89 -40.62 -2.16
C THR K 8 -38.83 -41.72 -2.31
N ILE K 9 -37.59 -41.31 -2.58
CA ILE K 9 -36.50 -42.27 -2.70
C ILE K 9 -36.26 -42.97 -1.36
N LEU K 10 -36.31 -42.21 -0.27
CA LEU K 10 -36.19 -42.82 1.06
C LEU K 10 -37.34 -43.78 1.32
N GLY K 11 -38.55 -43.42 0.89
CA GLY K 11 -39.69 -44.31 1.07
C GLY K 11 -39.51 -45.63 0.35
N GLY K 12 -38.90 -45.61 -0.83
CA GLY K 12 -38.63 -46.85 -1.54
C GLY K 12 -37.63 -47.73 -0.82
N VAL K 13 -36.62 -47.12 -0.20
CA VAL K 13 -35.54 -47.90 0.41
C VAL K 13 -35.96 -48.41 1.79
N ASN K 14 -36.61 -47.58 2.59
CA ASN K 14 -36.88 -47.96 3.98
C ASN K 14 -37.86 -49.12 4.07
N LYS K 15 -38.82 -49.19 3.14
CA LYS K 15 -39.75 -50.31 3.14
C LYS K 15 -39.04 -51.63 2.85
N HIS K 16 -38.07 -51.62 1.93
CA HIS K 16 -37.39 -52.83 1.48
C HIS K 16 -36.08 -52.95 2.24
N SER K 17 -36.17 -53.37 3.50
CA SER K 17 -34.98 -53.53 4.33
C SER K 17 -35.28 -54.49 5.47
N THR K 18 -34.21 -54.97 6.09
CA THR K 18 -34.30 -55.84 7.25
C THR K 18 -34.58 -55.00 8.50
N SER K 19 -34.69 -55.68 9.65
CA SER K 19 -34.93 -54.97 10.91
C SER K 19 -33.79 -54.02 11.23
N ILE K 20 -32.54 -54.49 11.09
CA ILE K 20 -31.39 -53.61 11.29
C ILE K 20 -31.31 -52.57 10.17
N GLY K 21 -31.70 -52.94 8.95
CA GLY K 21 -31.62 -52.02 7.84
C GLY K 21 -32.44 -50.75 8.04
N LYS K 22 -33.45 -50.81 8.90
CA LYS K 22 -34.18 -49.60 9.26
C LYS K 22 -33.30 -48.65 10.06
N ILE K 23 -32.53 -49.19 11.00
CA ILE K 23 -31.68 -48.35 11.83
C ILE K 23 -30.50 -47.80 11.03
N TRP K 24 -29.93 -48.62 10.15
CA TRP K 24 -28.78 -48.19 9.37
C TRP K 24 -29.14 -47.05 8.42
N LEU K 25 -30.36 -47.07 7.88
CA LEU K 25 -30.77 -46.00 6.97
C LEU K 25 -30.86 -44.66 7.68
N THR K 26 -31.37 -44.65 8.92
CA THR K 26 -31.48 -43.39 9.64
C THR K 26 -30.12 -42.87 10.09
N VAL K 27 -29.15 -43.78 10.31
CA VAL K 27 -27.80 -43.34 10.62
C VAL K 27 -27.13 -42.74 9.39
N LEU K 28 -27.31 -43.38 8.23
CA LEU K 28 -26.70 -42.87 7.01
C LEU K 28 -27.27 -41.52 6.61
N PHE K 29 -28.58 -41.32 6.75
CA PHE K 29 -29.23 -40.11 6.27
C PHE K 29 -29.28 -39.01 7.31
N ILE K 30 -29.84 -39.28 8.49
CA ILE K 30 -30.02 -38.23 9.48
C ILE K 30 -28.67 -37.75 10.02
N PHE K 31 -27.73 -38.67 10.20
CA PHE K 31 -26.44 -38.32 10.80
C PHE K 31 -25.39 -37.98 9.76
N ARG K 32 -25.08 -38.91 8.86
CA ARG K 32 -23.97 -38.69 7.93
C ARG K 32 -24.33 -37.65 6.87
N ILE K 33 -25.52 -37.76 6.28
CA ILE K 33 -25.88 -36.88 5.17
C ILE K 33 -26.20 -35.47 5.67
N MET K 34 -26.96 -35.35 6.76
CA MET K 34 -27.48 -34.05 7.16
C MET K 34 -26.37 -33.14 7.68
N ILE K 35 -25.53 -33.66 8.59
CA ILE K 35 -24.47 -32.82 9.13
C ILE K 35 -23.45 -32.46 8.06
N LEU K 36 -23.31 -33.30 7.04
CA LEU K 36 -22.42 -32.96 5.93
C LEU K 36 -22.95 -31.77 5.15
N VAL K 37 -24.26 -31.71 4.95
CA VAL K 37 -24.86 -30.66 4.13
C VAL K 37 -25.23 -29.45 4.98
N VAL K 38 -25.88 -29.66 6.12
CA VAL K 38 -26.39 -28.55 6.92
C VAL K 38 -25.25 -27.79 7.57
N ALA K 39 -24.29 -28.50 8.17
CA ALA K 39 -23.31 -27.89 9.05
C ALA K 39 -21.88 -27.95 8.52
N ALA K 40 -21.40 -29.13 8.15
CA ALA K 40 -19.98 -29.29 7.86
C ALA K 40 -19.57 -28.58 6.57
N LYS K 41 -20.51 -28.37 5.64
CA LYS K 41 -20.16 -27.78 4.36
C LYS K 41 -19.70 -26.33 4.52
N GLU K 42 -20.35 -25.58 5.41
CA GLU K 42 -19.99 -24.18 5.61
C GLU K 42 -18.63 -24.06 6.28
N VAL K 43 -18.33 -24.96 7.22
CA VAL K 43 -17.10 -24.87 8.00
C VAL K 43 -15.87 -24.91 7.09
N TRP K 44 -15.92 -25.70 6.03
CA TRP K 44 -14.81 -25.83 5.10
C TRP K 44 -14.89 -24.83 3.95
N GLY K 45 -15.72 -23.78 4.09
CA GLY K 45 -15.88 -22.84 3.00
C GLY K 45 -14.62 -22.04 2.69
N ASP K 46 -13.95 -21.54 3.72
CA ASP K 46 -12.79 -20.67 3.56
C ASP K 46 -11.50 -21.40 3.93
N GLU K 47 -11.40 -22.68 3.56
CA GLU K 47 -10.22 -23.47 3.92
C GLU K 47 -8.95 -22.89 3.34
N GLN K 48 -9.00 -22.46 2.07
CA GLN K 48 -7.84 -21.86 1.43
C GLN K 48 -7.85 -20.34 1.48
N ALA K 49 -9.04 -19.72 1.54
CA ALA K 49 -9.11 -18.27 1.61
C ALA K 49 -8.50 -17.74 2.91
N ASP K 50 -8.71 -18.46 4.02
CA ASP K 50 -8.18 -18.06 5.31
C ASP K 50 -6.96 -18.88 5.71
N PHE K 51 -6.28 -19.49 4.76
CA PHE K 51 -4.99 -20.13 4.99
C PHE K 51 -3.91 -19.06 4.90
N VAL K 52 -3.27 -18.76 6.02
CA VAL K 52 -2.33 -17.65 6.12
C VAL K 52 -0.93 -18.20 6.38
N CYS K 53 0.03 -17.77 5.57
CA CYS K 53 1.41 -18.18 5.71
C CYS K 53 2.29 -16.95 5.97
N ASN K 54 3.20 -17.09 6.94
CA ASN K 54 4.13 -16.01 7.28
C ASN K 54 5.28 -16.04 6.29
N THR K 55 5.10 -15.32 5.18
CA THR K 55 6.09 -15.30 4.12
C THR K 55 5.79 -14.15 3.18
N LEU K 56 6.78 -13.81 2.35
CA LEU K 56 6.60 -12.86 1.26
C LEU K 56 6.79 -13.52 -0.09
N GLN K 57 6.93 -14.84 -0.13
CA GLN K 57 7.25 -15.54 -1.36
C GLN K 57 5.97 -15.79 -2.17
N PRO K 58 5.87 -15.28 -3.39
CA PRO K 58 4.70 -15.59 -4.22
C PRO K 58 4.62 -17.07 -4.53
N GLY K 59 3.41 -17.60 -4.51
CA GLY K 59 3.18 -19.00 -4.81
C GLY K 59 3.49 -19.95 -3.68
N CYS K 60 3.96 -19.45 -2.53
CA CYS K 60 4.28 -20.33 -1.41
C CYS K 60 3.01 -20.84 -0.73
N LYS K 61 1.98 -19.99 -0.63
CA LYS K 61 0.74 -20.40 0.02
C LYS K 61 0.02 -21.47 -0.80
N ASN K 62 0.07 -21.37 -2.13
CA ASN K 62 -0.62 -22.35 -2.97
C ASN K 62 -0.05 -23.75 -2.80
N VAL K 63 1.27 -23.88 -2.78
CA VAL K 63 1.86 -25.21 -2.73
C VAL K 63 1.86 -25.77 -1.32
N CYS K 64 1.85 -24.92 -0.30
CA CYS K 64 1.79 -25.42 1.07
C CYS K 64 0.41 -25.92 1.43
N TYR K 65 -0.64 -25.23 0.97
CA TYR K 65 -2.00 -25.71 1.17
C TYR K 65 -2.23 -27.01 0.41
N ASP K 66 -1.70 -27.11 -0.80
CA ASP K 66 -1.84 -28.34 -1.57
C ASP K 66 -1.14 -29.51 -0.91
N HIS K 67 0.04 -29.27 -0.33
CA HIS K 67 0.80 -30.35 0.27
C HIS K 67 0.08 -30.94 1.48
N TYR K 68 -0.50 -30.10 2.33
CA TYR K 68 -1.06 -30.57 3.58
C TYR K 68 -2.53 -30.96 3.48
N PHE K 69 -3.22 -30.56 2.41
CA PHE K 69 -4.61 -30.93 2.18
C PHE K 69 -4.77 -31.41 0.74
N PRO K 70 -4.21 -32.58 0.41
CA PRO K 70 -4.35 -33.09 -0.95
C PRO K 70 -5.79 -33.29 -1.38
N ILE K 71 -6.66 -33.69 -0.46
CA ILE K 71 -8.10 -33.72 -0.71
C ILE K 71 -8.79 -33.12 0.51
N SER K 72 -9.86 -32.38 0.27
CA SER K 72 -10.61 -31.77 1.36
C SER K 72 -11.34 -32.85 2.17
N HIS K 73 -11.54 -32.55 3.46
CA HIS K 73 -12.28 -33.48 4.32
C HIS K 73 -13.71 -33.66 3.84
N ILE K 74 -14.39 -32.56 3.51
CA ILE K 74 -15.77 -32.66 3.06
C ILE K 74 -15.86 -33.34 1.70
N ARG K 75 -14.86 -33.13 0.84
CA ARG K 75 -14.83 -33.81 -0.45
C ARG K 75 -14.58 -35.31 -0.26
N LEU K 76 -13.79 -35.68 0.74
CA LEU K 76 -13.56 -37.08 1.02
C LEU K 76 -14.81 -37.75 1.59
N TRP K 77 -15.53 -37.06 2.47
CA TRP K 77 -16.74 -37.62 3.05
C TRP K 77 -17.84 -37.77 2.00
N ALA K 78 -17.92 -36.84 1.05
CA ALA K 78 -18.89 -36.97 -0.03
C ALA K 78 -18.61 -38.18 -0.89
N LEU K 79 -17.32 -38.47 -1.13
CA LEU K 79 -16.96 -39.69 -1.86
C LEU K 79 -17.37 -40.94 -1.10
N GLN K 80 -17.15 -40.94 0.22
CA GLN K 80 -17.47 -42.11 1.03
C GLN K 80 -18.97 -42.40 1.05
N LEU K 81 -19.79 -41.36 1.16
CA LEU K 81 -21.24 -41.57 1.19
C LEU K 81 -21.75 -42.13 -0.13
N ILE K 82 -21.20 -41.67 -1.25
CA ILE K 82 -21.64 -42.16 -2.55
C ILE K 82 -21.23 -43.62 -2.74
N PHE K 83 -20.01 -43.98 -2.33
CA PHE K 83 -19.56 -45.34 -2.47
C PHE K 83 -20.28 -46.30 -1.53
N VAL K 84 -20.79 -45.80 -0.42
CA VAL K 84 -21.54 -46.65 0.52
C VAL K 84 -23.00 -46.80 0.08
N SER K 85 -23.60 -45.74 -0.46
CA SER K 85 -24.97 -45.83 -0.93
C SER K 85 -25.08 -46.61 -2.24
N THR K 86 -23.97 -46.82 -2.94
CA THR K 86 -24.03 -47.51 -4.23
C THR K 86 -24.47 -48.96 -4.11
N PRO K 87 -23.92 -49.80 -3.22
CA PRO K 87 -24.40 -51.19 -3.16
C PRO K 87 -25.88 -51.32 -2.83
N ALA K 88 -26.40 -50.44 -1.96
CA ALA K 88 -27.81 -50.51 -1.61
C ALA K 88 -28.70 -50.20 -2.81
N LEU K 89 -28.32 -49.23 -3.64
CA LEU K 89 -29.14 -48.86 -4.78
C LEU K 89 -29.06 -49.89 -5.88
N LEU K 90 -27.87 -50.44 -6.14
CA LEU K 90 -27.73 -51.41 -7.22
C LEU K 90 -28.42 -52.72 -6.87
N VAL K 91 -28.39 -53.12 -5.60
CA VAL K 91 -29.09 -54.33 -5.19
C VAL K 91 -30.59 -54.19 -5.40
N ALA K 92 -31.15 -53.05 -5.02
CA ALA K 92 -32.57 -52.82 -5.23
C ALA K 92 -32.92 -52.79 -6.72
N MET K 93 -32.04 -52.21 -7.53
CA MET K 93 -32.30 -52.19 -8.98
C MET K 93 -32.09 -53.56 -9.61
N HIS K 94 -31.10 -54.31 -9.13
CA HIS K 94 -30.87 -55.66 -9.67
C HIS K 94 -32.04 -56.57 -9.34
N VAL K 95 -32.57 -56.49 -8.12
CA VAL K 95 -33.73 -57.28 -7.75
C VAL K 95 -34.96 -56.81 -8.53
N ALA K 96 -35.09 -55.49 -8.72
CA ALA K 96 -36.20 -54.98 -9.51
C ALA K 96 -36.15 -55.48 -10.95
N TYR K 97 -34.94 -55.76 -11.46
CA TYR K 97 -34.82 -56.40 -12.77
C TYR K 97 -35.38 -57.80 -12.75
N ARG K 98 -35.16 -58.54 -11.65
CA ARG K 98 -35.67 -59.90 -11.56
C ARG K 98 -37.19 -59.93 -11.55
N ARG K 99 -37.82 -58.95 -10.88
CA ARG K 99 -39.28 -58.91 -10.84
C ARG K 99 -39.87 -58.76 -12.24
N HIS K 100 -39.27 -57.91 -13.07
CA HIS K 100 -39.74 -57.71 -14.43
C HIS K 100 -39.12 -58.73 -15.37
N GLY K 130 -33.48 -67.30 -2.73
CA GLY K 130 -32.75 -67.71 -3.91
C GLY K 130 -31.46 -66.94 -4.11
N SER K 131 -31.32 -66.30 -5.27
CA SER K 131 -30.14 -65.50 -5.55
C SER K 131 -30.14 -64.17 -4.80
N LEU K 132 -31.26 -63.78 -4.21
CA LEU K 132 -31.30 -62.57 -3.38
C LEU K 132 -30.33 -62.65 -2.23
N TRP K 133 -30.06 -63.86 -1.72
CA TRP K 133 -29.11 -64.01 -0.62
C TRP K 133 -27.70 -63.63 -1.04
N TRP K 134 -27.30 -64.00 -2.27
CA TRP K 134 -25.95 -63.71 -2.71
C TRP K 134 -25.71 -62.21 -2.87
N THR K 135 -26.65 -61.50 -3.51
CA THR K 135 -26.47 -60.07 -3.71
C THR K 135 -26.52 -59.32 -2.37
N TYR K 136 -27.46 -59.68 -1.50
CA TYR K 136 -27.59 -58.98 -0.23
C TYR K 136 -26.36 -59.18 0.64
N THR K 137 -25.80 -60.39 0.65
CA THR K 137 -24.57 -60.64 1.39
C THR K 137 -23.40 -59.88 0.76
N SER K 138 -23.36 -59.81 -0.58
CA SER K 138 -22.28 -59.10 -1.25
C SER K 138 -22.32 -57.61 -0.93
N SER K 139 -23.51 -57.01 -0.90
CA SER K 139 -23.61 -55.59 -0.63
C SER K 139 -23.10 -55.25 0.76
N ILE K 140 -23.45 -56.07 1.76
CA ILE K 140 -22.95 -55.85 3.11
C ILE K 140 -21.43 -55.99 3.15
N PHE K 141 -20.89 -57.01 2.47
CA PHE K 141 -19.45 -57.20 2.44
C PHE K 141 -18.75 -56.02 1.78
N PHE K 142 -19.32 -55.51 0.68
CA PHE K 142 -18.73 -54.36 0.00
C PHE K 142 -18.75 -53.12 0.88
N ARG K 143 -19.87 -52.88 1.57
CA ARG K 143 -19.99 -51.66 2.37
C ARG K 143 -19.01 -51.66 3.53
N VAL K 144 -18.75 -52.82 4.13
CA VAL K 144 -17.76 -52.90 5.21
C VAL K 144 -16.39 -52.56 4.68
N ILE K 145 -16.05 -53.06 3.49
CA ILE K 145 -14.73 -52.79 2.90
C ILE K 145 -14.57 -51.30 2.63
N PHE K 146 -15.60 -50.67 2.07
CA PHE K 146 -15.50 -49.24 1.74
C PHE K 146 -15.35 -48.40 3.00
N GLU K 147 -16.06 -48.74 4.07
CA GLU K 147 -15.94 -48.00 5.32
C GLU K 147 -14.52 -48.10 5.87
N ALA K 148 -13.92 -49.29 5.84
CA ALA K 148 -12.56 -49.45 6.32
C ALA K 148 -11.56 -48.74 5.41
N ALA K 149 -11.79 -48.80 4.10
CA ALA K 149 -10.85 -48.19 3.16
C ALA K 149 -10.82 -46.67 3.32
N PHE K 150 -11.99 -46.04 3.40
CA PHE K 150 -12.04 -44.60 3.55
C PHE K 150 -11.53 -44.15 4.92
N MET K 151 -11.85 -44.91 5.96
CA MET K 151 -11.33 -44.59 7.29
C MET K 151 -9.82 -44.72 7.33
N TYR K 152 -9.27 -45.74 6.67
CA TYR K 152 -7.82 -45.88 6.61
C TYR K 152 -7.19 -44.72 5.84
N VAL K 153 -7.82 -44.30 4.75
CA VAL K 153 -7.31 -43.16 3.99
C VAL K 153 -7.30 -41.90 4.83
N PHE K 154 -8.36 -41.69 5.62
CA PHE K 154 -8.41 -40.53 6.50
C PHE K 154 -7.28 -40.54 7.50
N TYR K 155 -6.98 -41.70 8.08
CA TYR K 155 -5.96 -41.77 9.13
C TYR K 155 -4.57 -41.56 8.56
N VAL K 156 -4.27 -42.18 7.42
CA VAL K 156 -2.94 -42.07 6.84
C VAL K 156 -2.69 -40.68 6.29
N MET K 157 -3.67 -40.13 5.56
CA MET K 157 -3.46 -38.86 4.88
C MET K 157 -3.23 -37.72 5.87
N TYR K 158 -3.97 -37.69 6.98
CA TYR K 158 -3.89 -36.61 7.95
C TYR K 158 -3.29 -37.06 9.27
N ASP K 159 -2.52 -38.15 9.28
CA ASP K 159 -1.75 -38.68 10.39
C ASP K 159 -2.50 -38.61 11.73
N GLY K 160 -3.81 -38.77 11.68
CA GLY K 160 -4.64 -38.71 12.85
C GLY K 160 -5.99 -38.09 12.51
N PHE K 161 -6.73 -37.74 13.55
CA PHE K 161 -8.04 -37.12 13.38
C PHE K 161 -8.12 -35.72 13.98
N SER K 162 -7.05 -35.23 14.60
CA SER K 162 -7.00 -33.90 15.18
C SER K 162 -6.25 -32.96 14.25
N MET K 163 -6.83 -31.79 13.99
CA MET K 163 -6.21 -30.81 13.12
C MET K 163 -5.33 -29.86 13.91
N GLN K 164 -4.12 -29.61 13.40
CA GLN K 164 -3.18 -28.71 14.05
C GLN K 164 -3.41 -27.27 13.62
N ARG K 165 -3.08 -26.35 14.52
CA ARG K 165 -3.17 -24.92 14.19
C ARG K 165 -2.05 -24.51 13.24
N LEU K 166 -0.85 -25.04 13.42
CA LEU K 166 0.33 -24.61 12.70
C LEU K 166 0.85 -25.77 11.85
N VAL K 167 1.20 -25.47 10.61
CA VAL K 167 1.84 -26.42 9.71
C VAL K 167 3.16 -25.82 9.24
N LYS K 168 4.23 -26.61 9.34
CA LYS K 168 5.55 -26.20 8.88
C LYS K 168 5.81 -26.79 7.50
N CYS K 169 6.01 -25.91 6.53
CA CYS K 169 6.04 -26.29 5.12
C CYS K 169 7.38 -25.87 4.52
N ASN K 170 7.98 -26.77 3.74
CA ASN K 170 9.29 -26.51 3.15
C ASN K 170 9.35 -26.95 1.69
N ALA K 171 8.26 -26.79 0.95
CA ALA K 171 8.22 -27.16 -0.46
C ALA K 171 8.54 -25.96 -1.33
N TRP K 172 9.22 -26.21 -2.44
CA TRP K 172 9.55 -25.14 -3.38
C TRP K 172 8.26 -24.48 -3.87
N PRO K 173 8.24 -23.15 -4.03
CA PRO K 173 9.33 -22.18 -3.89
C PRO K 173 9.46 -21.55 -2.50
N CYS K 174 8.92 -22.16 -1.46
CA CYS K 174 9.01 -21.56 -0.13
C CYS K 174 10.45 -21.61 0.36
N PRO K 175 11.01 -20.50 0.80
CA PRO K 175 12.40 -20.50 1.27
C PRO K 175 12.50 -21.09 2.67
N ASN K 176 13.42 -22.05 2.84
CA ASN K 176 13.67 -22.75 4.11
C ASN K 176 12.34 -23.36 4.55
N THR K 177 11.91 -23.17 5.79
CA THR K 177 10.63 -23.67 6.27
C THR K 177 9.76 -22.48 6.65
N VAL K 178 8.52 -22.47 6.17
CA VAL K 178 7.61 -21.38 6.43
C VAL K 178 6.52 -21.85 7.38
N ASP K 179 5.95 -20.91 8.12
CA ASP K 179 4.89 -21.17 9.07
C ASP K 179 3.55 -20.78 8.46
N CYS K 180 2.60 -21.72 8.46
CA CYS K 180 1.27 -21.48 7.95
C CYS K 180 0.26 -21.85 9.01
N PHE K 181 -0.88 -21.18 8.98
CA PHE K 181 -1.89 -21.31 10.02
C PHE K 181 -3.23 -21.69 9.40
N VAL K 182 -3.86 -22.70 9.97
CA VAL K 182 -5.08 -23.32 9.44
C VAL K 182 -6.29 -22.56 9.94
N SER K 183 -7.36 -22.58 9.14
CA SER K 183 -8.62 -21.94 9.50
C SER K 183 -9.52 -22.93 10.22
N ARG K 184 -10.08 -22.49 11.36
CA ARG K 184 -10.97 -23.30 12.18
C ARG K 184 -10.48 -24.73 12.44
N PRO K 185 -9.29 -24.91 12.99
CA PRO K 185 -8.84 -26.28 13.29
C PRO K 185 -9.71 -27.00 14.30
N THR K 186 -10.27 -26.29 15.28
CA THR K 186 -11.07 -26.95 16.31
C THR K 186 -12.43 -27.38 15.79
N GLU K 187 -13.09 -26.52 15.01
CA GLU K 187 -14.36 -26.92 14.39
C GLU K 187 -14.19 -28.14 13.50
N LYS K 188 -13.11 -28.16 12.71
CA LYS K 188 -12.89 -29.26 11.79
C LYS K 188 -12.51 -30.53 12.54
N THR K 189 -11.92 -30.40 13.73
CA THR K 189 -11.64 -31.57 14.56
C THR K 189 -12.93 -32.16 15.12
N VAL K 190 -13.84 -31.31 15.59
CA VAL K 190 -15.08 -31.79 16.19
C VAL K 190 -15.92 -32.53 15.17
N PHE K 191 -16.04 -31.97 13.96
CA PHE K 191 -16.84 -32.62 12.93
C PHE K 191 -16.15 -33.85 12.37
N THR K 192 -14.81 -33.92 12.47
CA THR K 192 -14.11 -35.12 12.04
C THR K 192 -14.39 -36.28 13.00
N VAL K 193 -14.39 -36.00 14.31
CA VAL K 193 -14.67 -37.04 15.30
C VAL K 193 -16.08 -37.58 15.11
N PHE K 194 -17.04 -36.68 14.87
CA PHE K 194 -18.43 -37.11 14.66
C PHE K 194 -18.53 -38.03 13.46
N MET K 195 -17.91 -37.65 12.35
CA MET K 195 -18.00 -38.46 11.13
C MET K 195 -17.31 -39.80 11.31
N ILE K 196 -16.14 -39.82 11.96
CA ILE K 196 -15.41 -41.07 12.14
C ILE K 196 -16.15 -41.98 13.11
N ALA K 197 -16.66 -41.42 14.22
CA ALA K 197 -17.37 -42.23 15.20
C ALA K 197 -18.63 -42.83 14.61
N VAL K 198 -19.40 -42.05 13.85
CA VAL K 198 -20.62 -42.56 13.25
C VAL K 198 -20.32 -43.62 12.21
N SER K 199 -19.28 -43.40 11.39
CA SER K 199 -18.90 -44.40 10.40
C SER K 199 -18.43 -45.69 11.05
N GLY K 200 -17.79 -45.59 12.21
CA GLY K 200 -17.42 -46.79 12.95
C GLY K 200 -18.63 -47.57 13.42
N ILE K 201 -19.70 -46.87 13.78
CA ILE K 201 -20.95 -47.52 14.15
C ILE K 201 -21.51 -48.30 12.96
N CYS K 202 -21.47 -47.69 11.78
CA CYS K 202 -21.98 -48.37 10.58
C CYS K 202 -21.19 -49.65 10.29
N ILE K 203 -19.92 -49.70 10.70
CA ILE K 203 -19.15 -50.92 10.53
C ILE K 203 -19.68 -52.02 11.44
N LEU K 204 -19.96 -51.68 12.70
CA LEU K 204 -20.46 -52.68 13.64
C LEU K 204 -21.83 -53.20 13.23
N LEU K 205 -22.73 -52.31 12.80
CA LEU K 205 -24.06 -52.74 12.39
C LEU K 205 -23.99 -53.66 11.18
N ASN K 206 -23.13 -53.34 10.21
CA ASN K 206 -23.01 -54.19 9.03
C ASN K 206 -22.33 -55.51 9.36
N VAL K 207 -21.44 -55.50 10.36
CA VAL K 207 -20.84 -56.76 10.81
C VAL K 207 -21.88 -57.61 11.54
N THR K 208 -22.69 -56.98 12.39
CA THR K 208 -23.73 -57.71 13.10
C THR K 208 -24.75 -58.31 12.14
N GLU K 209 -25.16 -57.55 11.13
CA GLU K 209 -26.07 -58.08 10.12
C GLU K 209 -25.44 -59.24 9.36
N LEU K 210 -24.12 -59.18 9.15
CA LEU K 210 -23.44 -60.29 8.49
C LEU K 210 -23.40 -61.52 9.38
N CYS K 211 -23.36 -61.33 10.70
CA CYS K 211 -23.38 -62.47 11.61
C CYS K 211 -24.73 -63.18 11.59
N TYR K 212 -25.82 -62.42 11.47
CA TYR K 212 -27.14 -63.03 11.39
C TYR K 212 -27.27 -63.91 10.15
N LEU K 213 -26.76 -63.45 9.02
CA LEU K 213 -26.85 -64.24 7.79
C LEU K 213 -25.91 -65.43 7.81
N LEU K 214 -24.98 -65.47 8.76
CA LEU K 214 -24.11 -66.63 8.88
C LEU K 214 -24.68 -67.66 9.84
N ILE K 215 -25.35 -67.21 10.89
CA ILE K 215 -26.00 -68.15 11.81
C ILE K 215 -27.10 -68.92 11.09
N ARG K 216 -27.85 -68.23 10.22
CA ARG K 216 -28.95 -68.89 9.50
C ARG K 216 -28.43 -69.98 8.58
N TYR K 217 -27.30 -69.76 7.91
CA TYR K 217 -26.78 -70.69 6.92
C TYR K 217 -25.72 -71.63 7.50
N CYS K 218 -24.64 -71.07 8.05
CA CYS K 218 -23.57 -71.90 8.56
C CYS K 218 -24.03 -72.72 9.76
N SER K 219 -24.83 -72.13 10.63
CA SER K 219 -25.34 -72.84 11.81
C SER K 219 -26.79 -73.25 11.60
N THR L 8 -45.45 -33.01 3.45
CA THR L 8 -45.73 -34.43 3.60
C THR L 8 -45.09 -34.99 4.87
N ILE L 9 -43.81 -34.69 5.06
CA ILE L 9 -43.12 -35.13 6.27
C ILE L 9 -43.73 -34.49 7.51
N LEU L 10 -44.03 -33.18 7.42
CA LEU L 10 -44.69 -32.50 8.54
C LEU L 10 -46.07 -33.09 8.79
N GLY L 11 -46.81 -33.40 7.72
CA GLY L 11 -48.13 -33.98 7.89
C GLY L 11 -48.09 -35.36 8.53
N GLY L 12 -47.03 -36.13 8.26
CA GLY L 12 -46.92 -37.43 8.89
C GLY L 12 -46.68 -37.35 10.39
N VAL L 13 -45.82 -36.43 10.81
CA VAL L 13 -45.40 -36.39 12.22
C VAL L 13 -46.54 -35.93 13.12
N ASN L 14 -47.24 -34.86 12.72
CA ASN L 14 -48.24 -34.28 13.61
C ASN L 14 -49.45 -35.19 13.83
N LYS L 15 -49.69 -36.13 12.92
CA LYS L 15 -50.80 -37.05 13.10
C LYS L 15 -50.60 -37.94 14.33
N HIS L 16 -49.37 -38.44 14.53
CA HIS L 16 -49.07 -39.36 15.61
C HIS L 16 -48.48 -38.56 16.78
N SER L 17 -49.35 -37.88 17.51
CA SER L 17 -48.94 -37.10 18.67
C SER L 17 -50.13 -36.89 19.58
N THR L 18 -49.83 -36.63 20.85
CA THR L 18 -50.85 -36.41 21.87
C THR L 18 -51.24 -34.94 21.90
N SER L 19 -51.98 -34.54 22.95
CA SER L 19 -52.41 -33.15 23.07
C SER L 19 -51.22 -32.22 23.23
N ILE L 20 -50.27 -32.58 24.08
CA ILE L 20 -49.10 -31.73 24.29
C ILE L 20 -47.99 -32.04 23.29
N GLY L 21 -47.98 -33.24 22.71
CA GLY L 21 -47.01 -33.56 21.68
C GLY L 21 -47.21 -32.77 20.41
N LYS L 22 -48.41 -32.24 20.19
CA LYS L 22 -48.64 -31.38 19.03
C LYS L 22 -48.01 -30.01 19.23
N ILE L 23 -48.12 -29.45 20.43
CA ILE L 23 -47.53 -28.15 20.71
C ILE L 23 -46.02 -28.22 20.62
N TRP L 24 -45.44 -29.33 21.08
CA TRP L 24 -43.99 -29.50 20.98
C TRP L 24 -43.52 -29.45 19.53
N LEU L 25 -44.33 -29.95 18.60
CA LEU L 25 -43.91 -29.98 17.20
C LEU L 25 -43.92 -28.59 16.58
N THR L 26 -44.91 -27.76 16.92
CA THR L 26 -44.96 -26.43 16.34
C THR L 26 -43.88 -25.53 16.94
N VAL L 27 -43.57 -25.71 18.23
CA VAL L 27 -42.48 -24.95 18.83
C VAL L 27 -41.16 -25.34 18.20
N LEU L 28 -40.95 -26.64 17.95
CA LEU L 28 -39.71 -27.10 17.35
C LEU L 28 -39.52 -26.59 15.93
N PHE L 29 -40.58 -26.35 15.19
CA PHE L 29 -40.47 -26.01 13.77
C PHE L 29 -40.61 -24.52 13.51
N ILE L 30 -41.71 -23.90 13.94
CA ILE L 30 -41.95 -22.51 13.57
C ILE L 30 -40.96 -21.57 14.25
N PHE L 31 -40.42 -21.96 15.41
CA PHE L 31 -39.47 -21.13 16.12
C PHE L 31 -38.03 -21.60 15.95
N ARG L 32 -37.73 -22.85 16.33
CA ARG L 32 -36.34 -23.30 16.31
C ARG L 32 -35.84 -23.45 14.88
N ILE L 33 -36.58 -24.16 14.03
CA ILE L 33 -36.12 -24.42 12.67
C ILE L 33 -36.18 -23.14 11.84
N MET L 34 -37.26 -22.38 11.96
CA MET L 34 -37.47 -21.25 11.06
C MET L 34 -36.53 -20.10 11.36
N ILE L 35 -36.32 -19.79 12.65
CA ILE L 35 -35.40 -18.71 13.00
C ILE L 35 -33.98 -19.08 12.57
N LEU L 36 -33.58 -20.33 12.80
CA LEU L 36 -32.23 -20.76 12.46
C LEU L 36 -31.96 -20.64 10.97
N VAL L 37 -32.96 -20.96 10.14
CA VAL L 37 -32.74 -20.98 8.70
C VAL L 37 -32.98 -19.60 8.09
N VAL L 38 -34.10 -18.97 8.44
CA VAL L 38 -34.50 -17.74 7.76
C VAL L 38 -33.58 -16.59 8.15
N ALA L 39 -33.29 -16.45 9.44
CA ALA L 39 -32.61 -15.27 9.95
C ALA L 39 -31.21 -15.55 10.50
N ALA L 40 -31.08 -16.48 11.45
CA ALA L 40 -29.84 -16.61 12.20
C ALA L 40 -28.67 -17.12 11.35
N LYS L 41 -28.95 -17.75 10.21
CA LYS L 41 -27.86 -18.32 9.41
C LYS L 41 -26.94 -17.23 8.86
N GLU L 42 -27.53 -16.15 8.36
CA GLU L 42 -26.74 -15.08 7.73
C GLU L 42 -26.19 -14.08 8.73
N VAL L 43 -26.63 -14.12 9.99
CA VAL L 43 -26.01 -13.29 11.01
C VAL L 43 -24.58 -13.74 11.27
N TRP L 44 -24.36 -15.05 11.30
CA TRP L 44 -23.04 -15.63 11.49
C TRP L 44 -22.26 -15.77 10.19
N GLY L 45 -22.71 -15.14 9.11
CA GLY L 45 -22.04 -15.31 7.82
C GLY L 45 -20.65 -14.74 7.78
N ASP L 46 -20.47 -13.52 8.30
CA ASP L 46 -19.17 -12.85 8.33
C ASP L 46 -18.50 -13.00 9.68
N GLU L 47 -18.73 -14.13 10.33
CA GLU L 47 -18.28 -14.32 11.70
C GLU L 47 -16.76 -14.34 11.83
N GLN L 48 -16.06 -14.84 10.81
CA GLN L 48 -14.61 -14.78 10.81
C GLN L 48 -14.05 -13.71 9.88
N ALA L 49 -14.77 -13.38 8.81
CA ALA L 49 -14.30 -12.35 7.89
C ALA L 49 -14.24 -10.99 8.57
N ASP L 50 -15.21 -10.68 9.41
CA ASP L 50 -15.27 -9.41 10.13
C ASP L 50 -14.72 -9.51 11.55
N PHE L 51 -13.85 -10.49 11.80
CA PHE L 51 -13.15 -10.59 13.07
C PHE L 51 -11.83 -9.82 12.95
N VAL L 52 -11.71 -8.72 13.68
CA VAL L 52 -10.60 -7.78 13.53
C VAL L 52 -9.75 -7.82 14.80
N CYS L 53 -8.44 -8.02 14.62
CA CYS L 53 -7.49 -8.04 15.73
C CYS L 53 -6.49 -6.91 15.54
N ASN L 54 -6.21 -6.19 16.63
CA ASN L 54 -5.26 -5.08 16.61
C ASN L 54 -3.85 -5.68 16.77
N THR L 55 -3.24 -6.01 15.64
CA THR L 55 -1.92 -6.62 15.64
C THR L 55 -1.39 -6.61 14.22
N LEU L 56 -0.08 -6.81 14.09
CA LEU L 56 0.58 -7.04 12.81
C LEU L 56 1.10 -8.47 12.69
N GLN L 57 0.80 -9.32 13.64
CA GLN L 57 1.36 -10.67 13.67
C GLN L 57 0.61 -11.58 12.71
N PRO L 58 1.28 -12.19 11.74
CA PRO L 58 0.58 -13.13 10.85
C PRO L 58 0.16 -14.38 11.58
N GLY L 59 -1.08 -14.81 11.34
CA GLY L 59 -1.63 -15.98 11.99
C GLY L 59 -2.24 -15.74 13.35
N CYS L 60 -2.11 -14.54 13.91
CA CYS L 60 -2.69 -14.23 15.20
C CYS L 60 -4.22 -14.26 15.14
N LYS L 61 -4.79 -13.76 14.05
CA LYS L 61 -6.24 -13.72 13.91
C LYS L 61 -6.82 -15.13 13.85
N ASN L 62 -6.14 -16.05 13.17
CA ASN L 62 -6.65 -17.41 13.03
C ASN L 62 -6.71 -18.12 14.38
N VAL L 63 -5.65 -18.04 15.17
CA VAL L 63 -5.62 -18.78 16.43
C VAL L 63 -6.55 -18.15 17.46
N CYS L 64 -6.65 -16.82 17.49
CA CYS L 64 -7.49 -16.17 18.49
C CYS L 64 -8.97 -16.42 18.21
N TYR L 65 -9.37 -16.40 16.95
CA TYR L 65 -10.74 -16.75 16.61
C TYR L 65 -11.04 -18.20 16.97
N ASP L 66 -10.11 -19.11 16.65
CA ASP L 66 -10.33 -20.52 16.94
C ASP L 66 -10.41 -20.77 18.44
N HIS L 67 -9.66 -20.00 19.23
CA HIS L 67 -9.68 -20.18 20.68
C HIS L 67 -11.03 -19.79 21.27
N TYR L 68 -11.61 -18.69 20.82
CA TYR L 68 -12.82 -18.16 21.46
C TYR L 68 -14.10 -18.68 20.86
N PHE L 69 -14.06 -19.30 19.68
CA PHE L 69 -15.22 -19.90 19.05
C PHE L 69 -14.85 -21.28 18.55
N PRO L 70 -14.65 -22.24 19.46
CA PRO L 70 -14.27 -23.60 19.04
C PRO L 70 -15.31 -24.26 18.15
N ILE L 71 -16.57 -23.93 18.33
CA ILE L 71 -17.62 -24.29 17.38
C ILE L 71 -18.61 -23.12 17.33
N SER L 72 -19.11 -22.83 16.13
CA SER L 72 -20.01 -21.72 15.95
C SER L 72 -21.35 -21.96 16.65
N HIS L 73 -22.04 -20.86 16.97
CA HIS L 73 -23.35 -20.98 17.59
C HIS L 73 -24.34 -21.66 16.67
N ILE L 74 -24.36 -21.28 15.40
CA ILE L 74 -25.32 -21.84 14.45
C ILE L 74 -25.03 -23.33 14.23
N ARG L 75 -23.75 -23.71 14.21
CA ARG L 75 -23.41 -25.11 14.02
C ARG L 75 -23.82 -25.94 15.24
N LEU L 76 -23.71 -25.37 16.44
CA LEU L 76 -24.14 -26.07 17.63
C LEU L 76 -25.65 -26.29 17.66
N TRP L 77 -26.41 -25.25 17.28
CA TRP L 77 -27.86 -25.40 17.22
C TRP L 77 -28.29 -26.41 16.17
N ALA L 78 -27.60 -26.42 15.02
CA ALA L 78 -27.92 -27.39 13.98
C ALA L 78 -27.66 -28.81 14.48
N LEU L 79 -26.60 -29.01 15.26
CA LEU L 79 -26.37 -30.31 15.89
C LEU L 79 -27.47 -30.62 16.89
N GLN L 80 -27.90 -29.63 17.67
CA GLN L 80 -28.93 -29.87 18.67
C GLN L 80 -30.25 -30.24 18.03
N LEU L 81 -30.62 -29.57 16.94
CA LEU L 81 -31.90 -29.86 16.29
C LEU L 81 -31.94 -31.27 15.74
N ILE L 82 -30.84 -31.73 15.15
CA ILE L 82 -30.79 -33.09 14.61
C ILE L 82 -30.94 -34.12 15.73
N PHE L 83 -30.23 -33.91 16.84
CA PHE L 83 -30.28 -34.86 17.94
C PHE L 83 -31.64 -34.87 18.63
N VAL L 84 -32.42 -33.80 18.51
CA VAL L 84 -33.75 -33.74 19.12
C VAL L 84 -34.78 -34.45 18.23
N SER L 85 -34.61 -34.36 16.91
CA SER L 85 -35.59 -34.95 16.01
C SER L 85 -35.38 -36.45 15.81
N THR L 86 -34.23 -36.99 16.23
CA THR L 86 -33.97 -38.40 15.99
C THR L 86 -34.73 -39.34 16.93
N PRO L 87 -35.02 -38.99 18.19
CA PRO L 87 -35.91 -39.87 18.96
C PRO L 87 -37.31 -39.93 18.40
N ALA L 88 -37.86 -38.79 17.97
CA ALA L 88 -39.20 -38.78 17.41
C ALA L 88 -39.25 -39.54 16.09
N LEU L 89 -38.15 -39.54 15.34
CA LEU L 89 -38.10 -40.32 14.10
C LEU L 89 -37.93 -41.81 14.38
N LEU L 90 -37.20 -42.15 15.45
CA LEU L 90 -37.06 -43.56 15.82
C LEU L 90 -38.39 -44.15 16.27
N VAL L 91 -39.19 -43.37 17.00
CA VAL L 91 -40.50 -43.84 17.44
C VAL L 91 -41.39 -44.14 16.25
N ALA L 92 -41.31 -43.31 15.20
CA ALA L 92 -42.10 -43.56 14.00
C ALA L 92 -41.73 -44.90 13.36
N MET L 93 -40.45 -45.23 13.33
CA MET L 93 -40.03 -46.51 12.79
C MET L 93 -40.49 -47.68 13.66
N HIS L 94 -40.44 -47.50 14.99
CA HIS L 94 -40.97 -48.53 15.88
C HIS L 94 -42.47 -48.71 15.70
N VAL L 95 -43.20 -47.61 15.56
CA VAL L 95 -44.63 -47.69 15.29
C VAL L 95 -44.87 -48.33 13.92
N ALA L 96 -44.03 -48.00 12.94
CA ALA L 96 -44.15 -48.62 11.62
C ALA L 96 -43.91 -50.12 11.70
N TYR L 97 -42.98 -50.55 12.56
CA TYR L 97 -42.71 -51.98 12.71
C TYR L 97 -43.95 -52.73 13.18
N ARG L 98 -44.66 -52.18 14.16
CA ARG L 98 -45.91 -52.80 14.59
C ARG L 98 -46.96 -52.77 13.50
N ARG L 99 -47.04 -51.66 12.76
CA ARG L 99 -48.03 -51.53 11.70
C ARG L 99 -47.69 -52.37 10.47
N HIS L 100 -46.42 -52.77 10.32
CA HIS L 100 -46.04 -53.65 9.21
C HIS L 100 -45.30 -54.87 9.73
N SER L 131 -44.94 -52.90 23.48
CA SER L 131 -44.03 -52.09 24.28
C SER L 131 -44.00 -50.65 23.78
N LEU L 132 -45.10 -50.21 23.16
CA LEU L 132 -45.18 -48.85 22.66
C LEU L 132 -45.05 -47.83 23.79
N TRP L 133 -45.53 -48.16 24.98
CA TRP L 133 -45.42 -47.23 26.10
C TRP L 133 -43.97 -46.99 26.48
N TRP L 134 -43.13 -48.02 26.42
CA TRP L 134 -41.74 -47.87 26.79
C TRP L 134 -40.96 -47.05 25.77
N THR L 135 -41.17 -47.32 24.48
CA THR L 135 -40.45 -46.57 23.45
C THR L 135 -40.83 -45.10 23.46
N TYR L 136 -42.14 -44.81 23.60
CA TYR L 136 -42.58 -43.43 23.64
C TYR L 136 -42.04 -42.72 24.87
N THR L 137 -42.01 -43.40 26.01
CA THR L 137 -41.45 -42.81 27.22
C THR L 137 -39.95 -42.57 27.08
N SER L 138 -39.24 -43.52 26.47
CA SER L 138 -37.80 -43.39 26.33
C SER L 138 -37.42 -42.18 25.47
N SER L 139 -38.18 -41.93 24.40
CA SER L 139 -37.88 -40.80 23.54
C SER L 139 -38.01 -39.48 24.29
N ILE L 140 -39.03 -39.37 25.15
CA ILE L 140 -39.16 -38.16 25.98
C ILE L 140 -37.99 -38.05 26.93
N PHE L 141 -37.54 -39.17 27.49
CA PHE L 141 -36.39 -39.15 28.39
C PHE L 141 -35.12 -38.74 27.64
N PHE L 142 -34.93 -39.26 26.43
CA PHE L 142 -33.75 -38.90 25.65
C PHE L 142 -33.74 -37.43 25.29
N ARG L 143 -34.89 -36.89 24.88
CA ARG L 143 -34.95 -35.49 24.47
C ARG L 143 -34.63 -34.55 25.63
N VAL L 144 -35.13 -34.86 26.83
CA VAL L 144 -34.84 -34.01 27.99
C VAL L 144 -33.35 -34.02 28.29
N ILE L 145 -32.71 -35.19 28.21
CA ILE L 145 -31.28 -35.28 28.48
C ILE L 145 -30.49 -34.44 27.49
N PHE L 146 -30.88 -34.47 26.22
CA PHE L 146 -30.15 -33.72 25.20
C PHE L 146 -30.23 -32.22 25.43
N GLU L 147 -31.41 -31.70 25.81
CA GLU L 147 -31.54 -30.27 26.05
C GLU L 147 -30.66 -29.82 27.21
N ALA L 148 -30.62 -30.61 28.29
CA ALA L 148 -29.75 -30.26 29.41
C ALA L 148 -28.28 -30.29 28.98
N ALA L 149 -27.90 -31.29 28.17
CA ALA L 149 -26.51 -31.40 27.74
C ALA L 149 -26.12 -30.25 26.81
N PHE L 150 -26.95 -29.98 25.79
CA PHE L 150 -26.60 -28.96 24.82
C PHE L 150 -26.64 -27.57 25.43
N MET L 151 -27.60 -27.31 26.32
CA MET L 151 -27.63 -26.02 27.01
C MET L 151 -26.47 -25.89 27.97
N TYR L 152 -26.02 -27.00 28.56
CA TYR L 152 -24.83 -26.97 29.42
C TYR L 152 -23.59 -26.61 28.62
N VAL L 153 -23.47 -27.16 27.41
CA VAL L 153 -22.32 -26.84 26.56
C VAL L 153 -22.28 -25.36 26.23
N PHE L 154 -23.44 -24.77 25.92
CA PHE L 154 -23.49 -23.35 25.60
C PHE L 154 -23.02 -22.50 26.78
N TYR L 155 -23.40 -22.88 28.00
CA TYR L 155 -23.00 -22.10 29.16
C TYR L 155 -21.51 -22.25 29.45
N VAL L 156 -21.01 -23.49 29.44
CA VAL L 156 -19.62 -23.73 29.82
C VAL L 156 -18.67 -23.20 28.75
N MET L 157 -18.97 -23.48 27.48
CA MET L 157 -18.05 -23.10 26.41
C MET L 157 -17.99 -21.59 26.23
N TYR L 158 -19.12 -20.91 26.38
CA TYR L 158 -19.20 -19.48 26.10
C TYR L 158 -19.44 -18.63 27.35
N ASP L 159 -19.20 -19.20 28.54
CA ASP L 159 -19.19 -18.47 29.82
C ASP L 159 -20.48 -17.69 30.06
N GLY L 160 -21.53 -18.04 29.33
CA GLY L 160 -22.82 -17.39 29.44
C GLY L 160 -23.48 -17.25 28.08
N PHE L 161 -24.49 -16.38 28.03
CA PHE L 161 -25.28 -16.17 26.83
C PHE L 161 -25.07 -14.80 26.21
N SER L 162 -24.34 -13.91 26.87
CA SER L 162 -24.11 -12.56 26.36
C SER L 162 -22.75 -12.51 25.68
N MET L 163 -22.75 -12.12 24.41
CA MET L 163 -21.50 -11.99 23.66
C MET L 163 -20.82 -10.67 23.98
N GLN L 164 -19.50 -10.69 23.98
CA GLN L 164 -18.69 -9.52 24.29
C GLN L 164 -18.18 -8.86 23.01
N ARG L 165 -17.99 -7.54 23.09
CA ARG L 165 -17.43 -6.81 21.96
C ARG L 165 -15.93 -7.09 21.81
N LEU L 166 -15.22 -7.24 22.92
CA LEU L 166 -13.77 -7.34 22.93
C LEU L 166 -13.34 -8.65 23.58
N VAL L 167 -12.42 -9.36 22.94
CA VAL L 167 -11.82 -10.57 23.48
C VAL L 167 -10.32 -10.35 23.57
N LYS L 168 -9.74 -10.65 24.73
CA LYS L 168 -8.30 -10.52 24.96
C LYS L 168 -7.66 -11.90 24.79
N CYS L 169 -6.68 -11.99 23.90
CA CYS L 169 -6.12 -13.26 23.47
C CYS L 169 -4.61 -13.21 23.60
N ASN L 170 -4.02 -14.28 24.16
CA ASN L 170 -2.58 -14.36 24.36
C ASN L 170 -2.04 -15.72 23.91
N ALA L 171 -2.65 -16.32 22.91
CA ALA L 171 -2.19 -17.60 22.39
C ALA L 171 -1.11 -17.40 21.33
N TRP L 172 -0.18 -18.34 21.26
CA TRP L 172 0.87 -18.27 20.27
C TRP L 172 0.26 -18.29 18.87
N PRO L 173 0.80 -17.52 17.91
CA PRO L 173 1.98 -16.66 17.97
C PRO L 173 1.71 -15.21 18.32
N CYS L 174 0.57 -14.90 18.94
CA CYS L 174 0.27 -13.52 19.25
C CYS L 174 1.20 -12.99 20.33
N PRO L 175 1.86 -11.86 20.12
CA PRO L 175 2.78 -11.33 21.13
C PRO L 175 2.01 -10.71 22.28
N ASN L 176 2.36 -11.11 23.51
CA ASN L 176 1.71 -10.65 24.74
C ASN L 176 0.21 -10.90 24.60
N THR L 177 -0.64 -9.95 24.95
CA THR L 177 -2.08 -10.07 24.78
C THR L 177 -2.55 -9.07 23.73
N VAL L 178 -3.37 -9.54 22.79
CA VAL L 178 -3.87 -8.69 21.72
C VAL L 178 -5.35 -8.46 21.91
N ASP L 179 -5.83 -7.38 21.31
CA ASP L 179 -7.24 -7.01 21.35
C ASP L 179 -7.90 -7.40 20.04
N CYS L 180 -8.98 -8.18 20.13
CA CYS L 180 -9.74 -8.58 18.96
C CYS L 180 -11.20 -8.20 19.18
N PHE L 181 -11.90 -7.92 18.08
CA PHE L 181 -13.25 -7.39 18.13
C PHE L 181 -14.19 -8.29 17.34
N VAL L 182 -15.31 -8.64 17.95
CA VAL L 182 -16.28 -9.59 17.42
C VAL L 182 -17.28 -8.85 16.53
N SER L 183 -17.77 -9.54 15.51
CA SER L 183 -18.75 -8.99 14.59
C SER L 183 -20.16 -9.24 15.11
N ARG L 184 -20.97 -8.18 15.15
CA ARG L 184 -22.35 -8.22 15.60
C ARG L 184 -22.55 -8.92 16.95
N PRO L 185 -21.85 -8.50 18.00
CA PRO L 185 -22.04 -9.15 19.31
C PRO L 185 -23.46 -9.00 19.86
N THR L 186 -24.11 -7.86 19.63
CA THR L 186 -25.45 -7.66 20.16
C THR L 186 -26.48 -8.44 19.35
N GLU L 187 -26.30 -8.49 18.03
CA GLU L 187 -27.17 -9.29 17.18
C GLU L 187 -27.15 -10.76 17.58
N LYS L 188 -25.96 -11.28 17.89
CA LYS L 188 -25.84 -12.68 18.24
C LYS L 188 -26.35 -12.95 19.66
N THR L 189 -26.31 -11.94 20.53
CA THR L 189 -26.88 -12.10 21.87
C THR L 189 -28.40 -12.21 21.81
N VAL L 190 -29.04 -11.42 20.96
CA VAL L 190 -30.50 -11.45 20.87
C VAL L 190 -30.98 -12.81 20.39
N PHE L 191 -30.34 -13.34 19.35
CA PHE L 191 -30.75 -14.63 18.82
C PHE L 191 -30.34 -15.79 19.71
N THR L 192 -29.37 -15.58 20.60
CA THR L 192 -29.01 -16.62 21.55
C THR L 192 -30.07 -16.74 22.65
N VAL L 193 -30.62 -15.61 23.08
CA VAL L 193 -31.65 -15.65 24.13
C VAL L 193 -32.88 -16.38 23.65
N PHE L 194 -33.29 -16.15 22.40
CA PHE L 194 -34.47 -16.83 21.86
C PHE L 194 -34.26 -18.34 21.80
N MET L 195 -33.10 -18.79 21.33
CA MET L 195 -32.82 -20.22 21.29
C MET L 195 -32.81 -20.83 22.68
N ILE L 196 -32.18 -20.16 23.65
CA ILE L 196 -32.11 -20.71 24.99
C ILE L 196 -33.48 -20.73 25.64
N ALA L 197 -34.25 -19.64 25.48
CA ALA L 197 -35.58 -19.58 26.08
C ALA L 197 -36.51 -20.62 25.47
N VAL L 198 -36.48 -20.77 24.14
CA VAL L 198 -37.34 -21.74 23.49
C VAL L 198 -36.93 -23.16 23.85
N SER L 199 -35.62 -23.41 23.92
CA SER L 199 -35.15 -24.72 24.36
C SER L 199 -35.57 -25.01 25.79
N GLY L 200 -35.53 -23.99 26.66
CA GLY L 200 -36.01 -24.18 28.02
C GLY L 200 -37.49 -24.46 28.08
N ILE L 201 -38.27 -23.85 27.18
CA ILE L 201 -39.70 -24.13 27.11
C ILE L 201 -39.94 -25.59 26.73
N CYS L 202 -39.18 -26.10 25.76
CA CYS L 202 -39.32 -27.50 25.35
C CYS L 202 -38.96 -28.44 26.48
N ILE L 203 -38.11 -28.01 27.42
CA ILE L 203 -37.81 -28.83 28.58
C ILE L 203 -39.03 -28.97 29.47
N LEU L 204 -39.72 -27.85 29.73
CA LEU L 204 -40.90 -27.89 30.59
C LEU L 204 -42.02 -28.72 29.95
N LEU L 205 -42.23 -28.58 28.64
CA LEU L 205 -43.27 -29.35 27.98
C LEU L 205 -42.97 -30.84 28.04
N ASN L 206 -41.71 -31.22 27.83
CA ASN L 206 -41.34 -32.63 27.92
C ASN L 206 -41.44 -33.14 29.35
N VAL L 207 -41.10 -32.30 30.33
CA VAL L 207 -41.24 -32.70 31.73
C VAL L 207 -42.71 -32.85 32.09
N THR L 208 -43.56 -31.94 31.59
CA THR L 208 -45.00 -32.02 31.86
C THR L 208 -45.58 -33.32 31.32
N GLU L 209 -45.19 -33.71 30.10
CA GLU L 209 -45.62 -34.99 29.56
C GLU L 209 -45.10 -36.15 30.38
N LEU L 210 -43.92 -36.02 30.99
CA LEU L 210 -43.39 -37.07 31.85
C LEU L 210 -44.16 -37.19 33.16
N CYS L 211 -45.01 -36.22 33.48
CA CYS L 211 -45.89 -36.31 34.64
C CYS L 211 -47.29 -36.78 34.29
N TYR L 212 -47.75 -36.52 33.07
CA TYR L 212 -49.04 -37.01 32.61
C TYR L 212 -49.01 -38.48 32.23
N LEU L 213 -47.84 -39.11 32.22
CA LEU L 213 -47.71 -40.54 31.96
C LEU L 213 -47.39 -41.33 33.22
N LEU L 214 -46.66 -40.73 34.17
CA LEU L 214 -46.41 -41.41 35.43
C LEU L 214 -47.63 -41.38 36.33
N ILE L 215 -48.40 -40.29 36.29
CA ILE L 215 -49.62 -40.22 37.10
C ILE L 215 -50.62 -41.25 36.64
N ARG L 216 -50.57 -41.63 35.36
CA ARG L 216 -51.42 -42.71 34.87
C ARG L 216 -50.97 -44.06 35.44
N TYR L 217 -49.66 -44.25 35.58
CA TYR L 217 -49.14 -45.50 36.12
C TYR L 217 -48.98 -45.47 37.63
N CYS L 218 -49.32 -44.36 38.28
CA CYS L 218 -49.25 -44.27 39.73
C CYS L 218 -50.64 -44.13 40.34
C1 PTY M . 11.92 11.89 32.96
C2 PTY M . 7.82 15.02 29.01
C3 PTY M . 7.49 14.58 30.42
O4 PTY M . 12.95 12.74 32.46
C5 PTY M . 9.75 11.95 31.72
C6 PTY M . 10.60 12.62 32.78
O7 PTY M . 10.93 13.96 32.41
C8 PTY M . 10.06 14.93 32.71
O10 PTY M . 9.14 14.78 33.47
C11 PTY M . 10.37 16.19 31.96
C12 PTY M . 11.25 17.16 32.72
C13 PTY M . 12.73 16.96 32.42
C14 PTY M . 13.59 18.10 32.95
C15 PTY M . 15.04 18.02 32.54
C16 PTY M . 15.86 19.18 33.08
C17 PTY M . 17.26 19.29 32.50
C18 PTY M . 17.94 20.60 32.86
C30 PTY M . 14.08 12.13 32.10
C31 PTY M . 15.08 13.09 31.52
O30 PTY M . 14.25 10.95 32.23
C32 PTY M . 15.81 13.90 32.59
C33 PTY M . 16.88 14.81 32.01
C34 PTY M . 18.09 14.05 31.50
C35 PTY M . 19.42 14.68 31.89
C36 PTY M . 19.57 16.10 31.39
C37 PTY M . 20.91 16.74 31.75
P1 PTY M . 7.14 12.31 31.69
O11 PTY M . 7.95 13.24 30.62
O12 PTY M . 6.52 13.17 32.75
O13 PTY M . 6.29 11.29 30.98
O14 PTY M . 8.50 11.59 32.28
N1 PTY M . 6.61 15.08 28.19
C8 PTY N . 25.12 28.14 11.10
C11 PTY N . 24.25 27.86 12.29
C12 PTY N . 23.49 29.09 12.80
C13 PTY N . 22.46 28.73 13.87
C14 PTY N . 21.61 29.92 14.26
C15 PTY N . 22.36 30.98 15.07
C16 PTY N . 21.51 32.20 15.36
C17 PTY N . 22.23 33.27 16.17
C18 PTY N . 23.30 34.01 15.37
C19 PTY N . 23.93 35.17 16.13
C1 PTY O . 28.25 -10.06 20.70
C2 PTY O . 22.01 -6.69 21.35
C3 PTY O . 23.37 -6.82 22.01
O4 PTY O . 29.26 -9.05 20.81
C5 PTY O . 25.81 -9.58 21.02
C6 PTY O . 27.16 -9.70 21.69
O7 PTY O . 27.55 -8.46 22.29
C8 PTY O . 27.89 -8.45 23.59
O10 PTY O . 28.36 -9.39 24.16
C11 PTY O . 27.59 -7.11 24.21
C12 PTY O . 28.84 -6.28 24.51
C13 PTY O . 29.50 -5.75 23.24
C14 PTY O . 30.44 -4.60 23.53
C15 PTY O . 31.75 -5.01 24.17
C16 PTY O . 32.97 -4.52 23.39
C17 PTY O . 33.18 -3.01 23.44
C18 PTY O . 34.56 -2.62 22.93
C19 PTY O . 34.81 -1.12 22.93
C30 PTY O . 29.92 -8.71 19.70
C31 PTY O . 30.47 -7.31 19.82
O30 PTY O . 30.05 -9.44 18.76
C32 PTY O . 31.55 -6.97 18.81
C33 PTY O . 32.69 -6.21 19.48
C34 PTY O . 33.53 -5.41 18.49
C35 PTY O . 34.64 -4.61 19.17
C36 PTY O . 35.43 -3.74 18.20
C37 PTY O . 36.39 -2.79 18.90
P1 PTY O . 23.44 -9.44 22.15
O11 PTY O . 23.99 -8.02 21.57
O12 PTY O . 23.24 -9.37 23.63
O13 PTY O . 22.34 -9.98 21.28
O14 PTY O . 24.85 -10.24 21.81
N1 PTY O . 20.97 -7.33 22.14
C14 PTY P . 30.28 18.62 19.08
C15 PTY P . 29.59 18.42 20.42
C16 PTY P . 30.48 18.79 21.60
C17 PTY P . 31.24 20.09 21.41
C18 PTY P . 32.09 20.45 22.64
C19 PTY P . 33.01 21.65 22.42
C1 PTY Q . 34.14 -8.08 -10.01
C2 PTY Q . 30.36 -12.59 -5.62
C3 PTY Q . 29.80 -12.65 -7.02
O4 PTY Q . 35.41 -7.51 -9.71
C5 PTY Q . 32.96 -10.27 -10.09
C6 PTY Q . 34.19 -9.53 -9.63
O7 PTY Q . 34.30 -9.57 -8.19
C8 PTY Q . 35.45 -9.96 -7.65
O10 PTY Q . 36.38 -10.38 -8.29
C11 PTY Q . 35.43 -9.81 -6.15
C12 PTY Q . 36.82 -9.89 -5.54
C13 PTY Q . 37.37 -8.52 -5.20
C14 PTY Q . 38.87 -8.54 -4.97
C15 PTY Q . 39.67 -7.95 -6.13
C16 PTY Q . 39.33 -6.48 -6.35
C17 PTY Q . 39.96 -5.53 -5.34
C18 PTY Q . 41.36 -5.11 -5.74
C19 PTY Q . 42.03 -4.18 -4.74
C30 PTY Q . 35.46 -6.21 -9.46
C31 PTY Q . 36.88 -5.73 -9.33
O30 PTY Q . 34.49 -5.53 -9.37
C32 PTY Q . 37.05 -4.27 -9.69
C33 PTY Q . 38.42 -3.73 -9.31
C34 PTY Q . 38.65 -2.32 -9.86
C35 PTY Q . 40.00 -1.74 -9.50
C36 PTY Q . 40.20 -1.60 -7.99
P1 PTY Q . 31.20 -11.94 -9.12
O11 PTY Q . 30.38 -11.58 -7.76
O12 PTY Q . 32.01 -13.19 -8.92
O13 PTY Q . 30.34 -11.80 -10.34
O14 PTY Q . 32.18 -10.62 -8.98
N1 PTY Q . 30.09 -11.30 -4.99
C12 PTY R . 36.31 11.44 9.30
C13 PTY R . 37.57 10.59 9.25
C14 PTY R . 37.58 9.49 10.29
C15 PTY R . 38.97 9.10 10.76
C16 PTY R . 39.80 10.34 11.10
C17 PTY R . 41.16 10.04 11.69
C18 PTY R . 41.68 11.23 12.51
C19 PTY R . 43.19 11.40 12.49
C1 PTY S . 21.28 12.90 -26.43
C2 PTY S . 22.01 6.39 -25.20
C3 PTY S . 20.61 6.78 -25.63
O4 PTY S . 22.49 13.67 -26.49
C5 PTY S . 20.16 11.03 -27.66
C6 PTY S . 21.47 11.70 -27.32
O7 PTY S . 22.34 10.80 -26.62
C8 PTY S . 23.65 10.80 -26.89
O10 PTY S . 24.24 11.74 -27.35
C11 PTY S . 24.27 9.47 -26.56
C12 PTY S . 25.79 9.52 -26.58
C13 PTY S . 26.36 10.23 -25.37
C14 PTY S . 27.65 10.98 -25.70
C15 PTY S . 27.41 12.29 -26.44
C16 PTY S . 27.85 13.50 -25.62
C17 PTY S . 29.35 13.59 -25.42
C18 PTY S . 29.74 14.76 -24.53
C19 PTY S . 31.23 15.03 -24.47
C30 PTY S . 22.79 14.44 -25.46
C31 PTY S . 24.17 15.02 -25.58
O30 PTY S . 22.03 14.63 -24.53
C32 PTY S . 24.43 16.16 -24.62
C33 PTY S . 25.86 16.70 -24.73
C34 PTY S . 25.96 18.16 -24.36
C35 PTY S . 27.38 18.65 -24.23
C36 PTY S . 28.06 18.20 -22.95
P1 PTY S . 19.44 8.56 -27.16
O11 PTY S . 20.64 8.11 -26.14
O12 PTY S . 19.11 7.44 -28.09
O13 PTY S . 18.35 9.27 -26.42
O14 PTY S . 20.40 9.67 -27.93
N1 PTY S . 22.18 6.55 -23.75
C13 PTY T . 37.47 13.77 -4.70
C14 PTY T . 37.79 12.46 -5.42
C15 PTY T . 39.21 12.39 -5.97
C16 PTY T . 40.23 13.03 -5.04
C17 PTY T . 41.68 12.82 -5.46
C18 PTY T . 42.65 13.59 -4.58
C19 PTY T . 44.08 13.06 -4.62
C1 PTY U . 3.98 33.37 -14.26
C2 PTY U . 4.43 27.24 -17.42
C3 PTY U . 3.24 28.05 -17.89
O4 PTY U . 5.14 34.20 -14.30
C5 PTY U . 2.92 31.48 -15.53
C6 PTY U . 3.94 32.61 -15.57
O7 PTY U . 5.26 32.11 -15.79
C8 PTY U . 6.00 32.62 -16.77
O10 PTY U . 5.63 33.49 -17.51
C11 PTY U . 7.37 31.97 -16.79
C12 PTY U . 8.37 32.70 -17.68
C13 PTY U . 8.89 33.98 -17.04
C14 PTY U . 10.14 34.49 -17.73
C15 PTY U . 10.61 35.85 -17.22
C16 PTY U . 10.93 35.84 -15.74
C17 PTY U . 12.38 35.56 -15.40
C18 PTY U . 13.29 36.74 -15.71
C30 PTY U . 5.92 34.23 -13.21
C31 PTY U . 6.99 35.27 -13.33
O30 PTY U . 5.76 33.51 -12.26
C32 PTY U . 7.88 35.35 -12.10
C33 PTY U . 9.01 36.36 -12.26
C34 PTY U . 9.76 36.58 -10.95
C35 PTY U . 10.90 37.58 -11.07
C36 PTY U . 12.23 36.92 -11.45
P1 PTY U . 1.58 29.93 -17.13
O11 PTY U . 2.97 29.08 -16.96
O12 PTY U . 1.14 29.91 -18.56
O13 PTY U . 0.59 29.59 -16.05
O14 PTY U . 2.29 31.36 -16.78
N1 PTY U . 4.01 25.93 -16.91
C14 PTY V . 29.81 24.68 -9.69
C15 PTY V . 29.81 25.35 -11.06
C16 PTY V . 31.14 25.23 -11.78
C17 PTY V . 32.11 26.35 -11.49
C18 PTY V . 33.39 26.24 -12.32
C19 PTY V . 34.39 27.37 -12.12
C1 PTY W . -2.23 32.74 15.01
C2 PTY W . -2.32 30.57 8.44
C3 PTY W . -2.43 31.77 9.36
O4 PTY W . -1.05 33.54 14.91
C5 PTY W . -3.08 31.35 13.11
C6 PTY W . -2.89 32.76 13.65
O7 PTY W . -2.04 33.53 12.80
C8 PTY W . -2.45 34.74 12.41
O10 PTY W . -3.38 35.32 12.92
C11 PTY W . -1.62 35.26 11.27
C12 PTY W . -0.58 36.28 11.68
C13 PTY W . 0.76 35.65 12.01
C14 PTY W . 1.94 36.50 11.54
C15 PTY W . 2.06 37.83 12.27
C16 PTY W . 3.25 37.88 13.21
C17 PTY W . 4.54 38.36 12.56
C18 PTY W . 5.54 38.91 13.57
C19 PTY W . 6.82 39.44 12.94
C30 PTY W . -0.04 33.27 15.72
C31 PTY W . 1.25 33.83 15.19
O30 PTY W . -0.18 32.65 16.75
C32 PTY W . 2.44 33.65 16.12
C33 PTY W . 3.63 34.47 15.64
C34 PTY W . 4.72 34.61 16.70
C35 PTY W . 5.84 35.57 16.28
C36 PTY W . 6.93 35.72 17.33
C37 PTY W . 8.20 36.36 16.79
P1 PTY W . -4.52 31.42 10.91
O11 PTY W . -2.91 31.34 10.63
O12 PTY W . -5.02 32.79 10.59
O13 PTY W . -5.22 30.22 10.34
O14 PTY W . -4.36 31.24 12.54
N1 PTY W . -3.65 30.09 8.05
C8 PTY X . 24.74 29.09 2.23
C11 PTY X . 24.61 30.56 1.92
C12 PTY X . 23.45 30.88 1.00
C13 PTY X . 23.15 32.37 0.94
C14 PTY X . 21.85 32.65 0.17
C15 PTY X . 21.62 34.12 -0.14
C16 PTY X . 22.79 34.74 -0.88
C17 PTY X . 22.74 36.26 -0.94
C18 PTY X . 24.09 36.86 -1.35
C19 PTY X . 24.06 38.38 -1.52
#